data_5X3D
# 
_entry.id   5X3D 
# 
_audit_conform.dict_name       mmcif_pdbx.dic 
_audit_conform.dict_version    5.387 
_audit_conform.dict_location   http://mmcif.pdb.org/dictionaries/ascii/mmcif_pdbx.dic 
# 
loop_
_database_2.database_id 
_database_2.database_code 
_database_2.pdbx_database_accession 
_database_2.pdbx_DOI 
PDB   5X3D         pdb_00005x3d 10.2210/pdb5x3d/pdb 
WWPDB D_1300002840 ?            ?                   
# 
loop_
_pdbx_audit_revision_history.ordinal 
_pdbx_audit_revision_history.data_content_type 
_pdbx_audit_revision_history.major_revision 
_pdbx_audit_revision_history.minor_revision 
_pdbx_audit_revision_history.revision_date 
1 'Structure model' 1 0 2017-09-13 
2 'Structure model' 1 1 2024-03-27 
# 
_pdbx_audit_revision_details.ordinal             1 
_pdbx_audit_revision_details.revision_ordinal    1 
_pdbx_audit_revision_details.data_content_type   'Structure model' 
_pdbx_audit_revision_details.provider            repository 
_pdbx_audit_revision_details.type                'Initial release' 
_pdbx_audit_revision_details.description         ? 
_pdbx_audit_revision_details.details             ? 
# 
loop_
_pdbx_audit_revision_group.ordinal 
_pdbx_audit_revision_group.revision_ordinal 
_pdbx_audit_revision_group.data_content_type 
_pdbx_audit_revision_group.group 
1 2 'Structure model' 'Data collection'     
2 2 'Structure model' 'Database references' 
# 
loop_
_pdbx_audit_revision_category.ordinal 
_pdbx_audit_revision_category.revision_ordinal 
_pdbx_audit_revision_category.data_content_type 
_pdbx_audit_revision_category.category 
1 2 'Structure model' chem_comp_atom 
2 2 'Structure model' chem_comp_bond 
3 2 'Structure model' database_2     
# 
loop_
_pdbx_audit_revision_item.ordinal 
_pdbx_audit_revision_item.revision_ordinal 
_pdbx_audit_revision_item.data_content_type 
_pdbx_audit_revision_item.item 
1 2 'Structure model' '_database_2.pdbx_DOI'                
2 2 'Structure model' '_database_2.pdbx_database_accession' 
# 
_pdbx_database_status.status_code                     REL 
_pdbx_database_status.status_code_sf                  REL 
_pdbx_database_status.status_code_mr                  ? 
_pdbx_database_status.entry_id                        5X3D 
_pdbx_database_status.recvd_initial_deposition_date   2017-02-04 
_pdbx_database_status.SG_entry                        N 
_pdbx_database_status.deposit_site                    PDBJ 
_pdbx_database_status.process_site                    PDBJ 
_pdbx_database_status.status_code_cs                  ? 
_pdbx_database_status.methods_development_category    ? 
_pdbx_database_status.pdb_format_compatible           Y 
_pdbx_database_status.status_code_nmr_data            ? 
# 
loop_
_audit_author.name 
_audit_author.pdbx_ordinal 
_audit_author.identifier_ORCID 
'Tomita, T.'    1 ? 
'Cho, S.H.'     2 ? 
'Kuzuyama, T.'  3 ? 
'Nishiyama, M.' 4 ? 
# 
_citation.abstract                  ? 
_citation.abstract_id_CAS           ? 
_citation.book_id_ISBN              ? 
_citation.book_publisher            ? 
_citation.book_publisher_city       ? 
_citation.book_title                ? 
_citation.coordinate_linkage        ? 
_citation.country                   US 
_citation.database_id_Medline       ? 
_citation.details                   ? 
_citation.id                        primary 
_citation.journal_abbrev            'ACS Chem. Biol.' 
_citation.journal_id_ASTM           ? 
_citation.journal_id_CSD            ? 
_citation.journal_id_ISSN           1554-8937 
_citation.journal_full              ? 
_citation.journal_issue             ? 
_citation.journal_volume            12 
_citation.language                  ? 
_citation.page_first                2209 
_citation.page_last                 2215 
_citation.title                     
'Fosfomycin Biosynthesis via Transient Cytidylylation of 2-Hydroxyethylphosphonate by the Bifunctional Fom1 Enzyme' 
_citation.year                      2017 
_citation.database_id_CSD           ? 
_citation.pdbx_database_id_DOI      10.1021/acschembio.7b00419 
_citation.pdbx_database_id_PubMed   28727444 
_citation.unpublished_flag          ? 
# 
loop_
_citation_author.citation_id 
_citation_author.name 
_citation_author.ordinal 
_citation_author.identifier_ORCID 
primary 'Cho, S.H.'     1  ? 
primary 'Kim, S.Y.'     2  ? 
primary 'Tomita, T.'    3  ? 
primary 'Shiraishi, T.' 4  ? 
primary 'Park, J.S.'    5  ? 
primary 'Sato, S.'      6  ? 
primary 'Kudo, F.'      7  ? 
primary 'Eguchi, T.'    8  ? 
primary 'Funa, N.'      9  ? 
primary 'Nishiyama, M.' 10 ? 
primary 'Kuzuyama, T.'  11 ? 
# 
loop_
_entity.id 
_entity.type 
_entity.src_method 
_entity.pdbx_description 
_entity.formula_weight 
_entity.pdbx_number_of_molecules 
_entity.pdbx_ec 
_entity.pdbx_mutation 
_entity.pdbx_fragment 
_entity.details 
1 polymer     man 'Phosphoenolpyruvate phosphomutase' 17817.314 1  ? ? 'Cytidylyltransferase domain, UNP residues 1-139' ? 
2 non-polymer syn 
;[[(2R,3S,4R,5R)-5-(4-azanyl-2-oxidanylidene-pyrimidin-1-yl)-3,4-bis(oxidanyl)oxolan-2-yl]methoxy-oxidanyl-phosphoryl]oxy-(2-hydroxyethyl)phosphinic acid
;
431.230   1  ? ? ?                                                 ? 
3 water       nat water 18.015    73 ? ? ?                                                 ? 
# 
_entity_name_com.entity_id   1 
_entity_name_com.name        Fom1 
# 
_entity_poly.entity_id                      1 
_entity_poly.type                           'polypeptide(L)' 
_entity_poly.nstd_linkage                   no 
_entity_poly.nstd_monomer                   no 
_entity_poly.pdbx_seq_one_letter_code       
;MKHHHHHHHHGGLVPAGSHGGMQRPIVYVGMSADLIHPGHINILSRAAELGDITIGLLTDAAIASYKRLPHMTYEQRKAV
VENLKGVASVVPQRTLDYAENLRTVRPDFVVHGDDWQTGVQRHTRERVIEVLSEWGGKLVEIPYTPGISSTRLHSSVKEV
;
_entity_poly.pdbx_seq_one_letter_code_can   
;MKHHHHHHHHGGLVPAGSHGGMQRPIVYVGMSADLIHPGHINILSRAAELGDITIGLLTDAAIASYKRLPHMTYEQRKAV
VENLKGVASVVPQRTLDYAENLRTVRPDFVVHGDDWQTGVQRHTRERVIEVLSEWGGKLVEIPYTPGISSTRLHSSVKEV
;
_entity_poly.pdbx_strand_id                 A 
_entity_poly.pdbx_target_identifier         ? 
# 
loop_
_pdbx_entity_nonpoly.entity_id 
_pdbx_entity_nonpoly.name 
_pdbx_entity_nonpoly.comp_id 
2 
;[[(2R,3S,4R,5R)-5-(4-azanyl-2-oxidanylidene-pyrimidin-1-yl)-3,4-bis(oxidanyl)oxolan-2-yl]methoxy-oxidanyl-phosphoryl]oxy-(2-hydroxyethyl)phosphinic acid
;
7XL 
3 water HOH 
# 
loop_
_entity_poly_seq.entity_id 
_entity_poly_seq.num 
_entity_poly_seq.mon_id 
_entity_poly_seq.hetero 
1 1   MET n 
1 2   LYS n 
1 3   HIS n 
1 4   HIS n 
1 5   HIS n 
1 6   HIS n 
1 7   HIS n 
1 8   HIS n 
1 9   HIS n 
1 10  HIS n 
1 11  GLY n 
1 12  GLY n 
1 13  LEU n 
1 14  VAL n 
1 15  PRO n 
1 16  ALA n 
1 17  GLY n 
1 18  SER n 
1 19  HIS n 
1 20  GLY n 
1 21  GLY n 
1 22  MET n 
1 23  GLN n 
1 24  ARG n 
1 25  PRO n 
1 26  ILE n 
1 27  VAL n 
1 28  TYR n 
1 29  VAL n 
1 30  GLY n 
1 31  MET n 
1 32  SER n 
1 33  ALA n 
1 34  ASP n 
1 35  LEU n 
1 36  ILE n 
1 37  HIS n 
1 38  PRO n 
1 39  GLY n 
1 40  HIS n 
1 41  ILE n 
1 42  ASN n 
1 43  ILE n 
1 44  LEU n 
1 45  SER n 
1 46  ARG n 
1 47  ALA n 
1 48  ALA n 
1 49  GLU n 
1 50  LEU n 
1 51  GLY n 
1 52  ASP n 
1 53  ILE n 
1 54  THR n 
1 55  ILE n 
1 56  GLY n 
1 57  LEU n 
1 58  LEU n 
1 59  THR n 
1 60  ASP n 
1 61  ALA n 
1 62  ALA n 
1 63  ILE n 
1 64  ALA n 
1 65  SER n 
1 66  TYR n 
1 67  LYS n 
1 68  ARG n 
1 69  LEU n 
1 70  PRO n 
1 71  HIS n 
1 72  MET n 
1 73  THR n 
1 74  TYR n 
1 75  GLU n 
1 76  GLN n 
1 77  ARG n 
1 78  LYS n 
1 79  ALA n 
1 80  VAL n 
1 81  VAL n 
1 82  GLU n 
1 83  ASN n 
1 84  LEU n 
1 85  LYS n 
1 86  GLY n 
1 87  VAL n 
1 88  ALA n 
1 89  SER n 
1 90  VAL n 
1 91  VAL n 
1 92  PRO n 
1 93  GLN n 
1 94  ARG n 
1 95  THR n 
1 96  LEU n 
1 97  ASP n 
1 98  TYR n 
1 99  ALA n 
1 100 GLU n 
1 101 ASN n 
1 102 LEU n 
1 103 ARG n 
1 104 THR n 
1 105 VAL n 
1 106 ARG n 
1 107 PRO n 
1 108 ASP n 
1 109 PHE n 
1 110 VAL n 
1 111 VAL n 
1 112 HIS n 
1 113 GLY n 
1 114 ASP n 
1 115 ASP n 
1 116 TRP n 
1 117 GLN n 
1 118 THR n 
1 119 GLY n 
1 120 VAL n 
1 121 GLN n 
1 122 ARG n 
1 123 HIS n 
1 124 THR n 
1 125 ARG n 
1 126 GLU n 
1 127 ARG n 
1 128 VAL n 
1 129 ILE n 
1 130 GLU n 
1 131 VAL n 
1 132 LEU n 
1 133 SER n 
1 134 GLU n 
1 135 TRP n 
1 136 GLY n 
1 137 GLY n 
1 138 LYS n 
1 139 LEU n 
1 140 VAL n 
1 141 GLU n 
1 142 ILE n 
1 143 PRO n 
1 144 TYR n 
1 145 THR n 
1 146 PRO n 
1 147 GLY n 
1 148 ILE n 
1 149 SER n 
1 150 SER n 
1 151 THR n 
1 152 ARG n 
1 153 LEU n 
1 154 HIS n 
1 155 SER n 
1 156 SER n 
1 157 VAL n 
1 158 LYS n 
1 159 GLU n 
1 160 VAL n 
# 
_entity_src_gen.entity_id                          1 
_entity_src_gen.pdbx_src_id                        1 
_entity_src_gen.pdbx_alt_source_flag               sample 
_entity_src_gen.pdbx_seq_type                      'Biological sequence' 
_entity_src_gen.pdbx_beg_seq_num                   1 
_entity_src_gen.pdbx_end_seq_num                   160 
_entity_src_gen.gene_src_common_name               ? 
_entity_src_gen.gene_src_genus                     ? 
_entity_src_gen.pdbx_gene_src_gene                 'Fom1(N)' 
_entity_src_gen.gene_src_species                   ? 
_entity_src_gen.gene_src_strain                    ? 
_entity_src_gen.gene_src_tissue                    ? 
_entity_src_gen.gene_src_tissue_fraction           ? 
_entity_src_gen.gene_src_details                   ? 
_entity_src_gen.pdbx_gene_src_fragment             ? 
_entity_src_gen.pdbx_gene_src_scientific_name      'Streptomyces wedmorensis' 
_entity_src_gen.pdbx_gene_src_ncbi_taxonomy_id     43759 
_entity_src_gen.pdbx_gene_src_variant              ? 
_entity_src_gen.pdbx_gene_src_cell_line            ? 
_entity_src_gen.pdbx_gene_src_atcc                 ? 
_entity_src_gen.pdbx_gene_src_organ                ? 
_entity_src_gen.pdbx_gene_src_organelle            ? 
_entity_src_gen.pdbx_gene_src_cell                 ? 
_entity_src_gen.pdbx_gene_src_cellular_location    ? 
_entity_src_gen.host_org_common_name               ? 
_entity_src_gen.pdbx_host_org_scientific_name      'Escherichia coli' 
_entity_src_gen.pdbx_host_org_ncbi_taxonomy_id     562 
_entity_src_gen.host_org_genus                     ? 
_entity_src_gen.pdbx_host_org_gene                 ? 
_entity_src_gen.pdbx_host_org_organ                ? 
_entity_src_gen.host_org_species                   ? 
_entity_src_gen.pdbx_host_org_tissue               ? 
_entity_src_gen.pdbx_host_org_tissue_fraction      ? 
_entity_src_gen.pdbx_host_org_strain               'BL21-CodonPlus(DE3)-RIL' 
_entity_src_gen.pdbx_host_org_variant              ? 
_entity_src_gen.pdbx_host_org_cell_line            ? 
_entity_src_gen.pdbx_host_org_atcc                 ? 
_entity_src_gen.pdbx_host_org_culture_collection   ? 
_entity_src_gen.pdbx_host_org_cell                 ? 
_entity_src_gen.pdbx_host_org_organelle            ? 
_entity_src_gen.pdbx_host_org_cellular_location    ? 
_entity_src_gen.pdbx_host_org_vector_type          plasmid 
_entity_src_gen.pdbx_host_org_vector               ? 
_entity_src_gen.host_org_details                   ? 
_entity_src_gen.expression_system_id               ? 
_entity_src_gen.plasmid_name                       pHis8 
_entity_src_gen.plasmid_details                    ? 
_entity_src_gen.pdbx_description                   ? 
# 
loop_
_chem_comp.id 
_chem_comp.type 
_chem_comp.mon_nstd_flag 
_chem_comp.name 
_chem_comp.pdbx_synonyms 
_chem_comp.formula 
_chem_comp.formula_weight 
7XL non-polymer         . 
;[[(2R,3S,4R,5R)-5-(4-azanyl-2-oxidanylidene-pyrimidin-1-yl)-3,4-bis(oxidanyl)oxolan-2-yl]methoxy-oxidanyl-phosphoryl]oxy-(2-hydroxyethyl)phosphinic acid
;
? 'C11 H19 N3 O11 P2' 431.230 
ALA 'L-peptide linking' y ALANINE ? 'C3 H7 N O2'        89.093  
ARG 'L-peptide linking' y ARGININE ? 'C6 H15 N4 O2 1'    175.209 
ASN 'L-peptide linking' y ASPARAGINE ? 'C4 H8 N2 O3'       132.118 
ASP 'L-peptide linking' y 'ASPARTIC ACID' ? 'C4 H7 N O4'        133.103 
GLN 'L-peptide linking' y GLUTAMINE ? 'C5 H10 N2 O3'      146.144 
GLU 'L-peptide linking' y 'GLUTAMIC ACID' ? 'C5 H9 N O4'        147.129 
GLY 'peptide linking'   y GLYCINE ? 'C2 H5 N O2'        75.067  
HIS 'L-peptide linking' y HISTIDINE ? 'C6 H10 N3 O2 1'    156.162 
HOH non-polymer         . WATER ? 'H2 O'              18.015  
ILE 'L-peptide linking' y ISOLEUCINE ? 'C6 H13 N O2'       131.173 
LEU 'L-peptide linking' y LEUCINE ? 'C6 H13 N O2'       131.173 
LYS 'L-peptide linking' y LYSINE ? 'C6 H15 N2 O2 1'    147.195 
MET 'L-peptide linking' y METHIONINE ? 'C5 H11 N O2 S'     149.211 
PHE 'L-peptide linking' y PHENYLALANINE ? 'C9 H11 N O2'       165.189 
PRO 'L-peptide linking' y PROLINE ? 'C5 H9 N O2'        115.130 
SER 'L-peptide linking' y SERINE ? 'C3 H7 N O3'        105.093 
THR 'L-peptide linking' y THREONINE ? 'C4 H9 N O3'        119.119 
TRP 'L-peptide linking' y TRYPTOPHAN ? 'C11 H12 N2 O2'     204.225 
TYR 'L-peptide linking' y TYROSINE ? 'C9 H11 N O3'       181.189 
VAL 'L-peptide linking' y VALINE ? 'C5 H11 N O2'       117.146 
# 
loop_
_pdbx_poly_seq_scheme.asym_id 
_pdbx_poly_seq_scheme.entity_id 
_pdbx_poly_seq_scheme.seq_id 
_pdbx_poly_seq_scheme.mon_id 
_pdbx_poly_seq_scheme.ndb_seq_num 
_pdbx_poly_seq_scheme.pdb_seq_num 
_pdbx_poly_seq_scheme.auth_seq_num 
_pdbx_poly_seq_scheme.pdb_mon_id 
_pdbx_poly_seq_scheme.auth_mon_id 
_pdbx_poly_seq_scheme.pdb_strand_id 
_pdbx_poly_seq_scheme.pdb_ins_code 
_pdbx_poly_seq_scheme.hetero 
A 1 1   MET 1   -20 ?   ?   ?   A . n 
A 1 2   LYS 2   -19 ?   ?   ?   A . n 
A 1 3   HIS 3   -18 ?   ?   ?   A . n 
A 1 4   HIS 4   -17 ?   ?   ?   A . n 
A 1 5   HIS 5   -16 ?   ?   ?   A . n 
A 1 6   HIS 6   -15 ?   ?   ?   A . n 
A 1 7   HIS 7   -14 ?   ?   ?   A . n 
A 1 8   HIS 8   -13 ?   ?   ?   A . n 
A 1 9   HIS 9   -12 ?   ?   ?   A . n 
A 1 10  HIS 10  -11 ?   ?   ?   A . n 
A 1 11  GLY 11  -10 ?   ?   ?   A . n 
A 1 12  GLY 12  -9  ?   ?   ?   A . n 
A 1 13  LEU 13  -8  ?   ?   ?   A . n 
A 1 14  VAL 14  -7  ?   ?   ?   A . n 
A 1 15  PRO 15  -6  ?   ?   ?   A . n 
A 1 16  ALA 16  -5  ?   ?   ?   A . n 
A 1 17  GLY 17  -4  ?   ?   ?   A . n 
A 1 18  SER 18  -3  ?   ?   ?   A . n 
A 1 19  HIS 19  -2  ?   ?   ?   A . n 
A 1 20  GLY 20  -1  ?   ?   ?   A . n 
A 1 21  GLY 21  0   ?   ?   ?   A . n 
A 1 22  MET 22  1   ?   ?   ?   A . n 
A 1 23  GLN 23  2   2   GLN GLN A . n 
A 1 24  ARG 24  3   3   ARG ARG A . n 
A 1 25  PRO 25  4   4   PRO PRO A . n 
A 1 26  ILE 26  5   5   ILE ILE A . n 
A 1 27  VAL 27  6   6   VAL VAL A . n 
A 1 28  TYR 28  7   7   TYR TYR A . n 
A 1 29  VAL 29  8   8   VAL VAL A . n 
A 1 30  GLY 30  9   9   GLY GLY A . n 
A 1 31  MET 31  10  10  MET MET A . n 
A 1 32  SER 32  11  11  SER SER A . n 
A 1 33  ALA 33  12  12  ALA ALA A . n 
A 1 34  ASP 34  13  13  ASP ASP A . n 
A 1 35  LEU 35  14  14  LEU LEU A . n 
A 1 36  ILE 36  15  15  ILE ILE A . n 
A 1 37  HIS 37  16  16  HIS HIS A . n 
A 1 38  PRO 38  17  17  PRO PRO A . n 
A 1 39  GLY 39  18  18  GLY GLY A . n 
A 1 40  HIS 40  19  19  HIS HIS A . n 
A 1 41  ILE 41  20  20  ILE ILE A . n 
A 1 42  ASN 42  21  21  ASN ASN A . n 
A 1 43  ILE 43  22  22  ILE ILE A . n 
A 1 44  LEU 44  23  23  LEU LEU A . n 
A 1 45  SER 45  24  24  SER SER A . n 
A 1 46  ARG 46  25  25  ARG ARG A . n 
A 1 47  ALA 47  26  26  ALA ALA A . n 
A 1 48  ALA 48  27  27  ALA ALA A . n 
A 1 49  GLU 49  28  28  GLU GLU A . n 
A 1 50  LEU 50  29  29  LEU LEU A . n 
A 1 51  GLY 51  30  30  GLY GLY A . n 
A 1 52  ASP 52  31  31  ASP ASP A . n 
A 1 53  ILE 53  32  32  ILE ILE A . n 
A 1 54  THR 54  33  33  THR THR A . n 
A 1 55  ILE 55  34  34  ILE ILE A . n 
A 1 56  GLY 56  35  35  GLY GLY A . n 
A 1 57  LEU 57  36  36  LEU LEU A . n 
A 1 58  LEU 58  37  37  LEU LEU A . n 
A 1 59  THR 59  38  38  THR THR A . n 
A 1 60  ASP 60  39  39  ASP ASP A . n 
A 1 61  ALA 61  40  40  ALA ALA A . n 
A 1 62  ALA 62  41  41  ALA ALA A . n 
A 1 63  ILE 63  42  42  ILE ILE A . n 
A 1 64  ALA 64  43  43  ALA ALA A . n 
A 1 65  SER 65  44  44  SER SER A . n 
A 1 66  TYR 66  45  45  TYR TYR A . n 
A 1 67  LYS 67  46  46  LYS LYS A . n 
A 1 68  ARG 68  47  47  ARG ARG A . n 
A 1 69  LEU 69  48  48  LEU LEU A . n 
A 1 70  PRO 70  49  49  PRO PRO A . n 
A 1 71  HIS 71  50  50  HIS HIS A . n 
A 1 72  MET 72  51  51  MET MET A . n 
A 1 73  THR 73  52  52  THR THR A . n 
A 1 74  TYR 74  53  53  TYR TYR A . n 
A 1 75  GLU 75  54  54  GLU GLU A . n 
A 1 76  GLN 76  55  55  GLN GLN A . n 
A 1 77  ARG 77  56  56  ARG ARG A . n 
A 1 78  LYS 78  57  57  LYS LYS A . n 
A 1 79  ALA 79  58  58  ALA ALA A . n 
A 1 80  VAL 80  59  59  VAL VAL A . n 
A 1 81  VAL 81  60  60  VAL VAL A . n 
A 1 82  GLU 82  61  61  GLU GLU A . n 
A 1 83  ASN 83  62  62  ASN ASN A . n 
A 1 84  LEU 84  63  63  LEU LEU A . n 
A 1 85  LYS 85  64  64  LYS LYS A . n 
A 1 86  GLY 86  65  65  GLY GLY A . n 
A 1 87  VAL 87  66  66  VAL VAL A . n 
A 1 88  ALA 88  67  67  ALA ALA A . n 
A 1 89  SER 89  68  68  SER SER A . n 
A 1 90  VAL 90  69  69  VAL VAL A . n 
A 1 91  VAL 91  70  70  VAL VAL A . n 
A 1 92  PRO 92  71  71  PRO PRO A . n 
A 1 93  GLN 93  72  72  GLN GLN A . n 
A 1 94  ARG 94  73  73  ARG ARG A . n 
A 1 95  THR 95  74  74  THR THR A . n 
A 1 96  LEU 96  75  75  LEU LEU A . n 
A 1 97  ASP 97  76  76  ASP ASP A . n 
A 1 98  TYR 98  77  77  TYR TYR A . n 
A 1 99  ALA 99  78  78  ALA ALA A . n 
A 1 100 GLU 100 79  79  GLU GLU A . n 
A 1 101 ASN 101 80  80  ASN ASN A . n 
A 1 102 LEU 102 81  81  LEU LEU A . n 
A 1 103 ARG 103 82  82  ARG ARG A . n 
A 1 104 THR 104 83  83  THR THR A . n 
A 1 105 VAL 105 84  84  VAL VAL A . n 
A 1 106 ARG 106 85  85  ARG ARG A . n 
A 1 107 PRO 107 86  86  PRO PRO A . n 
A 1 108 ASP 108 87  87  ASP ASP A . n 
A 1 109 PHE 109 88  88  PHE PHE A . n 
A 1 110 VAL 110 89  89  VAL VAL A . n 
A 1 111 VAL 111 90  90  VAL VAL A . n 
A 1 112 HIS 112 91  91  HIS HIS A . n 
A 1 113 GLY 113 92  92  GLY GLY A . n 
A 1 114 ASP 114 93  93  ASP ASP A . n 
A 1 115 ASP 115 94  94  ASP ASP A . n 
A 1 116 TRP 116 95  95  TRP TRP A . n 
A 1 117 GLN 117 96  96  GLN GLN A . n 
A 1 118 THR 118 97  97  THR THR A . n 
A 1 119 GLY 119 98  98  GLY GLY A . n 
A 1 120 VAL 120 99  99  VAL VAL A . n 
A 1 121 GLN 121 100 100 GLN GLN A . n 
A 1 122 ARG 122 101 101 ARG ARG A . n 
A 1 123 HIS 123 102 102 HIS HIS A . n 
A 1 124 THR 124 103 103 THR THR A . n 
A 1 125 ARG 125 104 104 ARG ARG A . n 
A 1 126 GLU 126 105 105 GLU GLU A . n 
A 1 127 ARG 127 106 106 ARG ARG A . n 
A 1 128 VAL 128 107 107 VAL VAL A . n 
A 1 129 ILE 129 108 108 ILE ILE A . n 
A 1 130 GLU 130 109 109 GLU GLU A . n 
A 1 131 VAL 131 110 110 VAL VAL A . n 
A 1 132 LEU 132 111 111 LEU LEU A . n 
A 1 133 SER 133 112 112 SER SER A . n 
A 1 134 GLU 134 113 113 GLU GLU A . n 
A 1 135 TRP 135 114 114 TRP TRP A . n 
A 1 136 GLY 136 115 115 GLY GLY A . n 
A 1 137 GLY 137 116 116 GLY GLY A . n 
A 1 138 LYS 138 117 117 LYS LYS A . n 
A 1 139 LEU 139 118 118 LEU LEU A . n 
A 1 140 VAL 140 119 119 VAL VAL A . n 
A 1 141 GLU 141 120 120 GLU GLU A . n 
A 1 142 ILE 142 121 121 ILE ILE A . n 
A 1 143 PRO 143 122 122 PRO PRO A . n 
A 1 144 TYR 144 123 123 TYR TYR A . n 
A 1 145 THR 145 124 124 THR THR A . n 
A 1 146 PRO 146 125 125 PRO PRO A . n 
A 1 147 GLY 147 126 126 GLY GLY A . n 
A 1 148 ILE 148 127 127 ILE ILE A . n 
A 1 149 SER 149 128 ?   ?   ?   A . n 
A 1 150 SER 150 129 ?   ?   ?   A . n 
A 1 151 THR 151 130 ?   ?   ?   A . n 
A 1 152 ARG 152 131 ?   ?   ?   A . n 
A 1 153 LEU 153 132 ?   ?   ?   A . n 
A 1 154 HIS 154 133 ?   ?   ?   A . n 
A 1 155 SER 155 134 ?   ?   ?   A . n 
A 1 156 SER 156 135 ?   ?   ?   A . n 
A 1 157 VAL 157 136 ?   ?   ?   A . n 
A 1 158 LYS 158 137 ?   ?   ?   A . n 
A 1 159 GLU 159 138 ?   ?   ?   A . n 
A 1 160 VAL 160 139 ?   ?   ?   A . n 
# 
loop_
_pdbx_nonpoly_scheme.asym_id 
_pdbx_nonpoly_scheme.entity_id 
_pdbx_nonpoly_scheme.mon_id 
_pdbx_nonpoly_scheme.ndb_seq_num 
_pdbx_nonpoly_scheme.pdb_seq_num 
_pdbx_nonpoly_scheme.auth_seq_num 
_pdbx_nonpoly_scheme.pdb_mon_id 
_pdbx_nonpoly_scheme.auth_mon_id 
_pdbx_nonpoly_scheme.pdb_strand_id 
_pdbx_nonpoly_scheme.pdb_ins_code 
B 2 7XL 1  201 1  7XL DRG A . 
C 3 HOH 1  301 35 HOH HOH A . 
C 3 HOH 2  302 46 HOH HOH A . 
C 3 HOH 3  303 33 HOH HOH A . 
C 3 HOH 4  304 56 HOH HOH A . 
C 3 HOH 5  305 63 HOH HOH A . 
C 3 HOH 6  306 61 HOH HOH A . 
C 3 HOH 7  307 27 HOH HOH A . 
C 3 HOH 8  308 64 HOH HOH A . 
C 3 HOH 9  309 37 HOH HOH A . 
C 3 HOH 10 310 62 HOH HOH A . 
C 3 HOH 11 311 17 HOH HOH A . 
C 3 HOH 12 312 65 HOH HOH A . 
C 3 HOH 13 313 6  HOH HOH A . 
C 3 HOH 14 314 34 HOH HOH A . 
C 3 HOH 15 315 15 HOH HOH A . 
C 3 HOH 16 316 54 HOH HOH A . 
C 3 HOH 17 317 13 HOH HOH A . 
C 3 HOH 18 318 20 HOH HOH A . 
C 3 HOH 19 319 52 HOH HOH A . 
C 3 HOH 20 320 74 HOH HOH A . 
C 3 HOH 21 321 58 HOH HOH A . 
C 3 HOH 22 322 10 HOH HOH A . 
C 3 HOH 23 323 19 HOH HOH A . 
C 3 HOH 24 324 24 HOH HOH A . 
C 3 HOH 25 325 57 HOH HOH A . 
C 3 HOH 26 326 26 HOH HOH A . 
C 3 HOH 27 327 30 HOH HOH A . 
C 3 HOH 28 328 49 HOH HOH A . 
C 3 HOH 29 329 25 HOH HOH A . 
C 3 HOH 30 330 72 HOH HOH A . 
C 3 HOH 31 331 16 HOH HOH A . 
C 3 HOH 32 332 9  HOH HOH A . 
C 3 HOH 33 333 66 HOH HOH A . 
C 3 HOH 34 334 36 HOH HOH A . 
C 3 HOH 35 335 38 HOH HOH A . 
C 3 HOH 36 336 75 HOH HOH A . 
C 3 HOH 37 337 7  HOH HOH A . 
C 3 HOH 38 338 29 HOH HOH A . 
C 3 HOH 39 339 73 HOH HOH A . 
C 3 HOH 40 340 11 HOH HOH A . 
C 3 HOH 41 341 60 HOH HOH A . 
C 3 HOH 42 342 12 HOH HOH A . 
C 3 HOH 43 343 76 HOH HOH A . 
C 3 HOH 44 344 55 HOH HOH A . 
C 3 HOH 45 345 67 HOH HOH A . 
C 3 HOH 46 346 51 HOH HOH A . 
C 3 HOH 47 347 43 HOH HOH A . 
C 3 HOH 48 348 1  HOH HOH A . 
C 3 HOH 49 349 59 HOH HOH A . 
C 3 HOH 50 350 14 HOH HOH A . 
C 3 HOH 51 351 4  HOH HOH A . 
C 3 HOH 52 352 22 HOH HOH A . 
C 3 HOH 53 353 23 HOH HOH A . 
C 3 HOH 54 354 21 HOH HOH A . 
C 3 HOH 55 355 5  HOH HOH A . 
C 3 HOH 56 356 45 HOH HOH A . 
C 3 HOH 57 357 32 HOH HOH A . 
C 3 HOH 58 358 31 HOH HOH A . 
C 3 HOH 59 359 18 HOH HOH A . 
C 3 HOH 60 360 53 HOH HOH A . 
C 3 HOH 61 361 8  HOH HOH A . 
C 3 HOH 62 362 69 HOH HOH A . 
C 3 HOH 63 363 71 HOH HOH A . 
C 3 HOH 64 364 2  HOH HOH A . 
C 3 HOH 65 365 3  HOH HOH A . 
C 3 HOH 66 366 70 HOH HOH A . 
C 3 HOH 67 367 47 HOH HOH A . 
C 3 HOH 68 368 68 HOH HOH A . 
C 3 HOH 69 369 28 HOH HOH A . 
C 3 HOH 70 370 44 HOH HOH A . 
C 3 HOH 71 371 48 HOH HOH A . 
C 3 HOH 72 372 40 HOH HOH A . 
C 3 HOH 73 373 50 HOH HOH A . 
# 
loop_
_software.citation_id 
_software.classification 
_software.compiler_name 
_software.compiler_version 
_software.contact_author 
_software.contact_author_email 
_software.date 
_software.description 
_software.dependencies 
_software.hardware 
_software.language 
_software.location 
_software.mods 
_software.name 
_software.os 
_software.os_version 
_software.type 
_software.version 
_software.pdbx_ordinal 
? refinement       ? ? ? ? ? ? ? ? ? ? ? REFMAC   ? ? ? 5.8.0135 1 
? 'data reduction' ? ? ? ? ? ? ? ? ? ? ? HKL-2000 ? ? ? .        2 
? 'data scaling'   ? ? ? ? ? ? ? ? ? ? ? HKL-2000 ? ? ? .        3 
? phasing          ? ? ? ? ? ? ? ? ? ? ? SOLVE    ? ? ? .        4 
# 
_cell.angle_alpha                  90.00 
_cell.angle_alpha_esd              ? 
_cell.angle_beta                   90.00 
_cell.angle_beta_esd               ? 
_cell.angle_gamma                  120.00 
_cell.angle_gamma_esd              ? 
_cell.entry_id                     5X3D 
_cell.details                      ? 
_cell.formula_units_Z              ? 
_cell.length_a                     71.909 
_cell.length_a_esd                 ? 
_cell.length_b                     71.909 
_cell.length_b_esd                 ? 
_cell.length_c                     109.507 
_cell.length_c_esd                 ? 
_cell.volume                       ? 
_cell.volume_esd                   ? 
_cell.Z_PDB                        12 
_cell.reciprocal_angle_alpha       ? 
_cell.reciprocal_angle_beta        ? 
_cell.reciprocal_angle_gamma       ? 
_cell.reciprocal_angle_alpha_esd   ? 
_cell.reciprocal_angle_beta_esd    ? 
_cell.reciprocal_angle_gamma_esd   ? 
_cell.reciprocal_length_a          ? 
_cell.reciprocal_length_b          ? 
_cell.reciprocal_length_c          ? 
_cell.reciprocal_length_a_esd      ? 
_cell.reciprocal_length_b_esd      ? 
_cell.reciprocal_length_c_esd      ? 
_cell.pdbx_unique_axis             ? 
# 
_symmetry.entry_id                         5X3D 
_symmetry.cell_setting                     ? 
_symmetry.Int_Tables_number                179 
_symmetry.space_group_name_Hall            ? 
_symmetry.space_group_name_H-M             'P 65 2 2' 
_symmetry.pdbx_full_space_group_name_H-M   ? 
# 
_exptl.absorpt_coefficient_mu     ? 
_exptl.absorpt_correction_T_max   ? 
_exptl.absorpt_correction_T_min   ? 
_exptl.absorpt_correction_type    ? 
_exptl.absorpt_process_details    ? 
_exptl.entry_id                   5X3D 
_exptl.crystals_number            1 
_exptl.details                    ? 
_exptl.method                     'X-RAY DIFFRACTION' 
_exptl.method_details             ? 
# 
_exptl_crystal.colour                      ? 
_exptl_crystal.density_diffrn              ? 
_exptl_crystal.density_Matthews            2.29 
_exptl_crystal.density_method              ? 
_exptl_crystal.density_percent_sol         46.37 
_exptl_crystal.description                 ? 
_exptl_crystal.F_000                       ? 
_exptl_crystal.id                          1 
_exptl_crystal.preparation                 ? 
_exptl_crystal.size_max                    ? 
_exptl_crystal.size_mid                    ? 
_exptl_crystal.size_min                    ? 
_exptl_crystal.size_rad                    ? 
_exptl_crystal.colour_lustre               ? 
_exptl_crystal.colour_modifier             ? 
_exptl_crystal.colour_primary              ? 
_exptl_crystal.density_meas                ? 
_exptl_crystal.density_meas_esd            ? 
_exptl_crystal.density_meas_gt             ? 
_exptl_crystal.density_meas_lt             ? 
_exptl_crystal.density_meas_temp           ? 
_exptl_crystal.density_meas_temp_esd       ? 
_exptl_crystal.density_meas_temp_gt        ? 
_exptl_crystal.density_meas_temp_lt        ? 
_exptl_crystal.pdbx_crystal_image_url      ? 
_exptl_crystal.pdbx_crystal_image_format   ? 
_exptl_crystal.pdbx_mosaicity              ? 
_exptl_crystal.pdbx_mosaicity_esd          ? 
# 
_exptl_crystal_grow.apparatus       ? 
_exptl_crystal_grow.atmosphere      ? 
_exptl_crystal_grow.crystal_id      1 
_exptl_crystal_grow.details         ? 
_exptl_crystal_grow.method          'VAPOR DIFFUSION, HANGING DROP' 
_exptl_crystal_grow.method_ref      ? 
_exptl_crystal_grow.pH              7.5 
_exptl_crystal_grow.pressure        ? 
_exptl_crystal_grow.pressure_esd    ? 
_exptl_crystal_grow.seeding         ? 
_exptl_crystal_grow.seeding_ref     ? 
_exptl_crystal_grow.temp            293 
_exptl_crystal_grow.temp_details    ? 
_exptl_crystal_grow.temp_esd        ? 
_exptl_crystal_grow.time            ? 
_exptl_crystal_grow.pdbx_details    '0.1 M HEPES, 4.3 M sodium chloride' 
_exptl_crystal_grow.pdbx_pH_range   ? 
# 
_diffrn.ambient_environment    ? 
_diffrn.ambient_temp           95 
_diffrn.ambient_temp_details   ? 
_diffrn.ambient_temp_esd       ? 
_diffrn.crystal_id             1 
_diffrn.crystal_support        ? 
_diffrn.crystal_treatment      ? 
_diffrn.details                ? 
_diffrn.id                     1 
_diffrn.ambient_pressure       ? 
_diffrn.ambient_pressure_esd   ? 
_diffrn.ambient_pressure_gt    ? 
_diffrn.ambient_pressure_lt    ? 
_diffrn.ambient_temp_gt        ? 
_diffrn.ambient_temp_lt        ? 
# 
_diffrn_detector.details                      ? 
_diffrn_detector.detector                     CCD 
_diffrn_detector.diffrn_id                    1 
_diffrn_detector.type                         'ADSC QUANTUM 270' 
_diffrn_detector.area_resol_mean              ? 
_diffrn_detector.dtime                        ? 
_diffrn_detector.pdbx_frames_total            ? 
_diffrn_detector.pdbx_collection_time_total   ? 
_diffrn_detector.pdbx_collection_date         2013-11-24 
# 
_diffrn_radiation.collimation                      ? 
_diffrn_radiation.diffrn_id                        1 
_diffrn_radiation.filter_edge                      ? 
_diffrn_radiation.inhomogeneity                    ? 
_diffrn_radiation.monochromator                    ? 
_diffrn_radiation.polarisn_norm                    ? 
_diffrn_radiation.polarisn_ratio                   ? 
_diffrn_radiation.probe                            ? 
_diffrn_radiation.type                             ? 
_diffrn_radiation.xray_symbol                      ? 
_diffrn_radiation.wavelength_id                    1 
_diffrn_radiation.pdbx_monochromatic_or_laue_m_l   M 
_diffrn_radiation.pdbx_wavelength_list             ? 
_diffrn_radiation.pdbx_wavelength                  ? 
_diffrn_radiation.pdbx_diffrn_protocol             MAD 
_diffrn_radiation.pdbx_analyzer                    ? 
_diffrn_radiation.pdbx_scattering_type             x-ray 
# 
loop_
_diffrn_radiation_wavelength.id 
_diffrn_radiation_wavelength.wavelength 
_diffrn_radiation_wavelength.wt 
1 0.97908 1.0 
2 0.97927 1.0 
3 0.96404 1.0 
# 
_diffrn_source.current                     ? 
_diffrn_source.details                     ? 
_diffrn_source.diffrn_id                   1 
_diffrn_source.power                       ? 
_diffrn_source.size                        ? 
_diffrn_source.source                      SYNCHROTRON 
_diffrn_source.target                      ? 
_diffrn_source.type                        'PHOTON FACTORY BEAMLINE AR-NW12A' 
_diffrn_source.voltage                     ? 
_diffrn_source.take-off_angle              ? 
_diffrn_source.pdbx_wavelength_list        '0.97908, 0.97927, 0.96404' 
_diffrn_source.pdbx_wavelength             ? 
_diffrn_source.pdbx_synchrotron_beamline   AR-NW12A 
_diffrn_source.pdbx_synchrotron_site       'Photon Factory' 
# 
_reflns.B_iso_Wilson_estimate            ? 
_reflns.entry_id                         5X3D 
_reflns.data_reduction_details           ? 
_reflns.data_reduction_method            ? 
_reflns.d_resolution_high                1.93 
_reflns.d_resolution_low                 50 
_reflns.details                          ? 
_reflns.limit_h_max                      ? 
_reflns.limit_h_min                      ? 
_reflns.limit_k_max                      ? 
_reflns.limit_k_min                      ? 
_reflns.limit_l_max                      ? 
_reflns.limit_l_min                      ? 
_reflns.number_all                       ? 
_reflns.number_obs                       13233 
_reflns.observed_criterion               ? 
_reflns.observed_criterion_F_max         ? 
_reflns.observed_criterion_F_min         ? 
_reflns.observed_criterion_I_max         ? 
_reflns.observed_criterion_I_min         ? 
_reflns.observed_criterion_sigma_F       ? 
_reflns.observed_criterion_sigma_I       ? 
_reflns.percent_possible_obs             99.9 
_reflns.R_free_details                   ? 
_reflns.Rmerge_F_all                     ? 
_reflns.Rmerge_F_obs                     ? 
_reflns.Friedel_coverage                 ? 
_reflns.number_gt                        ? 
_reflns.threshold_expression             ? 
_reflns.pdbx_redundancy                  20.9 
_reflns.pdbx_Rmerge_I_obs                ? 
_reflns.pdbx_Rmerge_I_all                ? 
_reflns.pdbx_Rsym_value                  ? 
_reflns.pdbx_netI_over_av_sigmaI         ? 
_reflns.pdbx_netI_over_sigmaI            63.1 
_reflns.pdbx_res_netI_over_av_sigmaI_2   ? 
_reflns.pdbx_res_netI_over_sigmaI_2      ? 
_reflns.pdbx_chi_squared                 ? 
_reflns.pdbx_scaling_rejects             ? 
_reflns.pdbx_d_res_high_opt              ? 
_reflns.pdbx_d_res_low_opt               ? 
_reflns.pdbx_d_res_opt_method            ? 
_reflns.phase_calculation_details        ? 
_reflns.pdbx_Rrim_I_all                  ? 
_reflns.pdbx_Rpim_I_all                  ? 
_reflns.pdbx_d_opt                       ? 
_reflns.pdbx_number_measured_all         ? 
_reflns.pdbx_diffrn_id                   1 
_reflns.pdbx_ordinal                     1 
_reflns.pdbx_CC_half                     ? 
_reflns.pdbx_R_split                     ? 
# 
_reflns_shell.d_res_high                  . 
_reflns_shell.d_res_low                   ? 
_reflns_shell.meanI_over_sigI_all         ? 
_reflns_shell.meanI_over_sigI_obs         ? 
_reflns_shell.number_measured_all         ? 
_reflns_shell.number_measured_obs         ? 
_reflns_shell.number_possible             ? 
_reflns_shell.number_unique_all           ? 
_reflns_shell.number_unique_obs           ? 
_reflns_shell.percent_possible_all        ? 
_reflns_shell.percent_possible_obs        ? 
_reflns_shell.Rmerge_F_all                ? 
_reflns_shell.Rmerge_F_obs                ? 
_reflns_shell.Rmerge_I_all                ? 
_reflns_shell.Rmerge_I_obs                ? 
_reflns_shell.meanI_over_sigI_gt          ? 
_reflns_shell.meanI_over_uI_all           ? 
_reflns_shell.meanI_over_uI_gt            ? 
_reflns_shell.number_measured_gt          ? 
_reflns_shell.number_unique_gt            ? 
_reflns_shell.percent_possible_gt         ? 
_reflns_shell.Rmerge_F_gt                 ? 
_reflns_shell.Rmerge_I_gt                 ? 
_reflns_shell.pdbx_redundancy             ? 
_reflns_shell.pdbx_Rsym_value             ? 
_reflns_shell.pdbx_chi_squared            ? 
_reflns_shell.pdbx_netI_over_sigmaI_all   ? 
_reflns_shell.pdbx_netI_over_sigmaI_obs   ? 
_reflns_shell.pdbx_Rrim_I_all             ? 
_reflns_shell.pdbx_Rpim_I_all             ? 
_reflns_shell.pdbx_rejects                ? 
_reflns_shell.pdbx_ordinal                1 
_reflns_shell.pdbx_diffrn_id              1 
_reflns_shell.pdbx_CC_half                ? 
_reflns_shell.pdbx_R_split                ? 
# 
_refine.aniso_B[1][1]                            -0.01 
_refine.aniso_B[1][2]                            -0.00 
_refine.aniso_B[1][3]                            -0.00 
_refine.aniso_B[2][2]                            -0.01 
_refine.aniso_B[2][3]                            -0.00 
_refine.aniso_B[3][3]                            0.02 
_refine.B_iso_max                                ? 
_refine.B_iso_mean                               34.472 
_refine.B_iso_min                                ? 
_refine.correlation_coeff_Fo_to_Fc               0.961 
_refine.correlation_coeff_Fo_to_Fc_free          0.941 
_refine.details                                  'HYDROGENS HAVE BEEN ADDED IN THE RIDING POSITIONS' 
_refine.diff_density_max                         ? 
_refine.diff_density_max_esd                     ? 
_refine.diff_density_min                         ? 
_refine.diff_density_min_esd                     ? 
_refine.diff_density_rms                         ? 
_refine.diff_density_rms_esd                     ? 
_refine.entry_id                                 5X3D 
_refine.pdbx_refine_id                           'X-RAY DIFFRACTION' 
_refine.ls_abs_structure_details                 ? 
_refine.ls_abs_structure_Flack                   ? 
_refine.ls_abs_structure_Flack_esd               ? 
_refine.ls_abs_structure_Rogers                  ? 
_refine.ls_abs_structure_Rogers_esd              ? 
_refine.ls_d_res_high                            1.93 
_refine.ls_d_res_low                             30.05 
_refine.ls_extinction_coef                       ? 
_refine.ls_extinction_coef_esd                   ? 
_refine.ls_extinction_expression                 ? 
_refine.ls_extinction_method                     ? 
_refine.ls_goodness_of_fit_all                   ? 
_refine.ls_goodness_of_fit_all_esd               ? 
_refine.ls_goodness_of_fit_obs                   ? 
_refine.ls_goodness_of_fit_obs_esd               ? 
_refine.ls_hydrogen_treatment                    ? 
_refine.ls_matrix_type                           ? 
_refine.ls_number_constraints                    ? 
_refine.ls_number_parameters                     ? 
_refine.ls_number_reflns_all                     ? 
_refine.ls_number_reflns_obs                     12523 
_refine.ls_number_reflns_R_free                  649 
_refine.ls_number_reflns_R_work                  ? 
_refine.ls_number_restraints                     ? 
_refine.ls_percent_reflns_obs                    99.92 
_refine.ls_percent_reflns_R_free                 4.9 
_refine.ls_R_factor_all                          ? 
_refine.ls_R_factor_obs                          0.19307 
_refine.ls_R_factor_R_free                       0.23376 
_refine.ls_R_factor_R_free_error                 ? 
_refine.ls_R_factor_R_free_error_details         ? 
_refine.ls_R_factor_R_work                       0.19111 
_refine.ls_R_Fsqd_factor_obs                     ? 
_refine.ls_R_I_factor_obs                        ? 
_refine.ls_redundancy_reflns_all                 ? 
_refine.ls_redundancy_reflns_obs                 ? 
_refine.ls_restrained_S_all                      ? 
_refine.ls_restrained_S_obs                      ? 
_refine.ls_shift_over_esd_max                    ? 
_refine.ls_shift_over_esd_mean                   ? 
_refine.ls_structure_factor_coef                 ? 
_refine.ls_weighting_details                     ? 
_refine.ls_weighting_scheme                      ? 
_refine.ls_wR_factor_all                         ? 
_refine.ls_wR_factor_obs                         ? 
_refine.ls_wR_factor_R_free                      ? 
_refine.ls_wR_factor_R_work                      ? 
_refine.occupancy_max                            ? 
_refine.occupancy_min                            ? 
_refine.solvent_model_details                    ? 
_refine.solvent_model_param_bsol                 ? 
_refine.solvent_model_param_ksol                 ? 
_refine.ls_R_factor_gt                           ? 
_refine.ls_goodness_of_fit_gt                    ? 
_refine.ls_goodness_of_fit_ref                   ? 
_refine.ls_shift_over_su_max                     ? 
_refine.ls_shift_over_su_max_lt                  ? 
_refine.ls_shift_over_su_mean                    ? 
_refine.ls_shift_over_su_mean_lt                 ? 
_refine.pdbx_ls_sigma_I                          ? 
_refine.pdbx_ls_sigma_F                          ? 
_refine.pdbx_ls_sigma_Fsqd                       ? 
_refine.pdbx_data_cutoff_high_absF               ? 
_refine.pdbx_data_cutoff_high_rms_absF           ? 
_refine.pdbx_data_cutoff_low_absF                ? 
_refine.pdbx_isotropic_thermal_model             ? 
_refine.pdbx_ls_cross_valid_method               THROUGHOUT 
_refine.pdbx_method_to_determine_struct          MAD 
_refine.pdbx_starting_model                      ? 
_refine.pdbx_stereochemistry_target_values       ? 
_refine.pdbx_R_Free_selection_details            RANDOM 
_refine.pdbx_stereochem_target_val_spec_case     ? 
_refine.pdbx_overall_ESU_R                       0.137 
_refine.pdbx_overall_ESU_R_Free                  0.136 
_refine.pdbx_solvent_vdw_probe_radii             1.20 
_refine.pdbx_solvent_ion_probe_radii             0.80 
_refine.pdbx_solvent_shrinkage_radii             0.80 
_refine.pdbx_real_space_R                        ? 
_refine.pdbx_density_correlation                 ? 
_refine.pdbx_pd_number_of_powder_patterns        ? 
_refine.pdbx_pd_number_of_points                 ? 
_refine.pdbx_pd_meas_number_of_points            ? 
_refine.pdbx_pd_proc_ls_prof_R_factor            ? 
_refine.pdbx_pd_proc_ls_prof_wR_factor           ? 
_refine.pdbx_pd_Marquardt_correlation_coeff      ? 
_refine.pdbx_pd_Fsqrd_R_factor                   ? 
_refine.pdbx_pd_ls_matrix_band_width             ? 
_refine.pdbx_overall_phase_error                 ? 
_refine.pdbx_overall_SU_R_free_Cruickshank_DPI   ? 
_refine.pdbx_overall_SU_R_free_Blow_DPI          ? 
_refine.pdbx_overall_SU_R_Blow_DPI               ? 
_refine.pdbx_TLS_residual_ADP_flag               ? 
_refine.pdbx_diffrn_id                           1 
_refine.overall_SU_B                             2.993 
_refine.overall_SU_ML                            0.088 
_refine.overall_SU_R_Cruickshank_DPI             ? 
_refine.overall_SU_R_free                        ? 
_refine.overall_FOM_free_R_set                   ? 
_refine.overall_FOM_work_R_set                   ? 
_refine.pdbx_average_fsc_overall                 ? 
_refine.pdbx_average_fsc_work                    ? 
_refine.pdbx_average_fsc_free                    ? 
# 
_refine_hist.pdbx_refine_id                   'X-RAY DIFFRACTION' 
_refine_hist.cycle_id                         1 
_refine_hist.pdbx_number_atoms_protein        994 
_refine_hist.pdbx_number_atoms_nucleic_acid   0 
_refine_hist.pdbx_number_atoms_ligand         27 
_refine_hist.number_atoms_solvent             73 
_refine_hist.number_atoms_total               1094 
_refine_hist.d_res_high                       1.93 
_refine_hist.d_res_low                        30.05 
# 
loop_
_refine_ls_restr.pdbx_refine_id 
_refine_ls_restr.criterion 
_refine_ls_restr.dev_ideal 
_refine_ls_restr.dev_ideal_target 
_refine_ls_restr.number 
_refine_ls_restr.rejects 
_refine_ls_restr.type 
_refine_ls_restr.weight 
_refine_ls_restr.pdbx_restraint_function 
'X-RAY DIFFRACTION' ? 0.012  0.019  1043 ? r_bond_refined_d             ? ? 
'X-RAY DIFFRACTION' ? 0.004  0.020  1008 ? r_bond_other_d               ? ? 
'X-RAY DIFFRACTION' ? 1.643  1.990  1424 ? r_angle_refined_deg          ? ? 
'X-RAY DIFFRACTION' ? 1.071  3.008  2309 ? r_angle_other_deg            ? ? 
'X-RAY DIFFRACTION' ? 6.288  5.000  125  ? r_dihedral_angle_1_deg       ? ? 
'X-RAY DIFFRACTION' ? 40.103 22.826 46   ? r_dihedral_angle_2_deg       ? ? 
'X-RAY DIFFRACTION' ? 14.154 15.000 170  ? r_dihedral_angle_3_deg       ? ? 
'X-RAY DIFFRACTION' ? 20.689 15.000 10   ? r_dihedral_angle_4_deg       ? ? 
'X-RAY DIFFRACTION' ? 0.118  0.200  165  ? r_chiral_restr               ? ? 
'X-RAY DIFFRACTION' ? 0.008  0.021  1148 ? r_gen_planes_refined         ? ? 
'X-RAY DIFFRACTION' ? 0.002  0.020  235  ? r_gen_planes_other           ? ? 
'X-RAY DIFFRACTION' ? ?      ?      ?    ? r_nbd_refined                ? ? 
'X-RAY DIFFRACTION' ? ?      ?      ?    ? r_nbd_other                  ? ? 
'X-RAY DIFFRACTION' ? ?      ?      ?    ? r_nbtor_refined              ? ? 
'X-RAY DIFFRACTION' ? ?      ?      ?    ? r_nbtor_other                ? ? 
'X-RAY DIFFRACTION' ? ?      ?      ?    ? r_xyhbond_nbd_refined        ? ? 
'X-RAY DIFFRACTION' ? ?      ?      ?    ? r_xyhbond_nbd_other          ? ? 
'X-RAY DIFFRACTION' ? ?      ?      ?    ? r_metal_ion_refined          ? ? 
'X-RAY DIFFRACTION' ? ?      ?      ?    ? r_metal_ion_other            ? ? 
'X-RAY DIFFRACTION' ? ?      ?      ?    ? r_symmetry_vdw_refined       ? ? 
'X-RAY DIFFRACTION' ? ?      ?      ?    ? r_symmetry_vdw_other         ? ? 
'X-RAY DIFFRACTION' ? ?      ?      ?    ? r_symmetry_hbond_refined     ? ? 
'X-RAY DIFFRACTION' ? ?      ?      ?    ? r_symmetry_hbond_other       ? ? 
'X-RAY DIFFRACTION' ? ?      ?      ?    ? r_symmetry_metal_ion_refined ? ? 
'X-RAY DIFFRACTION' ? ?      ?      ?    ? r_symmetry_metal_ion_other   ? ? 
'X-RAY DIFFRACTION' ? 2.401  3.175  503  ? r_mcbond_it                  ? ? 
'X-RAY DIFFRACTION' ? 2.379  3.167  502  ? r_mcbond_other               ? ? 
'X-RAY DIFFRACTION' ? 3.262  4.736  627  ? r_mcangle_it                 ? ? 
'X-RAY DIFFRACTION' ? 3.261  4.745  628  ? r_mcangle_other              ? ? 
'X-RAY DIFFRACTION' ? 3.319  3.587  540  ? r_scbond_it                  ? ? 
'X-RAY DIFFRACTION' ? 3.318  3.587  540  ? r_scbond_other               ? ? 
'X-RAY DIFFRACTION' ? ?      ?      ?    ? r_scangle_it                 ? ? 
'X-RAY DIFFRACTION' ? 5.001  5.228  798  ? r_scangle_other              ? ? 
'X-RAY DIFFRACTION' ? 6.316  26.128 1213 ? r_long_range_B_refined       ? ? 
'X-RAY DIFFRACTION' ? 6.227  25.939 1192 ? r_long_range_B_other         ? ? 
'X-RAY DIFFRACTION' ? ?      ?      ?    ? r_rigid_bond_restr           ? ? 
'X-RAY DIFFRACTION' ? ?      ?      ?    ? r_sphericity_free            ? ? 
'X-RAY DIFFRACTION' ? ?      ?      ?    ? r_sphericity_bonded          ? ? 
# 
_refine_ls_shell.pdbx_refine_id                   'X-RAY DIFFRACTION' 
_refine_ls_shell.d_res_high                       1.930 
_refine_ls_shell.d_res_low                        1.980 
_refine_ls_shell.number_reflns_all                ? 
_refine_ls_shell.number_reflns_obs                ? 
_refine_ls_shell.number_reflns_R_free             57 
_refine_ls_shell.number_reflns_R_work             876 
_refine_ls_shell.percent_reflns_obs               100.00 
_refine_ls_shell.percent_reflns_R_free            ? 
_refine_ls_shell.R_factor_all                     ? 
_refine_ls_shell.R_factor_obs                     ? 
_refine_ls_shell.R_factor_R_free                  0.270 
_refine_ls_shell.R_factor_R_free_error            ? 
_refine_ls_shell.R_factor_R_work                  0.226 
_refine_ls_shell.redundancy_reflns_all            ? 
_refine_ls_shell.redundancy_reflns_obs            ? 
_refine_ls_shell.wR_factor_all                    ? 
_refine_ls_shell.wR_factor_obs                    ? 
_refine_ls_shell.wR_factor_R_free                 ? 
_refine_ls_shell.wR_factor_R_work                 ? 
_refine_ls_shell.pdbx_total_number_of_bins_used   20 
_refine_ls_shell.pdbx_phase_error                 ? 
_refine_ls_shell.pdbx_fsc_work                    ? 
_refine_ls_shell.pdbx_fsc_free                    ? 
# 
_struct.entry_id                     5X3D 
_struct.title                        
'Crystal structure of HEP-CMP-bound form of cytidylyltransferase (CyTase) domain of Fom1 from Streptomyces wedmorensis' 
_struct.pdbx_model_details           ? 
_struct.pdbx_formula_weight          ? 
_struct.pdbx_formula_weight_method   ? 
_struct.pdbx_model_type_details      ? 
_struct.pdbx_CASP_flag               N 
# 
_struct_keywords.entry_id        5X3D 
_struct_keywords.text            'Cytidylyltransferase, Nucleotidyltransferase, fosfomycin biosynthesis, TRANSFERASE' 
_struct_keywords.pdbx_keywords   TRANSFERASE 
# 
loop_
_struct_asym.id 
_struct_asym.pdbx_blank_PDB_chainid_flag 
_struct_asym.pdbx_modified 
_struct_asym.entity_id 
_struct_asym.details 
A N N 1 ? 
B N N 2 ? 
C N N 3 ? 
# 
_struct_ref.id                         1 
_struct_ref.db_name                    UNP 
_struct_ref.db_code                    P96074_STRWE 
_struct_ref.pdbx_db_accession          P96074 
_struct_ref.pdbx_db_isoform            ? 
_struct_ref.entity_id                  1 
_struct_ref.pdbx_seq_one_letter_code   
;MQRPIVYVGMSADLIHPGHINILSRAAELGDITIGLLTDAAIASYKRLPHMTYEQRKAVVENLKGVASVVPQRTLDYAEN
LRTVRPDFVVHGDDWQTGVQRHTRERVIEVLSEWGGKLVEIPYTPGISSTRLHSSVKEV
;
_struct_ref.pdbx_align_begin           1 
# 
_struct_ref_seq.align_id                      1 
_struct_ref_seq.ref_id                        1 
_struct_ref_seq.pdbx_PDB_id_code              5X3D 
_struct_ref_seq.pdbx_strand_id                A 
_struct_ref_seq.seq_align_beg                 22 
_struct_ref_seq.pdbx_seq_align_beg_ins_code   ? 
_struct_ref_seq.seq_align_end                 160 
_struct_ref_seq.pdbx_seq_align_end_ins_code   ? 
_struct_ref_seq.pdbx_db_accession             P96074 
_struct_ref_seq.db_align_beg                  1 
_struct_ref_seq.pdbx_db_align_beg_ins_code    ? 
_struct_ref_seq.db_align_end                  139 
_struct_ref_seq.pdbx_db_align_end_ins_code    ? 
_struct_ref_seq.pdbx_auth_seq_align_beg       1 
_struct_ref_seq.pdbx_auth_seq_align_end       139 
# 
loop_
_struct_ref_seq_dif.align_id 
_struct_ref_seq_dif.pdbx_pdb_id_code 
_struct_ref_seq_dif.mon_id 
_struct_ref_seq_dif.pdbx_pdb_strand_id 
_struct_ref_seq_dif.seq_num 
_struct_ref_seq_dif.pdbx_pdb_ins_code 
_struct_ref_seq_dif.pdbx_seq_db_name 
_struct_ref_seq_dif.pdbx_seq_db_accession_code 
_struct_ref_seq_dif.db_mon_id 
_struct_ref_seq_dif.pdbx_seq_db_seq_num 
_struct_ref_seq_dif.details 
_struct_ref_seq_dif.pdbx_auth_seq_num 
_struct_ref_seq_dif.pdbx_ordinal 
1 5X3D MET A 1  ? UNP P96074 ? ? 'expression tag' -20 1  
1 5X3D LYS A 2  ? UNP P96074 ? ? 'expression tag' -19 2  
1 5X3D HIS A 3  ? UNP P96074 ? ? 'expression tag' -18 3  
1 5X3D HIS A 4  ? UNP P96074 ? ? 'expression tag' -17 4  
1 5X3D HIS A 5  ? UNP P96074 ? ? 'expression tag' -16 5  
1 5X3D HIS A 6  ? UNP P96074 ? ? 'expression tag' -15 6  
1 5X3D HIS A 7  ? UNP P96074 ? ? 'expression tag' -14 7  
1 5X3D HIS A 8  ? UNP P96074 ? ? 'expression tag' -13 8  
1 5X3D HIS A 9  ? UNP P96074 ? ? 'expression tag' -12 9  
1 5X3D HIS A 10 ? UNP P96074 ? ? 'expression tag' -11 10 
1 5X3D GLY A 11 ? UNP P96074 ? ? 'expression tag' -10 11 
1 5X3D GLY A 12 ? UNP P96074 ? ? 'expression tag' -9  12 
1 5X3D LEU A 13 ? UNP P96074 ? ? 'expression tag' -8  13 
1 5X3D VAL A 14 ? UNP P96074 ? ? 'expression tag' -7  14 
1 5X3D PRO A 15 ? UNP P96074 ? ? 'expression tag' -6  15 
1 5X3D ALA A 16 ? UNP P96074 ? ? 'expression tag' -5  16 
1 5X3D GLY A 17 ? UNP P96074 ? ? 'expression tag' -4  17 
1 5X3D SER A 18 ? UNP P96074 ? ? 'expression tag' -3  18 
1 5X3D HIS A 19 ? UNP P96074 ? ? 'expression tag' -2  19 
1 5X3D GLY A 20 ? UNP P96074 ? ? 'expression tag' -1  20 
1 5X3D GLY A 21 ? UNP P96074 ? ? 'expression tag' 0   21 
# 
_pdbx_struct_assembly.id                   1 
_pdbx_struct_assembly.details              author_and_software_defined_assembly 
_pdbx_struct_assembly.method_details       PISA 
_pdbx_struct_assembly.oligomeric_details   dimeric 
_pdbx_struct_assembly.oligomeric_count     2 
# 
loop_
_pdbx_struct_assembly_prop.biol_id 
_pdbx_struct_assembly_prop.type 
_pdbx_struct_assembly_prop.value 
_pdbx_struct_assembly_prop.details 
1 'ABSA (A^2)' 1430  ? 
1 MORE         -12   ? 
1 'SSA (A^2)'  11870 ? 
# 
_pdbx_struct_assembly_gen.assembly_id       1 
_pdbx_struct_assembly_gen.oper_expression   1,2 
_pdbx_struct_assembly_gen.asym_id_list      A,B,C 
# 
loop_
_pdbx_struct_oper_list.id 
_pdbx_struct_oper_list.type 
_pdbx_struct_oper_list.name 
_pdbx_struct_oper_list.symmetry_operation 
_pdbx_struct_oper_list.matrix[1][1] 
_pdbx_struct_oper_list.matrix[1][2] 
_pdbx_struct_oper_list.matrix[1][3] 
_pdbx_struct_oper_list.vector[1] 
_pdbx_struct_oper_list.matrix[2][1] 
_pdbx_struct_oper_list.matrix[2][2] 
_pdbx_struct_oper_list.matrix[2][3] 
_pdbx_struct_oper_list.vector[2] 
_pdbx_struct_oper_list.matrix[3][1] 
_pdbx_struct_oper_list.matrix[3][2] 
_pdbx_struct_oper_list.matrix[3][3] 
_pdbx_struct_oper_list.vector[3] 
1 'identity operation'         1_555  x,y,z            1.0000000000  0.0000000000 0.0000000000 0.0000000000  0.0000000000 1.0000000000 0.0000000000 0.0000000000  0.0000000000 0.0000000000 1.0000000000  0.0000000000 
2 'crystal symmetry operation' 10_665 -y+1,-x+1,-z+1/6 -0.9823674742 0.1517637167 0.1091875451 29.4871986537 0.1517637167 0.3062351886 0.9397807104 -6.2105317702 0.1091875451 0.9397807104 -0.3238677144 3.8704010770 
# 
loop_
_struct_conf.conf_type_id 
_struct_conf.id 
_struct_conf.pdbx_PDB_helix_id 
_struct_conf.beg_label_comp_id 
_struct_conf.beg_label_asym_id 
_struct_conf.beg_label_seq_id 
_struct_conf.pdbx_beg_PDB_ins_code 
_struct_conf.end_label_comp_id 
_struct_conf.end_label_asym_id 
_struct_conf.end_label_seq_id 
_struct_conf.pdbx_end_PDB_ins_code 
_struct_conf.beg_auth_comp_id 
_struct_conf.beg_auth_asym_id 
_struct_conf.beg_auth_seq_id 
_struct_conf.end_auth_comp_id 
_struct_conf.end_auth_asym_id 
_struct_conf.end_auth_seq_id 
_struct_conf.pdbx_PDB_helix_class 
_struct_conf.details 
_struct_conf.pdbx_PDB_helix_length 
HELX_P HELX_P1 AA1 HIS A 37  ? GLY A 51  ? HIS A 16  GLY A 30  1 ? 15 
HELX_P HELX_P2 AA2 THR A 59  ? SER A 65  ? THR A 38  SER A 44  1 ? 7  
HELX_P HELX_P3 AA3 THR A 73  ? GLU A 82  ? THR A 52  GLU A 61  1 ? 10 
HELX_P HELX_P4 AA4 TYR A 98  ? ARG A 106 ? TYR A 77  ARG A 85  1 ? 9  
HELX_P HELX_P5 AA5 ASP A 115 ? THR A 118 ? ASP A 94  THR A 97  5 ? 4  
HELX_P HELX_P6 AA6 GLN A 121 ? GLU A 134 ? GLN A 100 GLU A 113 1 ? 14 
# 
_struct_conf_type.id          HELX_P 
_struct_conf_type.criteria    ? 
_struct_conf_type.reference   ? 
# 
_struct_sheet.id               AA1 
_struct_sheet.type             ? 
_struct_sheet.number_strands   5 
_struct_sheet.details          ? 
# 
loop_
_struct_sheet_order.sheet_id 
_struct_sheet_order.range_id_1 
_struct_sheet_order.range_id_2 
_struct_sheet_order.offset 
_struct_sheet_order.sense 
AA1 1 2 ? parallel 
AA1 2 3 ? parallel 
AA1 3 4 ? parallel 
AA1 4 5 ? parallel 
# 
loop_
_struct_sheet_range.sheet_id 
_struct_sheet_range.id 
_struct_sheet_range.beg_label_comp_id 
_struct_sheet_range.beg_label_asym_id 
_struct_sheet_range.beg_label_seq_id 
_struct_sheet_range.pdbx_beg_PDB_ins_code 
_struct_sheet_range.end_label_comp_id 
_struct_sheet_range.end_label_asym_id 
_struct_sheet_range.end_label_seq_id 
_struct_sheet_range.pdbx_end_PDB_ins_code 
_struct_sheet_range.beg_auth_comp_id 
_struct_sheet_range.beg_auth_asym_id 
_struct_sheet_range.beg_auth_seq_id 
_struct_sheet_range.end_auth_comp_id 
_struct_sheet_range.end_auth_asym_id 
_struct_sheet_range.end_auth_seq_id 
AA1 1 VAL A 87  ? GLN A 93  ? VAL A 66  GLN A 72  
AA1 2 ASP A 52  ? LEU A 58  ? ASP A 31  LEU A 37  
AA1 3 ILE A 26  ? MET A 31  ? ILE A 5   MET A 10  
AA1 4 PHE A 109 ? GLY A 113 ? PHE A 88  GLY A 92  
AA1 5 LYS A 138 ? ILE A 142 ? LYS A 117 ILE A 121 
# 
loop_
_pdbx_struct_sheet_hbond.sheet_id 
_pdbx_struct_sheet_hbond.range_id_1 
_pdbx_struct_sheet_hbond.range_id_2 
_pdbx_struct_sheet_hbond.range_1_label_atom_id 
_pdbx_struct_sheet_hbond.range_1_label_comp_id 
_pdbx_struct_sheet_hbond.range_1_label_asym_id 
_pdbx_struct_sheet_hbond.range_1_label_seq_id 
_pdbx_struct_sheet_hbond.range_1_PDB_ins_code 
_pdbx_struct_sheet_hbond.range_1_auth_atom_id 
_pdbx_struct_sheet_hbond.range_1_auth_comp_id 
_pdbx_struct_sheet_hbond.range_1_auth_asym_id 
_pdbx_struct_sheet_hbond.range_1_auth_seq_id 
_pdbx_struct_sheet_hbond.range_2_label_atom_id 
_pdbx_struct_sheet_hbond.range_2_label_comp_id 
_pdbx_struct_sheet_hbond.range_2_label_asym_id 
_pdbx_struct_sheet_hbond.range_2_label_seq_id 
_pdbx_struct_sheet_hbond.range_2_PDB_ins_code 
_pdbx_struct_sheet_hbond.range_2_auth_atom_id 
_pdbx_struct_sheet_hbond.range_2_auth_comp_id 
_pdbx_struct_sheet_hbond.range_2_auth_asym_id 
_pdbx_struct_sheet_hbond.range_2_auth_seq_id 
AA1 1 2 O SER A 89  ? O SER A 68 N ILE A 55  ? N ILE A 34  
AA1 2 3 O ASP A 52  ? O ASP A 31 N VAL A 27  ? N VAL A 6   
AA1 3 4 N TYR A 28  ? N TYR A 7  O PHE A 109 ? O PHE A 88  
AA1 4 5 N VAL A 110 ? N VAL A 89 O VAL A 140 ? O VAL A 119 
# 
_struct_site.id                   AC1 
_struct_site.pdbx_evidence_code   Software 
_struct_site.pdbx_auth_asym_id    A 
_struct_site.pdbx_auth_comp_id    7XL 
_struct_site.pdbx_auth_seq_id     201 
_struct_site.pdbx_auth_ins_code   ? 
_struct_site.pdbx_num_residues    21 
_struct_site.details              'binding site for residue 7XL A 201' 
# 
loop_
_struct_site_gen.id 
_struct_site_gen.site_id 
_struct_site_gen.pdbx_num_res 
_struct_site_gen.label_comp_id 
_struct_site_gen.label_asym_id 
_struct_site_gen.label_seq_id 
_struct_site_gen.pdbx_auth_ins_code 
_struct_site_gen.auth_comp_id 
_struct_site_gen.auth_asym_id 
_struct_site_gen.auth_seq_id 
_struct_site_gen.label_atom_id 
_struct_site_gen.label_alt_id 
_struct_site_gen.symmetry 
_struct_site_gen.details 
1  AC1 21 MET A 31  ? MET A 10  . ? 1_555 ? 
2  AC1 21 SER A 32  ? SER A 11  . ? 1_555 ? 
3  AC1 21 ALA A 33  ? ALA A 12  . ? 1_555 ? 
4  AC1 21 HIS A 37  ? HIS A 16  . ? 1_555 ? 
5  AC1 21 HIS A 40  ? HIS A 19  . ? 1_555 ? 
6  AC1 21 ILE A 43  ? ILE A 22  . ? 1_555 ? 
7  AC1 21 TYR A 66  ? TYR A 45  . ? 1_555 ? 
8  AC1 21 LYS A 67  ? LYS A 46  . ? 1_555 ? 
9  AC1 21 TYR A 98  ? TYR A 77  . ? 1_555 ? 
10 AC1 21 HIS A 112 ? HIS A 91  . ? 1_555 ? 
11 AC1 21 GLY A 113 ? GLY A 92  . ? 1_555 ? 
12 AC1 21 ASP A 115 ? ASP A 94  . ? 1_555 ? 
13 AC1 21 GLN A 121 ? GLN A 100 . ? 1_555 ? 
14 AC1 21 TYR A 144 ? TYR A 123 . ? 1_555 ? 
15 AC1 21 THR A 145 ? THR A 124 . ? 1_555 ? 
16 AC1 21 ILE A 148 ? ILE A 127 . ? 1_555 ? 
17 AC1 21 HOH C .   ? HOH A 305 . ? 1_555 ? 
18 AC1 21 HOH C .   ? HOH A 310 . ? 1_555 ? 
19 AC1 21 HOH C .   ? HOH A 314 . ? 1_555 ? 
20 AC1 21 HOH C .   ? HOH A 315 . ? 1_555 ? 
21 AC1 21 HOH C .   ? HOH A 317 . ? 1_555 ? 
# 
loop_
_pdbx_unobs_or_zero_occ_residues.id 
_pdbx_unobs_or_zero_occ_residues.PDB_model_num 
_pdbx_unobs_or_zero_occ_residues.polymer_flag 
_pdbx_unobs_or_zero_occ_residues.occupancy_flag 
_pdbx_unobs_or_zero_occ_residues.auth_asym_id 
_pdbx_unobs_or_zero_occ_residues.auth_comp_id 
_pdbx_unobs_or_zero_occ_residues.auth_seq_id 
_pdbx_unobs_or_zero_occ_residues.PDB_ins_code 
_pdbx_unobs_or_zero_occ_residues.label_asym_id 
_pdbx_unobs_or_zero_occ_residues.label_comp_id 
_pdbx_unobs_or_zero_occ_residues.label_seq_id 
1  1 Y 1 A MET -20 ? A MET 1   
2  1 Y 1 A LYS -19 ? A LYS 2   
3  1 Y 1 A HIS -18 ? A HIS 3   
4  1 Y 1 A HIS -17 ? A HIS 4   
5  1 Y 1 A HIS -16 ? A HIS 5   
6  1 Y 1 A HIS -15 ? A HIS 6   
7  1 Y 1 A HIS -14 ? A HIS 7   
8  1 Y 1 A HIS -13 ? A HIS 8   
9  1 Y 1 A HIS -12 ? A HIS 9   
10 1 Y 1 A HIS -11 ? A HIS 10  
11 1 Y 1 A GLY -10 ? A GLY 11  
12 1 Y 1 A GLY -9  ? A GLY 12  
13 1 Y 1 A LEU -8  ? A LEU 13  
14 1 Y 1 A VAL -7  ? A VAL 14  
15 1 Y 1 A PRO -6  ? A PRO 15  
16 1 Y 1 A ALA -5  ? A ALA 16  
17 1 Y 1 A GLY -4  ? A GLY 17  
18 1 Y 1 A SER -3  ? A SER 18  
19 1 Y 1 A HIS -2  ? A HIS 19  
20 1 Y 1 A GLY -1  ? A GLY 20  
21 1 Y 1 A GLY 0   ? A GLY 21  
22 1 Y 1 A MET 1   ? A MET 22  
23 1 Y 1 A SER 128 ? A SER 149 
24 1 Y 1 A SER 129 ? A SER 150 
25 1 Y 1 A THR 130 ? A THR 151 
26 1 Y 1 A ARG 131 ? A ARG 152 
27 1 Y 1 A LEU 132 ? A LEU 153 
28 1 Y 1 A HIS 133 ? A HIS 154 
29 1 Y 1 A SER 134 ? A SER 155 
30 1 Y 1 A SER 135 ? A SER 156 
31 1 Y 1 A VAL 136 ? A VAL 157 
32 1 Y 1 A LYS 137 ? A LYS 158 
33 1 Y 1 A GLU 138 ? A GLU 159 
34 1 Y 1 A VAL 139 ? A VAL 160 
# 
loop_
_chem_comp_atom.comp_id 
_chem_comp_atom.atom_id 
_chem_comp_atom.type_symbol 
_chem_comp_atom.pdbx_aromatic_flag 
_chem_comp_atom.pdbx_stereo_config 
_chem_comp_atom.pdbx_ordinal 
7XL O1   O N N 1   
7XL C1   C N N 2   
7XL N1   N N N 3   
7XL C2   C N N 4   
7XL N2   N N N 5   
7XL C3   C N N 6   
7XL C4   C N N 7   
7XL N3   N N N 8   
7XL C5   C N R 9   
7XL O2   O N N 10  
7XL C6   C N R 11  
7XL O3   O N N 12  
7XL C7   C N S 13  
7XL O4   O N N 14  
7XL C8   C N R 15  
7XL C9   C N N 16  
7XL O5   O N N 17  
7XL P1   P N N 18  
7XL O6   O N N 19  
7XL O7   O N N 20  
7XL O8   O N N 21  
7XL P2   P N N 22  
7XL O9   O N N 23  
7XL O10  O N N 24  
7XL C10  C N N 25  
7XL C11  C N N 26  
7XL O11  O N N 27  
7XL H1   H N N 28  
7XL H2   H N N 29  
7XL H3   H N N 30  
7XL H4   H N N 31  
7XL H5   H N N 32  
7XL H6   H N N 33  
7XL H7   H N N 34  
7XL H8   H N N 35  
7XL H9   H N N 36  
7XL H10  H N N 37  
7XL H11  H N N 38  
7XL H12  H N N 39  
7XL H13  H N N 40  
7XL H14  H N N 41  
7XL H15  H N N 42  
7XL H16  H N N 43  
7XL H17  H N N 44  
7XL H18  H N N 45  
7XL H19  H N N 46  
ALA N    N N N 47  
ALA CA   C N S 48  
ALA C    C N N 49  
ALA O    O N N 50  
ALA CB   C N N 51  
ALA OXT  O N N 52  
ALA H    H N N 53  
ALA H2   H N N 54  
ALA HA   H N N 55  
ALA HB1  H N N 56  
ALA HB2  H N N 57  
ALA HB3  H N N 58  
ALA HXT  H N N 59  
ARG N    N N N 60  
ARG CA   C N S 61  
ARG C    C N N 62  
ARG O    O N N 63  
ARG CB   C N N 64  
ARG CG   C N N 65  
ARG CD   C N N 66  
ARG NE   N N N 67  
ARG CZ   C N N 68  
ARG NH1  N N N 69  
ARG NH2  N N N 70  
ARG OXT  O N N 71  
ARG H    H N N 72  
ARG H2   H N N 73  
ARG HA   H N N 74  
ARG HB2  H N N 75  
ARG HB3  H N N 76  
ARG HG2  H N N 77  
ARG HG3  H N N 78  
ARG HD2  H N N 79  
ARG HD3  H N N 80  
ARG HE   H N N 81  
ARG HH11 H N N 82  
ARG HH12 H N N 83  
ARG HH21 H N N 84  
ARG HH22 H N N 85  
ARG HXT  H N N 86  
ASN N    N N N 87  
ASN CA   C N S 88  
ASN C    C N N 89  
ASN O    O N N 90  
ASN CB   C N N 91  
ASN CG   C N N 92  
ASN OD1  O N N 93  
ASN ND2  N N N 94  
ASN OXT  O N N 95  
ASN H    H N N 96  
ASN H2   H N N 97  
ASN HA   H N N 98  
ASN HB2  H N N 99  
ASN HB3  H N N 100 
ASN HD21 H N N 101 
ASN HD22 H N N 102 
ASN HXT  H N N 103 
ASP N    N N N 104 
ASP CA   C N S 105 
ASP C    C N N 106 
ASP O    O N N 107 
ASP CB   C N N 108 
ASP CG   C N N 109 
ASP OD1  O N N 110 
ASP OD2  O N N 111 
ASP OXT  O N N 112 
ASP H    H N N 113 
ASP H2   H N N 114 
ASP HA   H N N 115 
ASP HB2  H N N 116 
ASP HB3  H N N 117 
ASP HD2  H N N 118 
ASP HXT  H N N 119 
GLN N    N N N 120 
GLN CA   C N S 121 
GLN C    C N N 122 
GLN O    O N N 123 
GLN CB   C N N 124 
GLN CG   C N N 125 
GLN CD   C N N 126 
GLN OE1  O N N 127 
GLN NE2  N N N 128 
GLN OXT  O N N 129 
GLN H    H N N 130 
GLN H2   H N N 131 
GLN HA   H N N 132 
GLN HB2  H N N 133 
GLN HB3  H N N 134 
GLN HG2  H N N 135 
GLN HG3  H N N 136 
GLN HE21 H N N 137 
GLN HE22 H N N 138 
GLN HXT  H N N 139 
GLU N    N N N 140 
GLU CA   C N S 141 
GLU C    C N N 142 
GLU O    O N N 143 
GLU CB   C N N 144 
GLU CG   C N N 145 
GLU CD   C N N 146 
GLU OE1  O N N 147 
GLU OE2  O N N 148 
GLU OXT  O N N 149 
GLU H    H N N 150 
GLU H2   H N N 151 
GLU HA   H N N 152 
GLU HB2  H N N 153 
GLU HB3  H N N 154 
GLU HG2  H N N 155 
GLU HG3  H N N 156 
GLU HE2  H N N 157 
GLU HXT  H N N 158 
GLY N    N N N 159 
GLY CA   C N N 160 
GLY C    C N N 161 
GLY O    O N N 162 
GLY OXT  O N N 163 
GLY H    H N N 164 
GLY H2   H N N 165 
GLY HA2  H N N 166 
GLY HA3  H N N 167 
GLY HXT  H N N 168 
HIS N    N N N 169 
HIS CA   C N S 170 
HIS C    C N N 171 
HIS O    O N N 172 
HIS CB   C N N 173 
HIS CG   C Y N 174 
HIS ND1  N Y N 175 
HIS CD2  C Y N 176 
HIS CE1  C Y N 177 
HIS NE2  N Y N 178 
HIS OXT  O N N 179 
HIS H    H N N 180 
HIS H2   H N N 181 
HIS HA   H N N 182 
HIS HB2  H N N 183 
HIS HB3  H N N 184 
HIS HD1  H N N 185 
HIS HD2  H N N 186 
HIS HE1  H N N 187 
HIS HE2  H N N 188 
HIS HXT  H N N 189 
HOH O    O N N 190 
HOH H1   H N N 191 
HOH H2   H N N 192 
ILE N    N N N 193 
ILE CA   C N S 194 
ILE C    C N N 195 
ILE O    O N N 196 
ILE CB   C N S 197 
ILE CG1  C N N 198 
ILE CG2  C N N 199 
ILE CD1  C N N 200 
ILE OXT  O N N 201 
ILE H    H N N 202 
ILE H2   H N N 203 
ILE HA   H N N 204 
ILE HB   H N N 205 
ILE HG12 H N N 206 
ILE HG13 H N N 207 
ILE HG21 H N N 208 
ILE HG22 H N N 209 
ILE HG23 H N N 210 
ILE HD11 H N N 211 
ILE HD12 H N N 212 
ILE HD13 H N N 213 
ILE HXT  H N N 214 
LEU N    N N N 215 
LEU CA   C N S 216 
LEU C    C N N 217 
LEU O    O N N 218 
LEU CB   C N N 219 
LEU CG   C N N 220 
LEU CD1  C N N 221 
LEU CD2  C N N 222 
LEU OXT  O N N 223 
LEU H    H N N 224 
LEU H2   H N N 225 
LEU HA   H N N 226 
LEU HB2  H N N 227 
LEU HB3  H N N 228 
LEU HG   H N N 229 
LEU HD11 H N N 230 
LEU HD12 H N N 231 
LEU HD13 H N N 232 
LEU HD21 H N N 233 
LEU HD22 H N N 234 
LEU HD23 H N N 235 
LEU HXT  H N N 236 
LYS N    N N N 237 
LYS CA   C N S 238 
LYS C    C N N 239 
LYS O    O N N 240 
LYS CB   C N N 241 
LYS CG   C N N 242 
LYS CD   C N N 243 
LYS CE   C N N 244 
LYS NZ   N N N 245 
LYS OXT  O N N 246 
LYS H    H N N 247 
LYS H2   H N N 248 
LYS HA   H N N 249 
LYS HB2  H N N 250 
LYS HB3  H N N 251 
LYS HG2  H N N 252 
LYS HG3  H N N 253 
LYS HD2  H N N 254 
LYS HD3  H N N 255 
LYS HE2  H N N 256 
LYS HE3  H N N 257 
LYS HZ1  H N N 258 
LYS HZ2  H N N 259 
LYS HZ3  H N N 260 
LYS HXT  H N N 261 
MET N    N N N 262 
MET CA   C N S 263 
MET C    C N N 264 
MET O    O N N 265 
MET CB   C N N 266 
MET CG   C N N 267 
MET SD   S N N 268 
MET CE   C N N 269 
MET OXT  O N N 270 
MET H    H N N 271 
MET H2   H N N 272 
MET HA   H N N 273 
MET HB2  H N N 274 
MET HB3  H N N 275 
MET HG2  H N N 276 
MET HG3  H N N 277 
MET HE1  H N N 278 
MET HE2  H N N 279 
MET HE3  H N N 280 
MET HXT  H N N 281 
PHE N    N N N 282 
PHE CA   C N S 283 
PHE C    C N N 284 
PHE O    O N N 285 
PHE CB   C N N 286 
PHE CG   C Y N 287 
PHE CD1  C Y N 288 
PHE CD2  C Y N 289 
PHE CE1  C Y N 290 
PHE CE2  C Y N 291 
PHE CZ   C Y N 292 
PHE OXT  O N N 293 
PHE H    H N N 294 
PHE H2   H N N 295 
PHE HA   H N N 296 
PHE HB2  H N N 297 
PHE HB3  H N N 298 
PHE HD1  H N N 299 
PHE HD2  H N N 300 
PHE HE1  H N N 301 
PHE HE2  H N N 302 
PHE HZ   H N N 303 
PHE HXT  H N N 304 
PRO N    N N N 305 
PRO CA   C N S 306 
PRO C    C N N 307 
PRO O    O N N 308 
PRO CB   C N N 309 
PRO CG   C N N 310 
PRO CD   C N N 311 
PRO OXT  O N N 312 
PRO H    H N N 313 
PRO HA   H N N 314 
PRO HB2  H N N 315 
PRO HB3  H N N 316 
PRO HG2  H N N 317 
PRO HG3  H N N 318 
PRO HD2  H N N 319 
PRO HD3  H N N 320 
PRO HXT  H N N 321 
SER N    N N N 322 
SER CA   C N S 323 
SER C    C N N 324 
SER O    O N N 325 
SER CB   C N N 326 
SER OG   O N N 327 
SER OXT  O N N 328 
SER H    H N N 329 
SER H2   H N N 330 
SER HA   H N N 331 
SER HB2  H N N 332 
SER HB3  H N N 333 
SER HG   H N N 334 
SER HXT  H N N 335 
THR N    N N N 336 
THR CA   C N S 337 
THR C    C N N 338 
THR O    O N N 339 
THR CB   C N R 340 
THR OG1  O N N 341 
THR CG2  C N N 342 
THR OXT  O N N 343 
THR H    H N N 344 
THR H2   H N N 345 
THR HA   H N N 346 
THR HB   H N N 347 
THR HG1  H N N 348 
THR HG21 H N N 349 
THR HG22 H N N 350 
THR HG23 H N N 351 
THR HXT  H N N 352 
TRP N    N N N 353 
TRP CA   C N S 354 
TRP C    C N N 355 
TRP O    O N N 356 
TRP CB   C N N 357 
TRP CG   C Y N 358 
TRP CD1  C Y N 359 
TRP CD2  C Y N 360 
TRP NE1  N Y N 361 
TRP CE2  C Y N 362 
TRP CE3  C Y N 363 
TRP CZ2  C Y N 364 
TRP CZ3  C Y N 365 
TRP CH2  C Y N 366 
TRP OXT  O N N 367 
TRP H    H N N 368 
TRP H2   H N N 369 
TRP HA   H N N 370 
TRP HB2  H N N 371 
TRP HB3  H N N 372 
TRP HD1  H N N 373 
TRP HE1  H N N 374 
TRP HE3  H N N 375 
TRP HZ2  H N N 376 
TRP HZ3  H N N 377 
TRP HH2  H N N 378 
TRP HXT  H N N 379 
TYR N    N N N 380 
TYR CA   C N S 381 
TYR C    C N N 382 
TYR O    O N N 383 
TYR CB   C N N 384 
TYR CG   C Y N 385 
TYR CD1  C Y N 386 
TYR CD2  C Y N 387 
TYR CE1  C Y N 388 
TYR CE2  C Y N 389 
TYR CZ   C Y N 390 
TYR OH   O N N 391 
TYR OXT  O N N 392 
TYR H    H N N 393 
TYR H2   H N N 394 
TYR HA   H N N 395 
TYR HB2  H N N 396 
TYR HB3  H N N 397 
TYR HD1  H N N 398 
TYR HD2  H N N 399 
TYR HE1  H N N 400 
TYR HE2  H N N 401 
TYR HH   H N N 402 
TYR HXT  H N N 403 
VAL N    N N N 404 
VAL CA   C N S 405 
VAL C    C N N 406 
VAL O    O N N 407 
VAL CB   C N N 408 
VAL CG1  C N N 409 
VAL CG2  C N N 410 
VAL OXT  O N N 411 
VAL H    H N N 412 
VAL H2   H N N 413 
VAL HA   H N N 414 
VAL HB   H N N 415 
VAL HG11 H N N 416 
VAL HG12 H N N 417 
VAL HG13 H N N 418 
VAL HG21 H N N 419 
VAL HG22 H N N 420 
VAL HG23 H N N 421 
VAL HXT  H N N 422 
# 
loop_
_chem_comp_bond.comp_id 
_chem_comp_bond.atom_id_1 
_chem_comp_bond.atom_id_2 
_chem_comp_bond.value_order 
_chem_comp_bond.pdbx_aromatic_flag 
_chem_comp_bond.pdbx_stereo_config 
_chem_comp_bond.pdbx_ordinal 
7XL C11 C10  sing N N 1   
7XL C11 O11  sing N N 2   
7XL C10 P2   sing N N 3   
7XL O9  P2   doub N N 4   
7XL P2  O8   sing N N 5   
7XL P2  O10  sing N N 6   
7XL O8  P1   sing N N 7   
7XL O6  P1   doub N N 8   
7XL P1  O7   sing N N 9   
7XL P1  O5   sing N N 10  
7XL C9  O5   sing N N 11  
7XL C9  C8   sing N N 12  
7XL C8  C7   sing N N 13  
7XL C8  O2   sing N N 14  
7XL C7  O4   sing N N 15  
7XL C7  C6   sing N N 16  
7XL O2  C5   sing N N 17  
7XL C6  O3   sing N N 18  
7XL C6  C5   sing N N 19  
7XL C5  N3   sing N N 20  
7XL C4  N3   sing N N 21  
7XL C4  C3   doub N N 22  
7XL N3  C1   sing N N 23  
7XL C3  C2   sing N N 24  
7XL C1  O1   doub N N 25  
7XL C1  N1   sing N N 26  
7XL C2  N1   doub N N 27  
7XL C2  N2   sing N N 28  
7XL N2  H1   sing N N 29  
7XL N2  H2   sing N N 30  
7XL C3  H3   sing N N 31  
7XL C4  H4   sing N N 32  
7XL C5  H5   sing N N 33  
7XL C6  H6   sing N N 34  
7XL O3  H7   sing N N 35  
7XL C7  H8   sing N N 36  
7XL O4  H9   sing N N 37  
7XL C8  H10  sing N N 38  
7XL C9  H11  sing N N 39  
7XL C9  H12  sing N N 40  
7XL O7  H13  sing N N 41  
7XL O10 H14  sing N N 42  
7XL C10 H15  sing N N 43  
7XL C10 H16  sing N N 44  
7XL C11 H17  sing N N 45  
7XL C11 H18  sing N N 46  
7XL O11 H19  sing N N 47  
ALA N   CA   sing N N 48  
ALA N   H    sing N N 49  
ALA N   H2   sing N N 50  
ALA CA  C    sing N N 51  
ALA CA  CB   sing N N 52  
ALA CA  HA   sing N N 53  
ALA C   O    doub N N 54  
ALA C   OXT  sing N N 55  
ALA CB  HB1  sing N N 56  
ALA CB  HB2  sing N N 57  
ALA CB  HB3  sing N N 58  
ALA OXT HXT  sing N N 59  
ARG N   CA   sing N N 60  
ARG N   H    sing N N 61  
ARG N   H2   sing N N 62  
ARG CA  C    sing N N 63  
ARG CA  CB   sing N N 64  
ARG CA  HA   sing N N 65  
ARG C   O    doub N N 66  
ARG C   OXT  sing N N 67  
ARG CB  CG   sing N N 68  
ARG CB  HB2  sing N N 69  
ARG CB  HB3  sing N N 70  
ARG CG  CD   sing N N 71  
ARG CG  HG2  sing N N 72  
ARG CG  HG3  sing N N 73  
ARG CD  NE   sing N N 74  
ARG CD  HD2  sing N N 75  
ARG CD  HD3  sing N N 76  
ARG NE  CZ   sing N N 77  
ARG NE  HE   sing N N 78  
ARG CZ  NH1  sing N N 79  
ARG CZ  NH2  doub N N 80  
ARG NH1 HH11 sing N N 81  
ARG NH1 HH12 sing N N 82  
ARG NH2 HH21 sing N N 83  
ARG NH2 HH22 sing N N 84  
ARG OXT HXT  sing N N 85  
ASN N   CA   sing N N 86  
ASN N   H    sing N N 87  
ASN N   H2   sing N N 88  
ASN CA  C    sing N N 89  
ASN CA  CB   sing N N 90  
ASN CA  HA   sing N N 91  
ASN C   O    doub N N 92  
ASN C   OXT  sing N N 93  
ASN CB  CG   sing N N 94  
ASN CB  HB2  sing N N 95  
ASN CB  HB3  sing N N 96  
ASN CG  OD1  doub N N 97  
ASN CG  ND2  sing N N 98  
ASN ND2 HD21 sing N N 99  
ASN ND2 HD22 sing N N 100 
ASN OXT HXT  sing N N 101 
ASP N   CA   sing N N 102 
ASP N   H    sing N N 103 
ASP N   H2   sing N N 104 
ASP CA  C    sing N N 105 
ASP CA  CB   sing N N 106 
ASP CA  HA   sing N N 107 
ASP C   O    doub N N 108 
ASP C   OXT  sing N N 109 
ASP CB  CG   sing N N 110 
ASP CB  HB2  sing N N 111 
ASP CB  HB3  sing N N 112 
ASP CG  OD1  doub N N 113 
ASP CG  OD2  sing N N 114 
ASP OD2 HD2  sing N N 115 
ASP OXT HXT  sing N N 116 
GLN N   CA   sing N N 117 
GLN N   H    sing N N 118 
GLN N   H2   sing N N 119 
GLN CA  C    sing N N 120 
GLN CA  CB   sing N N 121 
GLN CA  HA   sing N N 122 
GLN C   O    doub N N 123 
GLN C   OXT  sing N N 124 
GLN CB  CG   sing N N 125 
GLN CB  HB2  sing N N 126 
GLN CB  HB3  sing N N 127 
GLN CG  CD   sing N N 128 
GLN CG  HG2  sing N N 129 
GLN CG  HG3  sing N N 130 
GLN CD  OE1  doub N N 131 
GLN CD  NE2  sing N N 132 
GLN NE2 HE21 sing N N 133 
GLN NE2 HE22 sing N N 134 
GLN OXT HXT  sing N N 135 
GLU N   CA   sing N N 136 
GLU N   H    sing N N 137 
GLU N   H2   sing N N 138 
GLU CA  C    sing N N 139 
GLU CA  CB   sing N N 140 
GLU CA  HA   sing N N 141 
GLU C   O    doub N N 142 
GLU C   OXT  sing N N 143 
GLU CB  CG   sing N N 144 
GLU CB  HB2  sing N N 145 
GLU CB  HB3  sing N N 146 
GLU CG  CD   sing N N 147 
GLU CG  HG2  sing N N 148 
GLU CG  HG3  sing N N 149 
GLU CD  OE1  doub N N 150 
GLU CD  OE2  sing N N 151 
GLU OE2 HE2  sing N N 152 
GLU OXT HXT  sing N N 153 
GLY N   CA   sing N N 154 
GLY N   H    sing N N 155 
GLY N   H2   sing N N 156 
GLY CA  C    sing N N 157 
GLY CA  HA2  sing N N 158 
GLY CA  HA3  sing N N 159 
GLY C   O    doub N N 160 
GLY C   OXT  sing N N 161 
GLY OXT HXT  sing N N 162 
HIS N   CA   sing N N 163 
HIS N   H    sing N N 164 
HIS N   H2   sing N N 165 
HIS CA  C    sing N N 166 
HIS CA  CB   sing N N 167 
HIS CA  HA   sing N N 168 
HIS C   O    doub N N 169 
HIS C   OXT  sing N N 170 
HIS CB  CG   sing N N 171 
HIS CB  HB2  sing N N 172 
HIS CB  HB3  sing N N 173 
HIS CG  ND1  sing Y N 174 
HIS CG  CD2  doub Y N 175 
HIS ND1 CE1  doub Y N 176 
HIS ND1 HD1  sing N N 177 
HIS CD2 NE2  sing Y N 178 
HIS CD2 HD2  sing N N 179 
HIS CE1 NE2  sing Y N 180 
HIS CE1 HE1  sing N N 181 
HIS NE2 HE2  sing N N 182 
HIS OXT HXT  sing N N 183 
HOH O   H1   sing N N 184 
HOH O   H2   sing N N 185 
ILE N   CA   sing N N 186 
ILE N   H    sing N N 187 
ILE N   H2   sing N N 188 
ILE CA  C    sing N N 189 
ILE CA  CB   sing N N 190 
ILE CA  HA   sing N N 191 
ILE C   O    doub N N 192 
ILE C   OXT  sing N N 193 
ILE CB  CG1  sing N N 194 
ILE CB  CG2  sing N N 195 
ILE CB  HB   sing N N 196 
ILE CG1 CD1  sing N N 197 
ILE CG1 HG12 sing N N 198 
ILE CG1 HG13 sing N N 199 
ILE CG2 HG21 sing N N 200 
ILE CG2 HG22 sing N N 201 
ILE CG2 HG23 sing N N 202 
ILE CD1 HD11 sing N N 203 
ILE CD1 HD12 sing N N 204 
ILE CD1 HD13 sing N N 205 
ILE OXT HXT  sing N N 206 
LEU N   CA   sing N N 207 
LEU N   H    sing N N 208 
LEU N   H2   sing N N 209 
LEU CA  C    sing N N 210 
LEU CA  CB   sing N N 211 
LEU CA  HA   sing N N 212 
LEU C   O    doub N N 213 
LEU C   OXT  sing N N 214 
LEU CB  CG   sing N N 215 
LEU CB  HB2  sing N N 216 
LEU CB  HB3  sing N N 217 
LEU CG  CD1  sing N N 218 
LEU CG  CD2  sing N N 219 
LEU CG  HG   sing N N 220 
LEU CD1 HD11 sing N N 221 
LEU CD1 HD12 sing N N 222 
LEU CD1 HD13 sing N N 223 
LEU CD2 HD21 sing N N 224 
LEU CD2 HD22 sing N N 225 
LEU CD2 HD23 sing N N 226 
LEU OXT HXT  sing N N 227 
LYS N   CA   sing N N 228 
LYS N   H    sing N N 229 
LYS N   H2   sing N N 230 
LYS CA  C    sing N N 231 
LYS CA  CB   sing N N 232 
LYS CA  HA   sing N N 233 
LYS C   O    doub N N 234 
LYS C   OXT  sing N N 235 
LYS CB  CG   sing N N 236 
LYS CB  HB2  sing N N 237 
LYS CB  HB3  sing N N 238 
LYS CG  CD   sing N N 239 
LYS CG  HG2  sing N N 240 
LYS CG  HG3  sing N N 241 
LYS CD  CE   sing N N 242 
LYS CD  HD2  sing N N 243 
LYS CD  HD3  sing N N 244 
LYS CE  NZ   sing N N 245 
LYS CE  HE2  sing N N 246 
LYS CE  HE3  sing N N 247 
LYS NZ  HZ1  sing N N 248 
LYS NZ  HZ2  sing N N 249 
LYS NZ  HZ3  sing N N 250 
LYS OXT HXT  sing N N 251 
MET N   CA   sing N N 252 
MET N   H    sing N N 253 
MET N   H2   sing N N 254 
MET CA  C    sing N N 255 
MET CA  CB   sing N N 256 
MET CA  HA   sing N N 257 
MET C   O    doub N N 258 
MET C   OXT  sing N N 259 
MET CB  CG   sing N N 260 
MET CB  HB2  sing N N 261 
MET CB  HB3  sing N N 262 
MET CG  SD   sing N N 263 
MET CG  HG2  sing N N 264 
MET CG  HG3  sing N N 265 
MET SD  CE   sing N N 266 
MET CE  HE1  sing N N 267 
MET CE  HE2  sing N N 268 
MET CE  HE3  sing N N 269 
MET OXT HXT  sing N N 270 
PHE N   CA   sing N N 271 
PHE N   H    sing N N 272 
PHE N   H2   sing N N 273 
PHE CA  C    sing N N 274 
PHE CA  CB   sing N N 275 
PHE CA  HA   sing N N 276 
PHE C   O    doub N N 277 
PHE C   OXT  sing N N 278 
PHE CB  CG   sing N N 279 
PHE CB  HB2  sing N N 280 
PHE CB  HB3  sing N N 281 
PHE CG  CD1  doub Y N 282 
PHE CG  CD2  sing Y N 283 
PHE CD1 CE1  sing Y N 284 
PHE CD1 HD1  sing N N 285 
PHE CD2 CE2  doub Y N 286 
PHE CD2 HD2  sing N N 287 
PHE CE1 CZ   doub Y N 288 
PHE CE1 HE1  sing N N 289 
PHE CE2 CZ   sing Y N 290 
PHE CE2 HE2  sing N N 291 
PHE CZ  HZ   sing N N 292 
PHE OXT HXT  sing N N 293 
PRO N   CA   sing N N 294 
PRO N   CD   sing N N 295 
PRO N   H    sing N N 296 
PRO CA  C    sing N N 297 
PRO CA  CB   sing N N 298 
PRO CA  HA   sing N N 299 
PRO C   O    doub N N 300 
PRO C   OXT  sing N N 301 
PRO CB  CG   sing N N 302 
PRO CB  HB2  sing N N 303 
PRO CB  HB3  sing N N 304 
PRO CG  CD   sing N N 305 
PRO CG  HG2  sing N N 306 
PRO CG  HG3  sing N N 307 
PRO CD  HD2  sing N N 308 
PRO CD  HD3  sing N N 309 
PRO OXT HXT  sing N N 310 
SER N   CA   sing N N 311 
SER N   H    sing N N 312 
SER N   H2   sing N N 313 
SER CA  C    sing N N 314 
SER CA  CB   sing N N 315 
SER CA  HA   sing N N 316 
SER C   O    doub N N 317 
SER C   OXT  sing N N 318 
SER CB  OG   sing N N 319 
SER CB  HB2  sing N N 320 
SER CB  HB3  sing N N 321 
SER OG  HG   sing N N 322 
SER OXT HXT  sing N N 323 
THR N   CA   sing N N 324 
THR N   H    sing N N 325 
THR N   H2   sing N N 326 
THR CA  C    sing N N 327 
THR CA  CB   sing N N 328 
THR CA  HA   sing N N 329 
THR C   O    doub N N 330 
THR C   OXT  sing N N 331 
THR CB  OG1  sing N N 332 
THR CB  CG2  sing N N 333 
THR CB  HB   sing N N 334 
THR OG1 HG1  sing N N 335 
THR CG2 HG21 sing N N 336 
THR CG2 HG22 sing N N 337 
THR CG2 HG23 sing N N 338 
THR OXT HXT  sing N N 339 
TRP N   CA   sing N N 340 
TRP N   H    sing N N 341 
TRP N   H2   sing N N 342 
TRP CA  C    sing N N 343 
TRP CA  CB   sing N N 344 
TRP CA  HA   sing N N 345 
TRP C   O    doub N N 346 
TRP C   OXT  sing N N 347 
TRP CB  CG   sing N N 348 
TRP CB  HB2  sing N N 349 
TRP CB  HB3  sing N N 350 
TRP CG  CD1  doub Y N 351 
TRP CG  CD2  sing Y N 352 
TRP CD1 NE1  sing Y N 353 
TRP CD1 HD1  sing N N 354 
TRP CD2 CE2  doub Y N 355 
TRP CD2 CE3  sing Y N 356 
TRP NE1 CE2  sing Y N 357 
TRP NE1 HE1  sing N N 358 
TRP CE2 CZ2  sing Y N 359 
TRP CE3 CZ3  doub Y N 360 
TRP CE3 HE3  sing N N 361 
TRP CZ2 CH2  doub Y N 362 
TRP CZ2 HZ2  sing N N 363 
TRP CZ3 CH2  sing Y N 364 
TRP CZ3 HZ3  sing N N 365 
TRP CH2 HH2  sing N N 366 
TRP OXT HXT  sing N N 367 
TYR N   CA   sing N N 368 
TYR N   H    sing N N 369 
TYR N   H2   sing N N 370 
TYR CA  C    sing N N 371 
TYR CA  CB   sing N N 372 
TYR CA  HA   sing N N 373 
TYR C   O    doub N N 374 
TYR C   OXT  sing N N 375 
TYR CB  CG   sing N N 376 
TYR CB  HB2  sing N N 377 
TYR CB  HB3  sing N N 378 
TYR CG  CD1  doub Y N 379 
TYR CG  CD2  sing Y N 380 
TYR CD1 CE1  sing Y N 381 
TYR CD1 HD1  sing N N 382 
TYR CD2 CE2  doub Y N 383 
TYR CD2 HD2  sing N N 384 
TYR CE1 CZ   doub Y N 385 
TYR CE1 HE1  sing N N 386 
TYR CE2 CZ   sing Y N 387 
TYR CE2 HE2  sing N N 388 
TYR CZ  OH   sing N N 389 
TYR OH  HH   sing N N 390 
TYR OXT HXT  sing N N 391 
VAL N   CA   sing N N 392 
VAL N   H    sing N N 393 
VAL N   H2   sing N N 394 
VAL CA  C    sing N N 395 
VAL CA  CB   sing N N 396 
VAL CA  HA   sing N N 397 
VAL C   O    doub N N 398 
VAL C   OXT  sing N N 399 
VAL CB  CG1  sing N N 400 
VAL CB  CG2  sing N N 401 
VAL CB  HB   sing N N 402 
VAL CG1 HG11 sing N N 403 
VAL CG1 HG12 sing N N 404 
VAL CG1 HG13 sing N N 405 
VAL CG2 HG21 sing N N 406 
VAL CG2 HG22 sing N N 407 
VAL CG2 HG23 sing N N 408 
VAL OXT HXT  sing N N 409 
# 
_atom_sites.entry_id                    5X3D 
_atom_sites.fract_transf_matrix[1][1]   0.01286990 
_atom_sites.fract_transf_matrix[1][2]   0.00163079 
_atom_sites.fract_transf_matrix[1][3]   0.00946297 
_atom_sites.fract_transf_matrix[2][1]   0.01136247 
_atom_sites.fract_transf_matrix[2][2]   -0.01134626 
_atom_sites.fract_transf_matrix[2][3]   0.00012672 
_atom_sites.fract_transf_matrix[3][1]   0.00439934 
_atom_sites.fract_transf_matrix[3][2]   0.00433046 
_atom_sites.fract_transf_matrix[3][3]   -0.00672951 
_atom_sites.fract_transf_vector[1]      0.225656 
_atom_sites.fract_transf_vector[2]      0.368350 
_atom_sites.fract_transf_vector[3]      0.044943 
# 
loop_
_atom_type.symbol 
C 
N 
O 
P 
S 
# 
loop_
_atom_site.group_PDB 
_atom_site.id 
_atom_site.type_symbol 
_atom_site.label_atom_id 
_atom_site.label_alt_id 
_atom_site.label_comp_id 
_atom_site.label_asym_id 
_atom_site.label_entity_id 
_atom_site.label_seq_id 
_atom_site.pdbx_PDB_ins_code 
_atom_site.Cartn_x 
_atom_site.Cartn_y 
_atom_site.Cartn_z 
_atom_site.occupancy 
_atom_site.B_iso_or_equiv 
_atom_site.pdbx_formal_charge 
_atom_site.auth_seq_id 
_atom_site.auth_comp_id 
_atom_site.auth_asym_id 
_atom_site.auth_atom_id 
_atom_site.pdbx_PDB_model_num 
ATOM   1    N N   . GLN A 1 23  ? 0.206   17.011  13.827  1.00 61.17 ? 2   GLN A N   1 
ATOM   2    C CA  . GLN A 1 23  ? 1.257   16.130  13.251  1.00 57.47 ? 2   GLN A CA  1 
ATOM   3    C C   . GLN A 1 23  ? 1.291   16.220  11.731  1.00 50.22 ? 2   GLN A C   1 
ATOM   4    O O   . GLN A 1 23  ? 0.422   16.824  11.090  1.00 49.77 ? 2   GLN A O   1 
ATOM   5    C CB  . GLN A 1 23  ? 1.049   14.651  13.685  1.00 67.41 ? 2   GLN A CB  1 
ATOM   6    C CG  . GLN A 1 23  ? 2.076   14.122  14.689  1.00 73.68 ? 2   GLN A CG  1 
ATOM   7    C CD  . GLN A 1 23  ? 3.518   14.378  14.248  1.00 78.90 ? 2   GLN A CD  1 
ATOM   8    O OE1 . GLN A 1 23  ? 3.994   13.809  13.261  1.00 71.63 ? 2   GLN A OE1 1 
ATOM   9    N NE2 . GLN A 1 23  ? 4.206   15.268  14.959  1.00 81.99 ? 2   GLN A NE2 1 
ATOM   10   N N   . ARG A 1 24  ? 2.285   15.560  11.164  1.00 45.16 ? 3   ARG A N   1 
ATOM   11   C CA  . ARG A 1 24  ? 2.434   15.470  9.724   1.00 41.41 ? 3   ARG A CA  1 
ATOM   12   C C   . ARG A 1 24  ? 1.299   14.643  9.124   1.00 36.97 ? 3   ARG A C   1 
ATOM   13   O O   . ARG A 1 24  ? 0.717   13.815  9.817   1.00 37.25 ? 3   ARG A O   1 
ATOM   14   C CB  . ARG A 1 24  ? 3.739   14.776  9.380   1.00 41.83 ? 3   ARG A CB  1 
ATOM   15   C CG  . ARG A 1 24  ? 4.951   15.485  9.929   1.00 44.76 ? 3   ARG A CG  1 
ATOM   16   C CD  . ARG A 1 24  ? 6.163   14.759  9.484   1.00 39.63 ? 3   ARG A CD  1 
ATOM   17   N NE  . ARG A 1 24  ? 6.630   15.206  8.174   1.00 34.73 ? 3   ARG A NE  1 
ATOM   18   C CZ  . ARG A 1 24  ? 7.085   14.413  7.208   1.00 36.90 ? 3   ARG A CZ  1 
ATOM   19   N NH1 . ARG A 1 24  ? 7.053   13.088  7.315   1.00 35.39 ? 3   ARG A NH1 1 
ATOM   20   N NH2 . ARG A 1 24  ? 7.569   14.943  6.099   1.00 34.02 ? 3   ARG A NH2 1 
ATOM   21   N N   . PRO A 1 25  ? 1.023   14.820  7.826   1.00 34.76 ? 4   PRO A N   1 
ATOM   22   C CA  . PRO A 1 25  ? 0.020   13.929  7.236   1.00 34.21 ? 4   PRO A CA  1 
ATOM   23   C C   . PRO A 1 25  ? 0.423   12.453  7.281   1.00 33.44 ? 4   PRO A C   1 
ATOM   24   O O   . PRO A 1 25  ? 1.608   12.128  7.388   1.00 32.93 ? 4   PRO A O   1 
ATOM   25   C CB  . PRO A 1 25  ? -0.123  14.439  5.802   1.00 33.61 ? 4   PRO A CB  1 
ATOM   26   C CG  . PRO A 1 25  ? 0.317   15.876  5.886   1.00 34.15 ? 4   PRO A CG  1 
ATOM   27   C CD  . PRO A 1 25  ? 1.394   15.919  6.912   1.00 33.19 ? 4   PRO A CD  1 
ATOM   28   N N   . ILE A 1 26  ? -0.593  11.596  7.211   1.00 31.96 ? 5   ILE A N   1 
ATOM   29   C CA  . ILE A 1 26  ? -0.440  10.154  7.254   1.00 33.12 ? 5   ILE A CA  1 
ATOM   30   C C   . ILE A 1 26  ? -0.647  9.633   5.852   1.00 28.81 ? 5   ILE A C   1 
ATOM   31   O O   . ILE A 1 26  ? -1.684  9.926   5.226   1.00 28.98 ? 5   ILE A O   1 
ATOM   32   C CB  . ILE A 1 26  ? -1.511  9.500   8.174   1.00 36.35 ? 5   ILE A CB  1 
ATOM   33   C CG1 . ILE A 1 26  ? -1.486  10.116  9.570   1.00 42.21 ? 5   ILE A CG1 1 
ATOM   34   C CG2 . ILE A 1 26  ? -1.367  7.965   8.186   1.00 36.35 ? 5   ILE A CG2 1 
ATOM   35   C CD1 . ILE A 1 26  ? -0.186  9.965   10.306  1.00 47.80 ? 5   ILE A CD1 1 
ATOM   36   N N   . VAL A 1 27  ? 0.317   8.850   5.373   1.00 26.27 ? 6   VAL A N   1 
ATOM   37   C CA  . VAL A 1 27  ? 0.334   8.334   4.030   1.00 26.99 ? 6   VAL A CA  1 
ATOM   38   C C   . VAL A 1 27  ? 0.258   6.814   4.075   1.00 27.88 ? 6   VAL A C   1 
ATOM   39   O O   . VAL A 1 27  ? 1.170   6.167   4.572   1.00 27.37 ? 6   VAL A O   1 
ATOM   40   C CB  . VAL A 1 27  ? 1.602   8.741   3.265   1.00 26.85 ? 6   VAL A CB  1 
ATOM   41   C CG1 . VAL A 1 27  ? 1.509   8.283   1.812   1.00 26.57 ? 6   VAL A CG1 1 
ATOM   42   C CG2 . VAL A 1 27  ? 1.799   10.267  3.356   1.00 30.55 ? 6   VAL A CG2 1 
ATOM   43   N N   . TYR A 1 28  ? -0.787  6.253   3.485   1.00 25.12 ? 7   TYR A N   1 
ATOM   44   C CA  . TYR A 1 28  ? -1.004  4.781   3.543   1.00 26.49 ? 7   TYR A CA  1 
ATOM   45   C C   . TYR A 1 28  ? -0.559  4.159   2.257   1.00 23.75 ? 7   TYR A C   1 
ATOM   46   O O   . TYR A 1 28  ? -0.915  4.617   1.172   1.00 25.69 ? 7   TYR A O   1 
ATOM   47   C CB  . TYR A 1 28  ? -2.478  4.457   3.841   1.00 25.70 ? 7   TYR A CB  1 
ATOM   48   C CG  . TYR A 1 28  ? -2.770  2.983   4.101   1.00 23.86 ? 7   TYR A CG  1 
ATOM   49   C CD1 . TYR A 1 28  ? -2.745  2.470   5.371   1.00 26.67 ? 7   TYR A CD1 1 
ATOM   50   C CD2 . TYR A 1 28  ? -3.117  2.131   3.066   1.00 25.79 ? 7   TYR A CD2 1 
ATOM   51   C CE1 . TYR A 1 28  ? -3.047  1.125   5.607   1.00 26.68 ? 7   TYR A CE1 1 
ATOM   52   C CE2 . TYR A 1 28  ? -3.426  0.788   3.293   1.00 26.93 ? 7   TYR A CE2 1 
ATOM   53   C CZ  . TYR A 1 28  ? -3.376  0.288   4.569   1.00 24.74 ? 7   TYR A CZ  1 
ATOM   54   O OH  . TYR A 1 28  ? -3.719  -1.058  4.769   1.00 26.94 ? 7   TYR A OH  1 
ATOM   55   N N   . VAL A 1 29  ? 0.285   3.141   2.376   1.00 22.63 ? 8   VAL A N   1 
ATOM   56   C CA  . VAL A 1 29  ? 0.839   2.444   1.218   1.00 23.90 ? 8   VAL A CA  1 
ATOM   57   C C   . VAL A 1 29  ? 0.629   0.924   1.386   1.00 24.51 ? 8   VAL A C   1 
ATOM   58   O O   . VAL A 1 29  ? 1.229   0.310   2.255   1.00 24.74 ? 8   VAL A O   1 
ATOM   59   C CB  . VAL A 1 29  ? 2.339   2.744   1.070   1.00 24.97 ? 8   VAL A CB  1 
ATOM   60   C CG1 . VAL A 1 29  ? 2.937   2.046   -0.140  1.00 26.23 ? 8   VAL A CG1 1 
ATOM   61   C CG2 . VAL A 1 29  ? 2.603   4.247   0.980   1.00 26.42 ? 8   VAL A CG2 1 
ATOM   62   N N   . GLY A 1 30  ? -0.229  0.345   0.556   1.00 24.71 ? 9   GLY A N   1 
ATOM   63   C CA  . GLY A 1 30  ? -0.479  -1.071  0.577   1.00 25.78 ? 9   GLY A CA  1 
ATOM   64   C C   . GLY A 1 30  ? 0.623   -1.790  -0.152  1.00 27.59 ? 9   GLY A C   1 
ATOM   65   O O   . GLY A 1 30  ? 1.037   -1.332  -1.207  1.00 25.91 ? 9   GLY A O   1 
ATOM   66   N N   . MET A 1 31  ? 1.068   -2.929  0.380   1.00 25.32 ? 10  MET A N   1 
ATOM   67   C CA  . MET A 1 31  ? 2.107   -3.721  -0.260  1.00 26.87 ? 10  MET A CA  1 
ATOM   68   C C   . MET A 1 31  ? 1.967   -5.180  0.049   1.00 28.90 ? 10  MET A C   1 
ATOM   69   O O   . MET A 1 31  ? 1.689   -5.533  1.189   1.00 27.93 ? 10  MET A O   1 
ATOM   70   C CB  . MET A 1 31  ? 3.490   -3.304  0.276   1.00 28.27 ? 10  MET A CB  1 
ATOM   71   C CG  . MET A 1 31  ? 3.813   -1.845  0.048   1.00 33.91 ? 10  MET A CG  1 
ATOM   72   S SD  . MET A 1 31  ? 5.549   -1.466  0.427   1.00 43.95 ? 10  MET A SD  1 
ATOM   73   C CE  . MET A 1 31  ? 6.388   -2.260  -0.928  1.00 46.39 ? 10  MET A CE  1 
ATOM   74   N N   . SER A 1 32  ? 2.205   -6.014  -0.956  1.00 29.78 ? 11  SER A N   1 
ATOM   75   C CA  . SER A 1 32  ? 2.549   -7.385  -0.690  1.00 34.24 ? 11  SER A CA  1 
ATOM   76   C C   . SER A 1 32  ? 4.037   -7.394  -0.278  1.00 36.65 ? 11  SER A C   1 
ATOM   77   O O   . SER A 1 32  ? 4.387   -7.889  0.791   1.00 34.74 ? 11  SER A O   1 
ATOM   78   C CB  . SER A 1 32  ? 2.290   -8.310  -1.867  1.00 36.62 ? 11  SER A CB  1 
ATOM   79   O OG  . SER A 1 32  ? 2.174   -7.634  -3.100  1.00 42.49 ? 11  SER A OG  1 
ATOM   80   N N   . ALA A 1 33  ? 4.888   -6.812  -1.120  1.00 35.59 ? 12  ALA A N   1 
ATOM   81   C CA  . ALA A 1 33  ? 6.319   -6.646  -0.779  1.00 40.31 ? 12  ALA A CA  1 
ATOM   82   C C   . ALA A 1 33  ? 6.967   -8.006  -0.564  1.00 37.46 ? 12  ALA A C   1 
ATOM   83   O O   . ALA A 1 33  ? 7.678   -8.198  0.430   1.00 38.97 ? 12  ALA A O   1 
ATOM   84   C CB  . ALA A 1 33  ? 6.495   -5.774  0.487   1.00 42.37 ? 12  ALA A CB  1 
ATOM   85   N N   . ASP A 1 34  ? 6.710   -8.964  -1.447  1.00 35.36 ? 13  ASP A N   1 
ATOM   86   C CA  . ASP A 1 34  ? 7.358   -10.270 -1.267  1.00 45.34 ? 13  ASP A CA  1 
ATOM   87   C C   . ASP A 1 34  ? 8.882   -10.181 -1.401  1.00 41.73 ? 13  ASP A C   1 
ATOM   88   O O   . ASP A 1 34  ? 9.593   -10.713 -0.570  1.00 50.72 ? 13  ASP A O   1 
ATOM   89   C CB  . ASP A 1 34  ? 6.812   -11.349 -2.206  1.00 52.95 ? 13  ASP A CB  1 
ATOM   90   C CG  . ASP A 1 34  ? 7.417   -12.734 -1.914  1.00 58.01 ? 13  ASP A CG  1 
ATOM   91   O OD1 . ASP A 1 34  ? 7.643   -13.078 -0.716  1.00 57.36 ? 13  ASP A OD1 1 
ATOM   92   O OD2 . ASP A 1 34  ? 7.684   -13.477 -2.889  1.00 67.65 ? 13  ASP A OD2 1 
ATOM   93   N N   . LEU A 1 35  ? 9.340   -9.525  -2.458  1.00 39.33 ? 14  LEU A N   1 
ATOM   94   C CA  . LEU A 1 35  ? 10.752  -9.259  -2.706  1.00 40.43 ? 14  LEU A CA  1 
ATOM   95   C C   . LEU A 1 35  ? 10.917  -7.793  -3.106  1.00 34.09 ? 14  LEU A C   1 
ATOM   96   O O   . LEU A 1 35  ? 10.401  -7.368  -4.139  1.00 37.45 ? 14  LEU A O   1 
ATOM   97   C CB  . LEU A 1 35  ? 11.284  -10.157 -3.824  1.00 41.78 ? 14  LEU A CB  1 
ATOM   98   C CG  . LEU A 1 35  ? 11.323  -11.657 -3.480  1.00 46.68 ? 14  LEU A CG  1 
ATOM   99   C CD1 . LEU A 1 35  ? 11.713  -12.491 -4.699  1.00 49.60 ? 14  LEU A CD1 1 
ATOM   100  C CD2 . LEU A 1 35  ? 12.245  -11.948 -2.299  1.00 48.67 ? 14  LEU A CD2 1 
ATOM   101  N N   . ILE A 1 36  ? 11.626  -7.030  -2.288  1.00 30.17 ? 15  ILE A N   1 
ATOM   102  C CA  . ILE A 1 36  ? 11.707  -5.554  -2.467  1.00 30.98 ? 15  ILE A CA  1 
ATOM   103  C C   . ILE A 1 36  ? 12.600  -5.218  -3.675  1.00 30.79 ? 15  ILE A C   1 
ATOM   104  O O   . ILE A 1 36  ? 13.681  -5.751  -3.793  1.00 29.14 ? 15  ILE A O   1 
ATOM   105  C CB  . ILE A 1 36  ? 12.215  -4.841  -1.203  1.00 31.19 ? 15  ILE A CB  1 
ATOM   106  C CG1 . ILE A 1 36  ? 11.314  -5.103  -0.008  1.00 36.77 ? 15  ILE A CG1 1 
ATOM   107  C CG2 . ILE A 1 36  ? 12.355  -3.329  -1.434  1.00 32.65 ? 15  ILE A CG2 1 
ATOM   108  C CD1 . ILE A 1 36  ? 9.864   -4.737  -0.219  1.00 40.51 ? 15  ILE A CD1 1 
ATOM   109  N N   . HIS A 1 37  ? 12.156  -4.342  -4.569  1.00 30.22 ? 16  HIS A N   1 
ATOM   110  C CA  . HIS A 1 37  ? 12.951  -3.910  -5.717  1.00 31.67 ? 16  HIS A CA  1 
ATOM   111  C C   . HIS A 1 37  ? 12.762  -2.408  -5.923  1.00 28.59 ? 16  HIS A C   1 
ATOM   112  O O   . HIS A 1 37  ? 11.991  -1.774  -5.164  1.00 29.52 ? 16  HIS A O   1 
ATOM   113  C CB  . HIS A 1 37  ? 12.596  -4.757  -6.939  1.00 36.93 ? 16  HIS A CB  1 
ATOM   114  C CG  . HIS A 1 37  ? 11.154  -4.723  -7.275  1.00 35.45 ? 16  HIS A CG  1 
ATOM   115  N ND1 . HIS A 1 37  ? 10.546  -3.576  -7.717  1.00 38.31 ? 16  HIS A ND1 1 
ATOM   116  C CD2 . HIS A 1 37  ? 10.195  -5.678  -7.240  1.00 40.73 ? 16  HIS A CD2 1 
ATOM   117  C CE1 . HIS A 1 37  ? 9.264   -3.811  -7.918  1.00 42.15 ? 16  HIS A CE1 1 
ATOM   118  N NE2 . HIS A 1 37  ? 9.025   -5.081  -7.648  1.00 43.29 ? 16  HIS A NE2 1 
ATOM   119  N N   . PRO A 1 38  ? 13.441  -1.823  -6.915  1.00 27.54 ? 17  PRO A N   1 
ATOM   120  C CA  . PRO A 1 38  ? 13.383  -0.386  -6.982  1.00 27.08 ? 17  PRO A CA  1 
ATOM   121  C C   . PRO A 1 38  ? 11.997  0.261   -7.276  1.00 29.35 ? 17  PRO A C   1 
ATOM   122  O O   . PRO A 1 38  ? 11.809  1.432   -6.951  1.00 30.41 ? 17  PRO A O   1 
ATOM   123  C CB  . PRO A 1 38  ? 14.391  -0.060  -8.080  1.00 29.48 ? 17  PRO A CB  1 
ATOM   124  C CG  . PRO A 1 38  ? 15.392  -1.169  -8.002  1.00 29.54 ? 17  PRO A CG  1 
ATOM   125  C CD  . PRO A 1 38  ? 14.492  -2.342  -7.820  1.00 30.15 ? 17  PRO A CD  1 
ATOM   126  N N   . GLY A 1 39  ? 11.079  -0.472  -7.898  1.00 29.45 ? 18  GLY A N   1 
ATOM   127  C CA  . GLY A 1 39  ? 9.661   -0.050  -8.021  1.00 30.61 ? 18  GLY A CA  1 
ATOM   128  C C   . GLY A 1 39  ? 9.056   0.285   -6.669  1.00 28.48 ? 18  GLY A C   1 
ATOM   129  O O   . GLY A 1 39  ? 8.468   1.342   -6.497  1.00 27.89 ? 18  GLY A O   1 
ATOM   130  N N   . HIS A 1 40  ? 9.253   -0.594  -5.691  1.00 28.91 ? 19  HIS A N   1 
ATOM   131  C CA  . HIS A 1 40  ? 8.794   -0.357  -4.313  1.00 29.88 ? 19  HIS A CA  1 
ATOM   132  C C   . HIS A 1 40  ? 9.444   0.848   -3.678  1.00 30.77 ? 19  HIS A C   1 
ATOM   133  O O   . HIS A 1 40  ? 8.794   1.641   -3.011  1.00 29.96 ? 19  HIS A O   1 
ATOM   134  C CB  . HIS A 1 40  ? 9.052   -1.555  -3.440  1.00 34.67 ? 19  HIS A CB  1 
ATOM   135  C CG  . HIS A 1 40  ? 8.423   -2.804  -3.966  1.00 36.18 ? 19  HIS A CG  1 
ATOM   136  N ND1 . HIS A 1 40  ? 9.094   -3.989  -4.047  1.00 37.23 ? 19  HIS A ND1 1 
ATOM   137  C CD2 . HIS A 1 40  ? 7.202   -3.034  -4.500  1.00 41.70 ? 19  HIS A CD2 1 
ATOM   138  C CE1 . HIS A 1 40  ? 8.303   -4.923  -4.550  1.00 41.01 ? 19  HIS A CE1 1 
ATOM   139  N NE2 . HIS A 1 40  ? 7.143   -4.365  -4.834  1.00 39.93 ? 19  HIS A NE2 1 
ATOM   140  N N   . ILE A 1 41  ? 10.750  0.955   -3.875  1.00 31.59 ? 20  ILE A N   1 
ATOM   141  C CA  . ILE A 1 41  ? 11.510  2.073   -3.365  1.00 30.34 ? 20  ILE A CA  1 
ATOM   142  C C   . ILE A 1 41  ? 10.987  3.388   -3.933  1.00 26.88 ? 20  ILE A C   1 
ATOM   143  O O   . ILE A 1 41  ? 10.869  4.368   -3.198  1.00 27.79 ? 20  ILE A O   1 
ATOM   144  C CB  . ILE A 1 41  ? 13.024  1.933   -3.684  1.00 30.23 ? 20  ILE A CB  1 
ATOM   145  C CG1 . ILE A 1 41  ? 13.602  0.642   -3.044  1.00 31.50 ? 20  ILE A CG1 1 
ATOM   146  C CG2 . ILE A 1 41  ? 13.784  3.170   -3.209  1.00 32.05 ? 20  ILE A CG2 1 
ATOM   147  C CD1 . ILE A 1 41  ? 13.299  0.471   -1.565  1.00 32.61 ? 20  ILE A CD1 1 
ATOM   148  N N   . ASN A 1 42  ? 10.692  3.395   -5.232  1.00 26.88 ? 21  ASN A N   1 
ATOM   149  C CA  . ASN A 1 42  ? 10.106  4.558   -5.891  1.00 26.25 ? 21  ASN A CA  1 
ATOM   150  C C   . ASN A 1 42  ? 8.798   4.953   -5.223  1.00 26.61 ? 21  ASN A C   1 
ATOM   151  O O   . ASN A 1 42  ? 8.607   6.111   -4.861  1.00 25.37 ? 21  ASN A O   1 
ATOM   152  C CB  . ASN A 1 42  ? 9.914   4.294   -7.388  1.00 28.97 ? 21  ASN A CB  1 
ATOM   153  C CG  . ASN A 1 42  ? 9.554   5.559   -8.151  1.00 34.42 ? 21  ASN A CG  1 
ATOM   154  O OD1 . ASN A 1 42  ? 10.220  6.597   -8.018  1.00 35.02 ? 21  ASN A OD1 1 
ATOM   155  N ND2 . ASN A 1 42  ? 8.483   5.496   -8.934  1.00 33.57 ? 21  ASN A ND2 1 
ATOM   156  N N   . ILE A 1 43  ? 7.902   3.986   -5.039  1.00 26.24 ? 22  ILE A N   1 
ATOM   157  C CA  . ILE A 1 43  ? 6.638   4.265   -4.319  1.00 28.10 ? 22  ILE A CA  1 
ATOM   158  C C   . ILE A 1 43  ? 6.897   4.875   -2.978  1.00 26.78 ? 22  ILE A C   1 
ATOM   159  O O   . ILE A 1 43  ? 6.296   5.883   -2.633  1.00 27.03 ? 22  ILE A O   1 
ATOM   160  C CB  . ILE A 1 43  ? 5.769   2.995   -4.141  1.00 27.11 ? 22  ILE A CB  1 
ATOM   161  C CG1 . ILE A 1 43  ? 5.312   2.483   -5.497  1.00 29.43 ? 22  ILE A CG1 1 
ATOM   162  C CG2 . ILE A 1 43  ? 4.575   3.238   -3.232  1.00 29.46 ? 22  ILE A CG2 1 
ATOM   163  C CD1 . ILE A 1 43  ? 4.467   3.465   -6.307  1.00 33.05 ? 22  ILE A CD1 1 
ATOM   164  N N   . LEU A 1 44  ? 7.805   4.279   -2.197  1.00 26.09 ? 23  LEU A N   1 
ATOM   165  C CA  . LEU A 1 44  ? 8.056   4.793   -0.863  1.00 27.44 ? 23  LEU A CA  1 
ATOM   166  C C   . LEU A 1 44  ? 8.699   6.165   -0.888  1.00 27.15 ? 23  LEU A C   1 
ATOM   167  O O   . LEU A 1 44  ? 8.430   6.982   -0.034  1.00 25.38 ? 23  LEU A O   1 
ATOM   168  C CB  . LEU A 1 44  ? 8.922   3.828   -0.027  1.00 29.25 ? 23  LEU A CB  1 
ATOM   169  C CG  . LEU A 1 44  ? 8.207   2.475   0.175   1.00 30.52 ? 23  LEU A CG  1 
ATOM   170  C CD1 . LEU A 1 44  ? 9.120   1.438   0.813   1.00 33.60 ? 23  LEU A CD1 1 
ATOM   171  C CD2 . LEU A 1 44  ? 6.961   2.674   1.007   1.00 30.91 ? 23  LEU A CD2 1 
ATOM   172  N N   . SER A 1 45  ? 9.543   6.403   -1.871  1.00 27.72 ? 24  SER A N   1 
ATOM   173  C CA  . SER A 1 45  ? 10.191  7.688   -1.974  1.00 29.60 ? 24  SER A CA  1 
ATOM   174  C C   . SER A 1 45  ? 9.163   8.786   -2.313  1.00 28.75 ? 24  SER A C   1 
ATOM   175  O O   . SER A 1 45  ? 9.135   9.845   -1.669  1.00 28.38 ? 24  SER A O   1 
ATOM   176  C CB  . SER A 1 45  ? 11.295  7.605   -3.029  1.00 33.21 ? 24  SER A CB  1 
ATOM   177  O OG  . SER A 1 45  ? 11.759  8.890   -3.291  1.00 38.27 ? 24  SER A OG  1 
ATOM   178  N N   . ARG A 1 46  ? 8.280   8.511   -3.271  1.00 28.73 ? 25  ARG A N   1 
ATOM   179  C CA  . ARG A 1 46  ? 7.155   9.419   -3.582  1.00 29.13 ? 25  ARG A CA  1 
ATOM   180  C C   . ARG A 1 46  ? 6.199   9.606   -2.384  1.00 29.32 ? 25  ARG A C   1 
ATOM   181  O O   . ARG A 1 46  ? 5.773   10.740  -2.057  1.00 26.53 ? 25  ARG A O   1 
ATOM   182  C CB  . ARG A 1 46  ? 6.400   8.917   -4.823  1.00 32.60 ? 25  ARG A CB  1 
ATOM   183  C CG  . ARG A 1 46  ? 7.181   8.937   -6.137  1.00 34.57 ? 25  ARG A CG  1 
ATOM   184  C CD  . ARG A 1 46  ? 7.452   10.359  -6.644  1.00 39.07 ? 25  ARG A CD  1 
ATOM   185  N NE  . ARG A 1 46  ? 6.220   11.172  -6.586  1.00 44.67 ? 25  ARG A NE  1 
ATOM   186  C CZ  . ARG A 1 46  ? 5.306   11.352  -7.556  1.00 49.14 ? 25  ARG A CZ  1 
ATOM   187  N NH1 . ARG A 1 46  ? 4.227   12.136  -7.314  1.00 47.74 ? 25  ARG A NH1 1 
ATOM   188  N NH2 . ARG A 1 46  ? 5.452   10.800  -8.768  1.00 49.56 ? 25  ARG A NH2 1 
ATOM   189  N N   . ALA A 1 47  ? 5.902   8.508   -1.666  1.00 25.17 ? 26  ALA A N   1 
ATOM   190  C CA  . ALA A 1 47  ? 5.022   8.600   -0.505  1.00 25.76 ? 26  ALA A CA  1 
ATOM   191  C C   . ALA A 1 47  ? 5.586   9.466   0.589   1.00 25.28 ? 26  ALA A C   1 
ATOM   192  O O   . ALA A 1 47  ? 4.859   10.212  1.283   1.00 27.56 ? 26  ALA A O   1 
ATOM   193  C CB  . ALA A 1 47  ? 4.729   7.202   0.054   1.00 26.39 ? 26  ALA A CB  1 
ATOM   194  N N   . ALA A 1 48  ? 6.893   9.344   0.810   1.00 25.81 ? 27  ALA A N   1 
ATOM   195  C CA  . ALA A 1 48  ? 7.542   10.152  1.867   1.00 26.61 ? 27  ALA A CA  1 
ATOM   196  C C   . ALA A 1 48  ? 7.461   11.668  1.645   1.00 26.40 ? 27  ALA A C   1 
ATOM   197  O O   . ALA A 1 48  ? 7.442   12.433  2.606   1.00 24.45 ? 27  ALA A O   1 
ATOM   198  C CB  . ALA A 1 48  ? 8.970   9.701   2.097   1.00 28.23 ? 27  ALA A CB  1 
ATOM   199  N N   . GLU A 1 49  ? 7.332   12.072  0.388   1.00 27.88 ? 28  GLU A N   1 
ATOM   200  C CA  . GLU A 1 49  ? 7.127   13.480  0.018   1.00 28.68 ? 28  GLU A CA  1 
ATOM   201  C C   . GLU A 1 49  ? 5.783   14.015  0.595   1.00 27.81 ? 28  GLU A C   1 
ATOM   202  O O   . GLU A 1 49  ? 5.633   15.219  0.855   1.00 25.31 ? 28  GLU A O   1 
ATOM   203  C CB  . GLU A 1 49  ? 7.160   13.614  -1.508  1.00 27.58 ? 28  GLU A CB  1 
ATOM   204  C CG  . GLU A 1 49  ? 8.441   13.190  -2.212  1.00 29.87 ? 28  GLU A CG  1 
ATOM   205  C CD  . GLU A 1 49  ? 8.433   13.498  -3.702  1.00 34.18 ? 28  GLU A CD  1 
ATOM   206  O OE1 . GLU A 1 49  ? 7.650   14.334  -4.180  1.00 38.14 ? 28  GLU A OE1 1 
ATOM   207  O OE2 . GLU A 1 49  ? 9.220   12.894  -4.418  1.00 39.82 ? 28  GLU A OE2 1 
ATOM   208  N N   . LEU A 1 50  ? 4.837   13.097  0.863   1.00 26.93 ? 29  LEU A N   1 
ATOM   209  C CA  . LEU A 1 50  ? 3.495   13.433  1.327   1.00 26.28 ? 29  LEU A CA  1 
ATOM   210  C C   . LEU A 1 50  ? 3.283   13.356  2.833   1.00 26.35 ? 29  LEU A C   1 
ATOM   211  O O   . LEU A 1 50  ? 2.259   13.861  3.330   1.00 26.31 ? 29  LEU A O   1 
ATOM   212  C CB  . LEU A 1 50  ? 2.453   12.530  0.642   1.00 26.74 ? 29  LEU A CB  1 
ATOM   213  C CG  . LEU A 1 50  ? 2.321   12.647  -0.871  1.00 28.19 ? 29  LEU A CG  1 
ATOM   214  C CD1 . LEU A 1 50  ? 1.615   11.420  -1.466  1.00 30.80 ? 29  LEU A CD1 1 
ATOM   215  C CD2 . LEU A 1 50  ? 1.589   13.943  -1.213  1.00 30.50 ? 29  LEU A CD2 1 
ATOM   216  N N   . GLY A 1 51  ? 4.207   12.704  3.556   1.00 27.14 ? 30  GLY A N   1 
ATOM   217  C CA  . GLY A 1 51  ? 4.103   12.620  5.025   1.00 28.31 ? 30  GLY A CA  1 
ATOM   218  C C   . GLY A 1 51  ? 4.660   11.331  5.596   1.00 28.91 ? 30  GLY A C   1 
ATOM   219  O O   . GLY A 1 51  ? 5.532   10.707  4.987   1.00 29.66 ? 30  GLY A O   1 
ATOM   220  N N   . ASP A 1 52  ? 4.156   10.939  6.766   1.00 27.75 ? 31  ASP A N   1 
ATOM   221  C CA  . ASP A 1 52  ? 4.671   9.747   7.485   1.00 28.22 ? 31  ASP A CA  1 
ATOM   222  C C   . ASP A 1 52  ? 3.989   8.502   6.934   1.00 27.62 ? 31  ASP A C   1 
ATOM   223  O O   . ASP A 1 52  ? 2.741   8.450   6.892   1.00 27.06 ? 31  ASP A O   1 
ATOM   224  C CB  . ASP A 1 52  ? 4.334   9.863   8.975   1.00 31.23 ? 31  ASP A CB  1 
ATOM   225  C CG  . ASP A 1 52  ? 5.167   10.913  9.699   1.00 33.20 ? 31  ASP A CG  1 
ATOM   226  O OD1 . ASP A 1 52  ? 6.318   11.166  9.303   1.00 32.62 ? 31  ASP A OD1 1 
ATOM   227  O OD2 . ASP A 1 52  ? 4.638   11.484  10.664  1.00 37.38 ? 31  ASP A OD2 1 
ATOM   228  N N   . ILE A 1 53  ? 4.771   7.509   6.521   1.00 26.52 ? 32  ILE A N   1 
ATOM   229  C CA  . ILE A 1 53  ? 4.238   6.354   5.839   1.00 27.74 ? 32  ILE A CA  1 
ATOM   230  C C   . ILE A 1 53  ? 3.806   5.271   6.843   1.00 27.16 ? 32  ILE A C   1 
ATOM   231  O O   . ILE A 1 53  ? 4.595   4.799   7.698   1.00 25.60 ? 32  ILE A O   1 
ATOM   232  C CB  . ILE A 1 53  ? 5.245   5.742   4.853   1.00 28.37 ? 32  ILE A CB  1 
ATOM   233  C CG1 . ILE A 1 53  ? 5.668   6.741   3.780   1.00 28.54 ? 32  ILE A CG1 1 
ATOM   234  C CG2 . ILE A 1 53  ? 4.689   4.467   4.195   1.00 26.59 ? 32  ILE A CG2 1 
ATOM   235  C CD1 . ILE A 1 53  ? 6.904   6.277   3.033   1.00 29.14 ? 32  ILE A CD1 1 
ATOM   236  N N   . THR A 1 54  ? 2.577   4.816   6.654   1.00 27.63 ? 33  THR A N   1 
ATOM   237  C CA  . THR A 1 54  ? 2.084   3.573   7.267   1.00 26.22 ? 33  THR A CA  1 
ATOM   238  C C   . THR A 1 54  ? 1.967   2.568   6.144   1.00 25.19 ? 33  THR A C   1 
ATOM   239  O O   . THR A 1 54  ? 1.256   2.800   5.180   1.00 27.11 ? 33  THR A O   1 
ATOM   240  C CB  . THR A 1 54  ? 0.722   3.777   7.969   1.00 27.83 ? 33  THR A CB  1 
ATOM   241  O OG1 . THR A 1 54  ? 0.916   4.609   9.084   1.00 26.11 ? 33  THR A OG1 1 
ATOM   242  C CG2 . THR A 1 54  ? 0.120   2.438   8.462   1.00 24.98 ? 33  THR A CG2 1 
ATOM   243  N N   . ILE A 1 55  ? 2.695   1.456   6.236   1.00 24.50 ? 34  ILE A N   1 
ATOM   244  C CA  . ILE A 1 55  ? 2.533   0.388   5.262   1.00 23.06 ? 34  ILE A CA  1 
ATOM   245  C C   . ILE A 1 55  ? 1.387   -0.510  5.706   1.00 25.33 ? 34  ILE A C   1 
ATOM   246  O O   . ILE A 1 55  ? 1.363   -0.944  6.860   1.00 25.66 ? 34  ILE A O   1 
ATOM   247  C CB  . ILE A 1 55  ? 3.786   -0.501  5.155   1.00 24.30 ? 34  ILE A CB  1 
ATOM   248  C CG1 . ILE A 1 55  ? 4.978   0.322   4.689   1.00 27.97 ? 34  ILE A CG1 1 
ATOM   249  C CG2 . ILE A 1 55  ? 3.594   -1.680  4.219   1.00 23.77 ? 34  ILE A CG2 1 
ATOM   250  C CD1 . ILE A 1 55  ? 4.941   0.721   3.266   1.00 32.13 ? 34  ILE A CD1 1 
ATOM   251  N N   . GLY A 1 56  ? 0.457   -0.770  4.784   1.00 24.18 ? 35  GLY A N   1 
ATOM   252  C CA  . GLY A 1 56  ? -0.583  -1.806  4.957   1.00 24.77 ? 35  GLY A CA  1 
ATOM   253  C C   . GLY A 1 56  ? 0.010   -3.045  4.350   1.00 22.66 ? 35  GLY A C   1 
ATOM   254  O O   . GLY A 1 56  ? 0.039   -3.189  3.140   1.00 23.90 ? 35  GLY A O   1 
ATOM   255  N N   . LEU A 1 57  ? 0.548   -3.906  5.168   1.00 23.25 ? 36  LEU A N   1 
ATOM   256  C CA  . LEU A 1 57  ? 1.231   -5.097  4.672   1.00 24.06 ? 36  LEU A CA  1 
ATOM   257  C C   . LEU A 1 57  ? 0.216   -6.200  4.503   1.00 24.57 ? 36  LEU A C   1 
ATOM   258  O O   . LEU A 1 57  ? -0.382  -6.658  5.485   1.00 24.14 ? 36  LEU A O   1 
ATOM   259  C CB  . LEU A 1 57  ? 2.334   -5.524  5.650   1.00 26.48 ? 36  LEU A CB  1 
ATOM   260  C CG  . LEU A 1 57  ? 3.252   -6.655  5.147   1.00 27.32 ? 36  LEU A CG  1 
ATOM   261  C CD1 . LEU A 1 57  ? 4.004   -6.278  3.872   1.00 28.22 ? 36  LEU A CD1 1 
ATOM   262  C CD2 . LEU A 1 57  ? 4.230   -7.045  6.232   1.00 29.80 ? 36  LEU A CD2 1 
ATOM   263  N N   . LEU A 1 58  ? 0.005   -6.622  3.279   1.00 23.85 ? 37  LEU A N   1 
ATOM   264  C CA  . LEU A 1 58  ? -1.075  -7.579  3.019   1.00 26.40 ? 37  LEU A CA  1 
ATOM   265  C C   . LEU A 1 58  ? -0.714  -8.962  3.556   1.00 28.43 ? 37  LEU A C   1 
ATOM   266  O O   . LEU A 1 58  ? 0.445   -9.417  3.453   1.00 27.66 ? 37  LEU A O   1 
ATOM   267  C CB  . LEU A 1 58  ? -1.445  -7.650  1.543   1.00 25.42 ? 37  LEU A CB  1 
ATOM   268  C CG  . LEU A 1 58  ? -2.496  -6.653  1.071   1.00 26.16 ? 37  LEU A CG  1 
ATOM   269  C CD1 . LEU A 1 58  ? -1.913  -5.237  1.043   1.00 25.74 ? 37  LEU A CD1 1 
ATOM   270  C CD2 . LEU A 1 58  ? -3.044  -7.061  -0.278  1.00 27.35 ? 37  LEU A CD2 1 
ATOM   271  N N   . THR A 1 59  ? -1.699  -9.613  4.176   1.00 25.94 ? 38  THR A N   1 
ATOM   272  C CA  . THR A 1 59  ? -1.514  -10.982 4.673   1.00 30.07 ? 38  THR A CA  1 
ATOM   273  C C   . THR A 1 59  ? -1.566  -11.978 3.537   1.00 29.09 ? 38  THR A C   1 
ATOM   274  O O   . THR A 1 59  ? -2.026  -11.675 2.421   1.00 28.59 ? 38  THR A O   1 
ATOM   275  C CB  . THR A 1 59  ? -2.614  -11.353 5.703   1.00 30.06 ? 38  THR A CB  1 
ATOM   276  O OG1 . THR A 1 59  ? -3.906  -11.239 5.077   1.00 28.48 ? 38  THR A OG1 1 
ATOM   277  C CG2 . THR A 1 59  ? -2.525  -10.420 6.877   1.00 30.69 ? 38  THR A CG2 1 
ATOM   278  N N   . ASP A 1 60  ? -1.148  -13.209 3.843   1.00 32.21 ? 39  ASP A N   1 
ATOM   279  C CA  . ASP A 1 60  ? -1.252  -14.325 2.903   1.00 32.32 ? 39  ASP A CA  1 
ATOM   280  C C   . ASP A 1 60  ? -2.625  -14.483 2.319   1.00 30.08 ? 39  ASP A C   1 
ATOM   281  O O   . ASP A 1 60  ? -2.786  -14.643 1.104   1.00 33.15 ? 39  ASP A O   1 
ATOM   282  C CB  . ASP A 1 60  ? -0.896  -15.650 3.605   1.00 37.90 ? 39  ASP A CB  1 
ATOM   283  C CG  . ASP A 1 60  ? 0.566   -15.904 3.644   1.00 39.64 ? 39  ASP A CG  1 
ATOM   284  O OD1 . ASP A 1 60  ? 1.275   -15.277 2.864   1.00 49.20 ? 39  ASP A OD1 1 
ATOM   285  O OD2 . ASP A 1 60  ? 1.030   -16.742 4.443   1.00 48.09 ? 39  ASP A OD2 1 
ATOM   286  N N   . ALA A 1 61  ? -3.619  -14.435 3.190   1.00 33.37 ? 40  ALA A N   1 
ATOM   287  C CA  . ALA A 1 61  ? -5.008  -14.618 2.781   1.00 33.69 ? 40  ALA A CA  1 
ATOM   288  C C   . ALA A 1 61  ? -5.416  -13.497 1.847   1.00 31.72 ? 40  ALA A C   1 
ATOM   289  O O   . ALA A 1 61  ? -6.023  -13.746 0.828   1.00 29.62 ? 40  ALA A O   1 
ATOM   290  C CB  . ALA A 1 61  ? -5.914  -14.713 3.989   1.00 36.35 ? 40  ALA A CB  1 
ATOM   291  N N   . ALA A 1 62  ? -5.016  -12.261 2.148   1.00 29.19 ? 41  ALA A N   1 
ATOM   292  C CA  . ALA A 1 62  ? -5.284  -11.141 1.249   1.00 26.64 ? 41  ALA A CA  1 
ATOM   293  C C   . ALA A 1 62  ? -4.670  -11.376 -0.134  1.00 27.41 ? 41  ALA A C   1 
ATOM   294  O O   . ALA A 1 62  ? -5.333  -11.241 -1.188  1.00 31.48 ? 41  ALA A O   1 
ATOM   295  C CB  . ALA A 1 62  ? -4.731  -9.853  1.873   1.00 27.01 ? 41  ALA A CB  1 
ATOM   296  N N   . ILE A 1 63  ? -3.387  -11.732 -0.136  1.00 28.21 ? 42  ILE A N   1 
ATOM   297  C CA  . ILE A 1 63  ? -2.632  -11.881 -1.369  1.00 31.50 ? 42  ILE A CA  1 
ATOM   298  C C   . ILE A 1 63  ? -3.158  -13.059 -2.195  1.00 32.61 ? 42  ILE A C   1 
ATOM   299  O O   . ILE A 1 63  ? -3.284  -12.962 -3.427  1.00 33.51 ? 42  ILE A O   1 
ATOM   300  C CB  . ILE A 1 63  ? -1.134  -12.078 -1.082  1.00 32.35 ? 42  ILE A CB  1 
ATOM   301  C CG1 . ILE A 1 63  ? -0.537  -10.805 -0.438  1.00 31.36 ? 42  ILE A CG1 1 
ATOM   302  C CG2 . ILE A 1 63  ? -0.383  -12.436 -2.372  1.00 34.13 ? 42  ILE A CG2 1 
ATOM   303  C CD1 . ILE A 1 63  ? 0.808   -11.057 0.262   1.00 33.43 ? 42  ILE A CD1 1 
ATOM   304  N N   . ALA A 1 64  ? -3.438  -14.164 -1.507  1.00 36.06 ? 43  ALA A N   1 
ATOM   305  C CA  . ALA A 1 64  ? -3.984  -15.359 -2.159  1.00 39.36 ? 43  ALA A CA  1 
ATOM   306  C C   . ALA A 1 64  ? -5.260  -15.056 -2.892  1.00 38.28 ? 43  ALA A C   1 
ATOM   307  O O   . ALA A 1 64  ? -5.508  -15.666 -3.934  1.00 40.78 ? 43  ALA A O   1 
ATOM   308  C CB  . ALA A 1 64  ? -4.198  -16.499 -1.179  1.00 41.39 ? 43  ALA A CB  1 
ATOM   309  N N   . SER A 1 65  ? -6.038  -14.087 -2.403  1.00 37.40 ? 44  SER A N   1 
ATOM   310  C CA  . SER A 1 65  ? -7.301  -13.754 -3.053  1.00 39.50 ? 44  SER A CA  1 
ATOM   311  C C   . SER A 1 65  ? -7.179  -13.167 -4.453  1.00 40.37 ? 44  SER A C   1 
ATOM   312  O O   . SER A 1 65  ? -8.152  -13.168 -5.169  1.00 39.31 ? 44  SER A O   1 
ATOM   313  C CB  . SER A 1 65  ? -8.182  -12.855 -2.177  1.00 42.59 ? 44  SER A CB  1 
ATOM   314  O OG  . SER A 1 65  ? -7.761  -11.503 -2.162  1.00 39.00 ? 44  SER A OG  1 
ATOM   315  N N   . TYR A 1 66  ? -6.018  -12.637 -4.841  1.00 36.95 ? 45  TYR A N   1 
ATOM   316  C CA  . TYR A 1 66  ? -5.884  -12.064 -6.178  1.00 36.15 ? 45  TYR A CA  1 
ATOM   317  C C   . TYR A 1 66  ? -4.624  -12.412 -6.934  1.00 36.63 ? 45  TYR A C   1 
ATOM   318  O O   . TYR A 1 66  ? -4.563  -12.171 -8.125  1.00 36.35 ? 45  TYR A O   1 
ATOM   319  C CB  . TYR A 1 66  ? -6.033  -10.533 -6.139  1.00 34.39 ? 45  TYR A CB  1 
ATOM   320  C CG  . TYR A 1 66  ? -4.891  -9.793  -5.438  1.00 31.04 ? 45  TYR A CG  1 
ATOM   321  C CD1 . TYR A 1 66  ? -4.813  -9.772  -4.064  1.00 28.36 ? 45  TYR A CD1 1 
ATOM   322  C CD2 . TYR A 1 66  ? -3.930  -9.067  -6.166  1.00 32.22 ? 45  TYR A CD2 1 
ATOM   323  C CE1 . TYR A 1 66  ? -3.818  -9.082  -3.389  1.00 27.85 ? 45  TYR A CE1 1 
ATOM   324  C CE2 . TYR A 1 66  ? -2.914  -8.363  -5.512  1.00 30.57 ? 45  TYR A CE2 1 
ATOM   325  C CZ  . TYR A 1 66  ? -2.846  -8.382  -4.115  1.00 28.28 ? 45  TYR A CZ  1 
ATOM   326  O OH  . TYR A 1 66  ? -1.835  -7.736  -3.427  1.00 28.22 ? 45  TYR A OH  1 
ATOM   327  N N   . LYS A 1 67  ? -3.611  -12.931 -6.267  1.00 36.99 ? 46  LYS A N   1 
ATOM   328  C CA  . LYS A 1 67  ? -2.419  -13.386 -6.972  1.00 38.79 ? 46  LYS A CA  1 
ATOM   329  C C   . LYS A 1 67  ? -1.774  -14.560 -6.238  1.00 37.76 ? 46  LYS A C   1 
ATOM   330  O O   . LYS A 1 67  ? -2.344  -15.099 -5.296  1.00 41.14 ? 46  LYS A O   1 
ATOM   331  C CB  . LYS A 1 67  ? -1.469  -12.200 -7.169  1.00 37.42 ? 46  LYS A CB  1 
ATOM   332  C CG  . LYS A 1 67  ? -0.907  -11.592 -5.899  1.00 37.78 ? 46  LYS A CG  1 
ATOM   333  C CD  . LYS A 1 67  ? -0.027  -10.391 -6.245  1.00 40.35 ? 46  LYS A CD  1 
ATOM   334  C CE  . LYS A 1 67  ? 0.681   -9.785  -5.047  1.00 42.18 ? 46  LYS A CE  1 
ATOM   335  N NZ  . LYS A 1 67  ? 1.396   -8.533  -5.449  1.00 47.59 ? 46  LYS A NZ  1 
ATOM   336  N N   . ARG A 1 68  ? -0.578  -14.940 -6.668  1.00 44.19 ? 47  ARG A N   1 
ATOM   337  C CA  . ARG A 1 68  ? 0.123   -16.079 -6.085  1.00 51.62 ? 47  ARG A CA  1 
ATOM   338  C C   . ARG A 1 68  ? 0.670   -15.694 -4.715  1.00 49.61 ? 47  ARG A C   1 
ATOM   339  O O   . ARG A 1 68  ? 0.984   -14.524 -4.455  1.00 39.92 ? 47  ARG A O   1 
ATOM   340  C CB  . ARG A 1 68  ? 1.240   -16.649 -6.988  1.00 56.16 ? 47  ARG A CB  1 
ATOM   341  C CG  . ARG A 1 68  ? 2.072   -15.642 -7.767  1.00 65.13 ? 47  ARG A CG  1 
ATOM   342  C CD  . ARG A 1 68  ? 1.443   -15.339 -9.132  1.00 71.57 ? 47  ARG A CD  1 
ATOM   343  N NE  . ARG A 1 68  ? 1.333   -13.894 -9.380  1.00 77.58 ? 47  ARG A NE  1 
ATOM   344  C CZ  . ARG A 1 68  ? 0.383   -13.295 -10.109 1.00 83.47 ? 47  ARG A CZ  1 
ATOM   345  N NH1 . ARG A 1 68  ? 0.409   -11.966 -10.249 1.00 80.73 ? 47  ARG A NH1 1 
ATOM   346  N NH2 . ARG A 1 68  ? -0.602  -13.990 -10.694 1.00 83.01 ? 47  ARG A NH2 1 
ATOM   347  N N   . LEU A 1 69  ? 0.759   -16.698 -3.851  1.00 46.75 ? 48  LEU A N   1 
ATOM   348  C CA  . LEU A 1 69  ? 1.207   -16.509 -2.468  1.00 49.47 ? 48  LEU A CA  1 
ATOM   349  C C   . LEU A 1 69  ? 2.684   -16.085 -2.497  1.00 46.84 ? 48  LEU A C   1 
ATOM   350  O O   . LEU A 1 69  ? 3.415   -16.482 -3.400  1.00 38.99 ? 48  LEU A O   1 
ATOM   351  C CB  . LEU A 1 69  ? 1.028   -17.813 -1.680  1.00 53.92 ? 48  LEU A CB  1 
ATOM   352  C CG  . LEU A 1 69  ? 0.558   -17.800 -0.230  1.00 61.30 ? 48  LEU A CG  1 
ATOM   353  C CD1 . LEU A 1 69  ? -0.865  -17.285 -0.166  1.00 64.69 ? 48  LEU A CD1 1 
ATOM   354  C CD2 . LEU A 1 69  ? 0.658   -19.186 0.395   1.00 65.53 ? 48  LEU A CD2 1 
ATOM   355  N N   . PRO A 1 70  ? 3.125   -15.256 -1.530  1.00 43.73 ? 49  PRO A N   1 
ATOM   356  C CA  . PRO A 1 70  ? 4.523   -14.876 -1.522  1.00 44.61 ? 49  PRO A CA  1 
ATOM   357  C C   . PRO A 1 70  ? 5.407   -16.011 -0.977  1.00 40.25 ? 49  PRO A C   1 
ATOM   358  O O   . PRO A 1 70  ? 4.905   -16.873 -0.252  1.00 37.56 ? 49  PRO A O   1 
ATOM   359  C CB  . PRO A 1 70  ? 4.529   -13.662 -0.585  1.00 46.03 ? 49  PRO A CB  1 
ATOM   360  C CG  . PRO A 1 70  ? 3.433   -13.907 0.358   1.00 45.95 ? 49  PRO A CG  1 
ATOM   361  C CD  . PRO A 1 70  ? 2.416   -14.753 -0.337  1.00 47.78 ? 49  PRO A CD  1 
ATOM   362  N N   . HIS A 1 71  ? 6.694   -16.018 -1.328  1.00 45.32 ? 50  HIS A N   1 
ATOM   363  C CA  . HIS A 1 71  ? 7.672   -16.974 -0.753  1.00 44.20 ? 50  HIS A CA  1 
ATOM   364  C C   . HIS A 1 71  ? 7.891   -16.703 0.737   1.00 43.22 ? 50  HIS A C   1 
ATOM   365  O O   . HIS A 1 71  ? 7.928   -17.639 1.529   1.00 41.51 ? 50  HIS A O   1 
ATOM   366  C CB  . HIS A 1 71  ? 9.010   -16.923 -1.501  1.00 57.21 ? 50  HIS A CB  1 
ATOM   367  C CG  . HIS A 1 71  ? 8.970   -17.490 -2.895  1.00 66.86 ? 50  HIS A CG  1 
ATOM   368  N ND1 . HIS A 1 71  ? 7.831   -17.515 -3.677  1.00 73.15 ? 50  HIS A ND1 1 
ATOM   369  C CD2 . HIS A 1 71  ? 9.956   -18.021 -3.660  1.00 73.84 ? 50  HIS A CD2 1 
ATOM   370  C CE1 . HIS A 1 71  ? 8.112   -18.052 -4.853  1.00 73.90 ? 50  HIS A CE1 1 
ATOM   371  N NE2 . HIS A 1 71  ? 9.395   -18.366 -4.868  1.00 75.78 ? 50  HIS A NE2 1 
ATOM   372  N N   . MET A 1 72  ? 7.978   -15.426 1.130   1.00 34.06 ? 51  MET A N   1 
ATOM   373  C CA  . MET A 1 72  ? 8.226   -15.069 2.520   1.00 34.48 ? 51  MET A CA  1 
ATOM   374  C C   . MET A 1 72  ? 6.930   -14.909 3.296   1.00 35.01 ? 51  MET A C   1 
ATOM   375  O O   . MET A 1 72  ? 5.954   -14.434 2.744   1.00 35.57 ? 51  MET A O   1 
ATOM   376  C CB  . MET A 1 72  ? 9.005   -13.746 2.604   1.00 36.57 ? 51  MET A CB  1 
ATOM   377  C CG  . MET A 1 72  ? 10.157  -13.579 1.631   1.00 45.69 ? 51  MET A CG  1 
ATOM   378  S SD  . MET A 1 72  ? 11.505  -12.636 2.410   1.00 55.84 ? 51  MET A SD  1 
ATOM   379  C CE  . MET A 1 72  ? 12.190  -14.038 3.280   1.00 54.94 ? 51  MET A CE  1 
ATOM   380  N N   . THR A 1 73  ? 6.987   -15.203 4.595   1.00 35.34 ? 52  THR A N   1 
ATOM   381  C CA  . THR A 1 73  ? 5.848   -15.122 5.505   1.00 38.87 ? 52  THR A CA  1 
ATOM   382  C C   . THR A 1 73  ? 5.567   -13.662 5.829   1.00 38.45 ? 52  THR A C   1 
ATOM   383  O O   . THR A 1 73  ? 6.396   -12.795 5.529   1.00 29.93 ? 52  THR A O   1 
ATOM   384  C CB  . THR A 1 73  ? 6.120   -15.846 6.852   1.00 38.94 ? 52  THR A CB  1 
ATOM   385  O OG1 . THR A 1 73  ? 7.208   -15.217 7.553   1.00 37.23 ? 52  THR A OG1 1 
ATOM   386  C CG2 . THR A 1 73  ? 6.463   -17.323 6.643   1.00 41.04 ? 52  THR A CG2 1 
ATOM   387  N N   . TYR A 1 74  ? 4.423   -13.401 6.461   1.00 33.22 ? 53  TYR A N   1 
ATOM   388  C CA  . TYR A 1 74  ? 4.090   -12.042 6.893   1.00 33.09 ? 53  TYR A CA  1 
ATOM   389  C C   . TYR A 1 74  ? 5.186   -11.458 7.775   1.00 32.25 ? 53  TYR A C   1 
ATOM   390  O O   . TYR A 1 74  ? 5.648   -10.340 7.513   1.00 29.32 ? 53  TYR A O   1 
ATOM   391  C CB  . TYR A 1 74  ? 2.736   -11.971 7.637   1.00 34.35 ? 53  TYR A CB  1 
ATOM   392  C CG  . TYR A 1 74  ? 2.377   -10.588 8.123   1.00 29.65 ? 53  TYR A CG  1 
ATOM   393  C CD1 . TYR A 1 74  ? 2.808   -10.118 9.341   1.00 31.10 ? 53  TYR A CD1 1 
ATOM   394  C CD2 . TYR A 1 74  ? 1.604   -9.726  7.333   1.00 29.96 ? 53  TYR A CD2 1 
ATOM   395  C CE1 . TYR A 1 74  ? 2.501   -8.836  9.776   1.00 31.76 ? 53  TYR A CE1 1 
ATOM   396  C CE2 . TYR A 1 74  ? 1.259   -8.472  7.780   1.00 28.34 ? 53  TYR A CE2 1 
ATOM   397  C CZ  . TYR A 1 74  ? 1.712   -8.024  8.987   1.00 29.30 ? 53  TYR A CZ  1 
ATOM   398  O OH  . TYR A 1 74  ? 1.387   -6.763  9.406   1.00 31.67 ? 53  TYR A OH  1 
ATOM   399  N N   . GLU A 1 75  ? 5.610   -12.200 8.807   1.00 31.10 ? 54  GLU A N   1 
ATOM   400  C CA  . GLU A 1 75  ? 6.655   -11.686 9.711   1.00 33.43 ? 54  GLU A CA  1 
ATOM   401  C C   . GLU A 1 75  ? 7.988   -11.418 9.017   1.00 30.29 ? 54  GLU A C   1 
ATOM   402  O O   . GLU A 1 75  ? 8.674   -10.452 9.360   1.00 32.38 ? 54  GLU A O   1 
ATOM   403  C CB  . GLU A 1 75  ? 6.864   -12.596 10.942  1.00 39.61 ? 54  GLU A CB  1 
ATOM   404  C CG  . GLU A 1 75  ? 5.735   -12.481 11.977  1.00 47.62 ? 54  GLU A CG  1 
ATOM   405  C CD  . GLU A 1 75  ? 5.570   -11.088 12.612  1.00 49.72 ? 54  GLU A CD  1 
ATOM   406  O OE1 . GLU A 1 75  ? 4.433   -10.586 12.685  1.00 45.13 ? 54  GLU A OE1 1 
ATOM   407  O OE2 . GLU A 1 75  ? 6.561   -10.487 13.073  1.00 59.00 ? 54  GLU A OE2 1 
ATOM   408  N N   . GLN A 1 76  ? 8.351   -12.268 8.062   1.00 30.54 ? 55  GLN A N   1 
ATOM   409  C CA  . GLN A 1 76  ? 9.561   -12.046 7.229   1.00 32.67 ? 55  GLN A CA  1 
ATOM   410  C C   . GLN A 1 76  ? 9.442   -10.768 6.385   1.00 28.98 ? 55  GLN A C   1 
ATOM   411  O O   . GLN A 1 76  ? 10.341  -9.928  6.368   1.00 28.92 ? 55  GLN A O   1 
ATOM   412  C CB  . GLN A 1 76  ? 9.807   -13.224 6.322   1.00 33.95 ? 55  GLN A CB  1 
ATOM   413  C CG  . GLN A 1 76  ? 10.217  -14.482 7.099   1.00 34.74 ? 55  GLN A CG  1 
ATOM   414  C CD  . GLN A 1 76  ? 10.430  -15.663 6.182   1.00 37.13 ? 55  GLN A CD  1 
ATOM   415  O OE1 . GLN A 1 76  ? 9.625   -15.926 5.290   1.00 37.63 ? 55  GLN A OE1 1 
ATOM   416  N NE2 . GLN A 1 76  ? 11.553  -16.368 6.367   1.00 39.41 ? 55  GLN A NE2 1 
ATOM   417  N N   . ARG A 1 77  ? 8.320   -10.614 5.703   1.00 26.63 ? 56  ARG A N   1 
ATOM   418  C CA  . ARG A 1 77  ? 8.089   -9.393  4.908   1.00 27.46 ? 56  ARG A CA  1 
ATOM   419  C C   . ARG A 1 77  ? 8.046   -8.155  5.753   1.00 26.45 ? 56  ARG A C   1 
ATOM   420  O O   . ARG A 1 77  ? 8.584   -7.113  5.362   1.00 26.15 ? 56  ARG A O   1 
ATOM   421  C CB  . ARG A 1 77  ? 6.830   -9.520  4.046   1.00 27.62 ? 56  ARG A CB  1 
ATOM   422  C CG  . ARG A 1 77  ? 6.971   -10.606 3.010   1.00 29.28 ? 56  ARG A CG  1 
ATOM   423  C CD  . ARG A 1 77  ? 5.779   -10.760 2.101   1.00 30.83 ? 56  ARG A CD  1 
ATOM   424  N NE  . ARG A 1 77  ? 4.626   -11.324 2.764   1.00 31.36 ? 56  ARG A NE  1 
ATOM   425  C CZ  . ARG A 1 77  ? 3.441   -10.736 2.968   1.00 31.52 ? 56  ARG A CZ  1 
ATOM   426  N NH1 . ARG A 1 77  ? 2.480   -11.437 3.559   1.00 29.73 ? 56  ARG A NH1 1 
ATOM   427  N NH2 . ARG A 1 77  ? 3.187   -9.490  2.589   1.00 31.55 ? 56  ARG A NH2 1 
ATOM   428  N N   . LYS A 1 78  ? 7.439   -8.248  6.925   1.00 25.94 ? 57  LYS A N   1 
ATOM   429  C CA  . LYS A 1 78  ? 7.424   -7.123  7.860   1.00 28.41 ? 57  LYS A CA  1 
ATOM   430  C C   . LYS A 1 78  ? 8.817   -6.717  8.367   1.00 29.25 ? 57  LYS A C   1 
ATOM   431  O O   . LYS A 1 78  ? 9.092   -5.533  8.510   1.00 25.21 ? 57  LYS A O   1 
ATOM   432  C CB  . LYS A 1 78  ? 6.507   -7.399  9.038   1.00 28.29 ? 57  LYS A CB  1 
ATOM   433  C CG  . LYS A 1 78  ? 6.555   -6.330  10.109  1.00 32.81 ? 57  LYS A CG  1 
ATOM   434  C CD  . LYS A 1 78  ? 5.465   -6.509  11.129  1.00 37.04 ? 57  LYS A CD  1 
ATOM   435  C CE  . LYS A 1 78  ? 5.448   -5.322  12.064  1.00 41.23 ? 57  LYS A CE  1 
ATOM   436  N NZ  . LYS A 1 78  ? 5.003   -5.714  13.405  1.00 45.43 ? 57  LYS A NZ  1 
ATOM   437  N N   . ALA A 1 79  ? 9.654   -7.697  8.693   1.00 30.05 ? 58  ALA A N   1 
ATOM   438  C CA  . ALA A 1 79  ? 11.037  -7.422  9.120   1.00 28.67 ? 58  ALA A CA  1 
ATOM   439  C C   . ALA A 1 79  ? 11.787  -6.592  8.081   1.00 27.78 ? 58  ALA A C   1 
ATOM   440  O O   . ALA A 1 79  ? 12.519  -5.672  8.425   1.00 28.27 ? 58  ALA A O   1 
ATOM   441  C CB  . ALA A 1 79  ? 11.772  -8.730  9.358   1.00 28.88 ? 58  ALA A CB  1 
ATOM   442  N N   . VAL A 1 80  ? 11.576  -6.893  6.800   1.00 25.43 ? 59  VAL A N   1 
ATOM   443  C CA  . VAL A 1 80  ? 12.180  -6.094  5.753   1.00 25.47 ? 59  VAL A CA  1 
ATOM   444  C C   . VAL A 1 80  ? 11.535  -4.716  5.667   1.00 27.19 ? 59  VAL A C   1 
ATOM   445  O O   . VAL A 1 80  ? 12.248  -3.692  5.692   1.00 26.74 ? 59  VAL A O   1 
ATOM   446  C CB  . VAL A 1 80  ? 12.123  -6.800  4.387   1.00 28.97 ? 59  VAL A CB  1 
ATOM   447  C CG1 . VAL A 1 80  ? 12.673  -5.908  3.290   1.00 27.85 ? 59  VAL A CG1 1 
ATOM   448  C CG2 . VAL A 1 80  ? 12.887  -8.127  4.430   1.00 29.19 ? 59  VAL A CG2 1 
ATOM   449  N N   . VAL A 1 81  ? 10.205  -4.660  5.478   1.00 24.88 ? 60  VAL A N   1 
ATOM   450  C CA  . VAL A 1 81  ? 9.593   -3.364  5.123   1.00 27.98 ? 60  VAL A CA  1 
ATOM   451  C C   . VAL A 1 81  ? 9.658   -2.342  6.260   1.00 28.00 ? 60  VAL A C   1 
ATOM   452  O O   . VAL A 1 81  ? 9.801   -1.115  6.002   1.00 27.27 ? 60  VAL A O   1 
ATOM   453  C CB  . VAL A 1 81  ? 8.162   -3.542  4.560   1.00 32.26 ? 60  VAL A CB  1 
ATOM   454  C CG1 . VAL A 1 81  ? 7.163   -3.800  5.668   1.00 30.85 ? 60  VAL A CG1 1 
ATOM   455  C CG2 . VAL A 1 81  ? 7.767   -2.325  3.760   1.00 36.26 ? 60  VAL A CG2 1 
ATOM   456  N N   . GLU A 1 82  ? 9.647   -2.822  7.503   1.00 25.37 ? 61  GLU A N   1 
ATOM   457  C CA  . GLU A 1 82  ? 9.737   -1.900  8.623   1.00 30.28 ? 61  GLU A CA  1 
ATOM   458  C C   . GLU A 1 82  ? 11.069  -1.185  8.681   1.00 35.30 ? 61  GLU A C   1 
ATOM   459  O O   . GLU A 1 82  ? 11.159  -0.129  9.291   1.00 35.50 ? 61  GLU A O   1 
ATOM   460  C CB  . GLU A 1 82  ? 9.384   -2.552  9.951   1.00 33.09 ? 61  GLU A CB  1 
ATOM   461  C CG  . GLU A 1 82  ? 10.474  -3.406  10.544  1.00 36.50 ? 61  GLU A CG  1 
ATOM   462  C CD  . GLU A 1 82  ? 9.990   -4.199  11.743  1.00 40.55 ? 61  GLU A CD  1 
ATOM   463  O OE1 . GLU A 1 82  ? 10.780  -5.033  12.209  1.00 40.27 ? 61  GLU A OE1 1 
ATOM   464  O OE2 . GLU A 1 82  ? 8.840   -3.989  12.211  1.00 37.94 ? 61  GLU A OE2 1 
ATOM   465  N N   . ASN A 1 83  ? 12.073  -1.751  8.004   1.00 34.36 ? 62  ASN A N   1 
ATOM   466  C CA  . ASN A 1 83  ? 13.394  -1.178  7.923   1.00 37.40 ? 62  ASN A CA  1 
ATOM   467  C C   . ASN A 1 83  ? 13.659  -0.341  6.692   1.00 40.13 ? 62  ASN A C   1 
ATOM   468  O O   . ASN A 1 83  ? 14.814  -0.054  6.395   1.00 40.91 ? 62  ASN A O   1 
ATOM   469  C CB  . ASN A 1 83  ? 14.409  -2.304  8.067   1.00 40.31 ? 62  ASN A CB  1 
ATOM   470  C CG  . ASN A 1 83  ? 14.657  -2.615  9.509   1.00 47.64 ? 62  ASN A CG  1 
ATOM   471  O OD1 . ASN A 1 83  ? 15.354  -1.848  10.171  1.00 49.64 ? 62  ASN A OD1 1 
ATOM   472  N ND2 . ASN A 1 83  ? 14.020  -3.670  10.038  1.00 52.85 ? 62  ASN A ND2 1 
ATOM   473  N N   . LEU A 1 84  ? 12.615  0.074   5.980   1.00 34.26 ? 63  LEU A N   1 
ATOM   474  C CA  . LEU A 1 84  ? 12.822  0.901   4.815   1.00 33.40 ? 63  LEU A CA  1 
ATOM   475  C C   . LEU A 1 84  ? 12.681  2.338   5.272   1.00 37.09 ? 63  LEU A C   1 
ATOM   476  O O   . LEU A 1 84  ? 11.882  2.657   6.178   1.00 32.03 ? 63  LEU A O   1 
ATOM   477  C CB  . LEU A 1 84  ? 11.845  0.544   3.692   1.00 37.02 ? 63  LEU A CB  1 
ATOM   478  C CG  . LEU A 1 84  ? 12.103  -0.819  3.049   1.00 34.74 ? 63  LEU A CG  1 
ATOM   479  C CD1 . LEU A 1 84  ? 11.002  -1.137  2.056   1.00 35.33 ? 63  LEU A CD1 1 
ATOM   480  C CD2 . LEU A 1 84  ? 13.458  -0.811  2.347   1.00 37.39 ? 63  LEU A CD2 1 
ATOM   481  N N   . LYS A 1 85  ? 13.500  3.211   4.691   1.00 37.10 ? 64  LYS A N   1 
ATOM   482  C CA  . LYS A 1 85  ? 13.514  4.607   5.113   1.00 39.81 ? 64  LYS A CA  1 
ATOM   483  C C   . LYS A 1 85  ? 12.178  5.234   4.799   1.00 36.95 ? 64  LYS A C   1 
ATOM   484  O O   . LYS A 1 85  ? 11.571  4.918   3.789   1.00 39.53 ? 64  LYS A O   1 
ATOM   485  C CB  . LYS A 1 85  ? 14.671  5.380   4.462   1.00 42.81 ? 64  LYS A CB  1 
ATOM   486  C CG  . LYS A 1 85  ? 16.022  4.984   5.092   1.00 45.73 ? 64  LYS A CG  1 
ATOM   487  C CD  . LYS A 1 85  ? 17.205  5.683   4.420   1.00 49.04 ? 64  LYS A CD  1 
ATOM   488  C CE  . LYS A 1 85  ? 18.516  5.053   4.881   1.00 46.43 ? 64  LYS A CE  1 
ATOM   489  N NZ  . LYS A 1 85  ? 19.687  5.857   4.479   1.00 43.86 ? 64  LYS A NZ  1 
ATOM   490  N N   . GLY A 1 86  ? 11.709  6.101   5.693   1.00 37.85 ? 65  GLY A N   1 
ATOM   491  C CA  . GLY A 1 86  ? 10.431  6.772   5.518   1.00 37.29 ? 65  GLY A CA  1 
ATOM   492  C C   . GLY A 1 86  ? 9.253   6.031   6.147   1.00 34.28 ? 65  GLY A C   1 
ATOM   493  O O   . GLY A 1 86  ? 8.215   6.615   6.289   1.00 32.72 ? 65  GLY A O   1 
ATOM   494  N N   . VAL A 1 87  ? 9.413   4.751   6.502   1.00 32.02 ? 66  VAL A N   1 
ATOM   495  C CA  . VAL A 1 87  ? 8.311   3.947   7.047   1.00 30.87 ? 66  VAL A CA  1 
ATOM   496  C C   . VAL A 1 87  ? 8.172   4.186   8.562   1.00 33.22 ? 66  VAL A C   1 
ATOM   497  O O   . VAL A 1 87  ? 9.087   3.860   9.360   1.00 30.19 ? 66  VAL A O   1 
ATOM   498  C CB  . VAL A 1 87  ? 8.489   2.447   6.745   1.00 28.01 ? 66  VAL A CB  1 
ATOM   499  C CG1 . VAL A 1 87  ? 7.455   1.607   7.492   1.00 28.58 ? 66  VAL A CG1 1 
ATOM   500  C CG2 . VAL A 1 87  ? 8.450   2.163   5.243   1.00 28.61 ? 66  VAL A CG2 1 
ATOM   501  N N   . ALA A 1 88  ? 7.021   4.706   8.966   1.00 28.51 ? 67  ALA A N   1 
ATOM   502  C CA  . ALA A 1 88  ? 6.753   5.011   10.381  1.00 31.45 ? 67  ALA A CA  1 
ATOM   503  C C   . ALA A 1 88  ? 6.032   3.886   11.104  1.00 34.38 ? 67  ALA A C   1 
ATOM   504  O O   . ALA A 1 88  ? 6.222   3.699   12.293  1.00 33.93 ? 67  ALA A O   1 
ATOM   505  C CB  . ALA A 1 88  ? 5.941   6.303   10.506  1.00 34.43 ? 67  ALA A CB  1 
ATOM   506  N N   . SER A 1 89  ? 5.198   3.127   10.387  1.00 30.07 ? 68  SER A N   1 
ATOM   507  C CA  . SER A 1 89  ? 4.423   2.101   11.002  1.00 30.87 ? 68  SER A CA  1 
ATOM   508  C C   . SER A 1 89  ? 4.066   1.050   9.953   1.00 27.52 ? 68  SER A C   1 
ATOM   509  O O   . SER A 1 89  ? 4.063   1.322   8.744   1.00 25.70 ? 68  SER A O   1 
ATOM   510  C CB  . SER A 1 89  ? 3.189   2.735   11.688  1.00 31.59 ? 68  SER A CB  1 
ATOM   511  O OG  . SER A 1 89  ? 2.162   1.803   11.839  1.00 40.10 ? 68  SER A OG  1 
ATOM   512  N N   . VAL A 1 90  ? 3.855   -0.171  10.420  1.00 27.50 ? 69  VAL A N   1 
ATOM   513  C CA  . VAL A 1 90  ? 3.418   -1.255  9.555   1.00 27.44 ? 69  VAL A CA  1 
ATOM   514  C C   . VAL A 1 90  ? 2.245   -1.941  10.241  1.00 31.57 ? 69  VAL A C   1 
ATOM   515  O O   . VAL A 1 90  ? 2.349   -2.317  11.405  1.00 31.69 ? 69  VAL A O   1 
ATOM   516  C CB  . VAL A 1 90  ? 4.512   -2.291  9.299   1.00 28.48 ? 69  VAL A CB  1 
ATOM   517  C CG1 . VAL A 1 90  ? 3.986   -3.438  8.421   1.00 28.74 ? 69  VAL A CG1 1 
ATOM   518  C CG2 . VAL A 1 90  ? 5.745   -1.627  8.698   1.00 28.67 ? 69  VAL A CG2 1 
ATOM   519  N N   . VAL A 1 91  ? 1.151   -2.068  9.512   1.00 29.87 ? 70  VAL A N   1 
ATOM   520  C CA  . VAL A 1 91  ? -0.076  -2.698  10.024  1.00 28.67 ? 70  VAL A CA  1 
ATOM   521  C C   . VAL A 1 91  ? -0.534  -3.761  9.058   1.00 27.80 ? 70  VAL A C   1 
ATOM   522  O O   . VAL A 1 91  ? -0.404  -3.582  7.850   1.00 26.28 ? 70  VAL A O   1 
ATOM   523  C CB  . VAL A 1 91  ? -1.206  -1.678  10.248  1.00 28.96 ? 70  VAL A CB  1 
ATOM   524  C CG1 . VAL A 1 91  ? -0.771  -0.655  11.274  1.00 31.72 ? 70  VAL A CG1 1 
ATOM   525  C CG2 . VAL A 1 91  ? -1.635  -0.999  8.954   1.00 31.37 ? 70  VAL A CG2 1 
ATOM   526  N N   . PRO A 1 92  ? -1.111  -4.867  9.574   1.00 27.24 ? 71  PRO A N   1 
ATOM   527  C CA  . PRO A 1 92  ? -1.609  -5.913  8.687   1.00 27.55 ? 71  PRO A CA  1 
ATOM   528  C C   . PRO A 1 92  ? -2.788  -5.439  7.874   1.00 25.79 ? 71  PRO A C   1 
ATOM   529  O O   . PRO A 1 92  ? -3.612  -4.689  8.399   1.00 26.53 ? 71  PRO A O   1 
ATOM   530  C CB  . PRO A 1 92  ? -1.998  -7.042  9.657   1.00 29.47 ? 71  PRO A CB  1 
ATOM   531  C CG  . PRO A 1 92  ? -2.246  -6.383  10.949  1.00 31.19 ? 71  PRO A CG  1 
ATOM   532  C CD  . PRO A 1 92  ? -1.384  -5.157  11.003  1.00 29.63 ? 71  PRO A CD  1 
ATOM   533  N N   . GLN A 1 93  ? -2.838  -5.784  6.598   1.00 25.82 ? 72  GLN A N   1 
ATOM   534  C CA  . GLN A 1 93  ? -4.046  -5.562  5.786   1.00 25.05 ? 72  GLN A CA  1 
ATOM   535  C C   . GLN A 1 93  ? -4.525  -6.954  5.372   1.00 25.31 ? 72  GLN A C   1 
ATOM   536  O O   . GLN A 1 93  ? -3.887  -7.643  4.579   1.00 24.89 ? 72  GLN A O   1 
ATOM   537  C CB  . GLN A 1 93  ? -3.829  -4.632  4.609   1.00 25.06 ? 72  GLN A CB  1 
ATOM   538  C CG  . GLN A 1 93  ? -5.098  -4.274  3.843   1.00 24.14 ? 72  GLN A CG  1 
ATOM   539  C CD  . GLN A 1 93  ? -4.846  -3.415  2.602   1.00 25.07 ? 72  GLN A CD  1 
ATOM   540  O OE1 . GLN A 1 93  ? -4.158  -2.415  2.672   1.00 25.06 ? 72  GLN A OE1 1 
ATOM   541  N NE2 . GLN A 1 93  ? -5.418  -3.799  1.474   1.00 26.09 ? 72  GLN A NE2 1 
ATOM   542  N N   . ARG A 1 94  ? -5.635  -7.372  5.995   1.00 28.02 ? 73  ARG A N   1 
ATOM   543  C CA  . ARG A 1 94  ? -6.096  -8.762  5.937   1.00 29.29 ? 73  ARG A CA  1 
ATOM   544  C C   . ARG A 1 94  ? -6.845  -9.104  4.656   1.00 28.80 ? 73  ARG A C   1 
ATOM   545  O O   . ARG A 1 94  ? -7.128  -10.281 4.387   1.00 27.36 ? 73  ARG A O   1 
ATOM   546  C CB  . ARG A 1 94  ? -6.944  -9.082  7.173   1.00 32.56 ? 73  ARG A CB  1 
ATOM   547  C CG  . ARG A 1 94  ? -6.166  -8.930  8.464   1.00 37.50 ? 73  ARG A CG  1 
ATOM   548  C CD  . ARG A 1 94  ? -6.936  -9.421  9.689   1.00 41.78 ? 73  ARG A CD  1 
ATOM   549  N NE  . ARG A 1 94  ? -6.121  -9.269  10.902  1.00 47.31 ? 73  ARG A NE  1 
ATOM   550  C CZ  . ARG A 1 94  ? -5.908  -8.118  11.556  1.00 52.00 ? 73  ARG A CZ  1 
ATOM   551  N NH1 . ARG A 1 94  ? -6.434  -6.959  11.133  1.00 55.46 ? 73  ARG A NH1 1 
ATOM   552  N NH2 . ARG A 1 94  ? -5.144  -8.117  12.645  1.00 51.37 ? 73  ARG A NH2 1 
ATOM   553  N N   . THR A 1 95  ? -7.191  -8.070  3.883   1.00 26.75 ? 74  THR A N   1 
ATOM   554  C CA  . THR A 1 95  ? -7.921  -8.219  2.642   1.00 25.95 ? 74  THR A CA  1 
ATOM   555  C C   . THR A 1 95  ? -7.314  -7.373  1.547   1.00 26.03 ? 74  THR A C   1 
ATOM   556  O O   . THR A 1 95  ? -6.685  -6.370  1.849   1.00 27.15 ? 74  THR A O   1 
ATOM   557  C CB  . THR A 1 95  ? -9.380  -7.826  2.841   1.00 25.29 ? 74  THR A CB  1 
ATOM   558  O OG1 . THR A 1 95  ? -9.477  -6.474  3.244   1.00 25.75 ? 74  THR A OG1 1 
ATOM   559  C CG2 . THR A 1 95  ? -10.023 -8.668  3.956   1.00 26.29 ? 74  THR A CG2 1 
ATOM   560  N N   . LEU A 1 96  ? -7.519  -7.756  0.289   1.00 25.21 ? 75  LEU A N   1 
ATOM   561  C CA  . LEU A 1 96  ? -7.191  -6.870  -0.819  1.00 27.25 ? 75  LEU A CA  1 
ATOM   562  C C   . LEU A 1 96  ? -7.878  -5.529  -0.652  1.00 28.12 ? 75  LEU A C   1 
ATOM   563  O O   . LEU A 1 96  ? -7.230  -4.454  -0.757  1.00 27.11 ? 75  LEU A O   1 
ATOM   564  C CB  . LEU A 1 96  ? -7.556  -7.487  -2.168  1.00 27.47 ? 75  LEU A CB  1 
ATOM   565  C CG  . LEU A 1 96  ? -7.384  -6.551  -3.374  1.00 30.06 ? 75  LEU A CG  1 
ATOM   566  C CD1 . LEU A 1 96  ? -5.981  -5.953  -3.465  1.00 29.70 ? 75  LEU A CD1 1 
ATOM   567  C CD2 . LEU A 1 96  ? -7.785  -7.236  -4.674  1.00 31.33 ? 75  LEU A CD2 1 
ATOM   568  N N   . ASP A 1 97  ? -9.187  -5.561  -0.367  1.00 26.12 ? 76  ASP A N   1 
ATOM   569  C CA  . ASP A 1 97  ? -9.909  -4.320  -0.161  1.00 25.70 ? 76  ASP A CA  1 
ATOM   570  C C   . ASP A 1 97  ? -9.319  -3.488  0.999   1.00 24.19 ? 76  ASP A C   1 
ATOM   571  O O   . ASP A 1 97  ? -9.001  -4.002  2.090   1.00 26.86 ? 76  ASP A O   1 
ATOM   572  C CB  . ASP A 1 97  ? -11.429 -4.520  0.077   1.00 25.59 ? 76  ASP A CB  1 
ATOM   573  C CG  . ASP A 1 97  ? -12.199 -3.222  -0.113  1.00 23.32 ? 76  ASP A CG  1 
ATOM   574  O OD1 . ASP A 1 97  ? -12.397 -2.798  -1.293  1.00 27.92 ? 76  ASP A OD1 1 
ATOM   575  O OD2 . ASP A 1 97  ? -12.536 -2.574  0.881   1.00 25.23 ? 76  ASP A OD2 1 
ATOM   576  N N   . TYR A 1 98  ? -9.159  -2.187  0.742   1.00 25.66 ? 77  TYR A N   1 
ATOM   577  C CA  . TYR A 1 98  ? -8.518  -1.268  1.682   1.00 25.37 ? 77  TYR A CA  1 
ATOM   578  C C   . TYR A 1 98  ? -9.452  -0.622  2.709   1.00 26.19 ? 77  TYR A C   1 
ATOM   579  O O   . TYR A 1 98  ? -8.968  -0.024  3.663   1.00 23.30 ? 77  TYR A O   1 
ATOM   580  C CB  . TYR A 1 98  ? -7.900  -0.085  0.909   1.00 25.52 ? 77  TYR A CB  1 
ATOM   581  C CG  . TYR A 1 98  ? -6.627  -0.337  0.178   1.00 23.61 ? 77  TYR A CG  1 
ATOM   582  C CD1 . TYR A 1 98  ? -6.483  -1.395  -0.694  1.00 25.37 ? 77  TYR A CD1 1 
ATOM   583  C CD2 . TYR A 1 98  ? -5.558  0.565   0.299   1.00 27.24 ? 77  TYR A CD2 1 
ATOM   584  C CE1 . TYR A 1 98  ? -5.286  -1.599  -1.409  1.00 26.64 ? 77  TYR A CE1 1 
ATOM   585  C CE2 . TYR A 1 98  ? -4.385  0.390   -0.417  1.00 26.43 ? 77  TYR A CE2 1 
ATOM   586  C CZ  . TYR A 1 98  ? -4.239  -0.672  -1.269  1.00 26.86 ? 77  TYR A CZ  1 
ATOM   587  O OH  . TYR A 1 98  ? -3.044  -0.796  -1.992  1.00 26.27 ? 77  TYR A OH  1 
ATOM   588  N N   . ALA A 1 99  ? -10.779 -0.717  2.525   1.00 27.17 ? 78  ALA A N   1 
ATOM   589  C CA  . ALA A 1 99  ? -11.716 0.130   3.320   1.00 26.47 ? 78  ALA A CA  1 
ATOM   590  C C   . ALA A 1 99  ? -11.561 0.005   4.796   1.00 27.70 ? 78  ALA A C   1 
ATOM   591  O O   . ALA A 1 99  ? -11.498 1.015   5.493   1.00 26.98 ? 78  ALA A O   1 
ATOM   592  C CB  . ALA A 1 99  ? -13.165 -0.112  2.949   1.00 27.92 ? 78  ALA A CB  1 
ATOM   593  N N   . GLU A 1 100 ? -11.517 -1.224  5.307   1.00 28.70 ? 79  GLU A N   1 
ATOM   594  C CA  . GLU A 1 100 ? -11.444 -1.395  6.754   1.00 29.79 ? 79  GLU A CA  1 
ATOM   595  C C   . GLU A 1 100 ? -10.206 -0.720  7.359   1.00 28.24 ? 79  GLU A C   1 
ATOM   596  O O   . GLU A 1 100 ? -10.280 -0.120  8.411   1.00 24.35 ? 79  GLU A O   1 
ATOM   597  C CB  . GLU A 1 100 ? -11.436 -2.881  7.171   1.00 33.70 ? 79  GLU A CB  1 
ATOM   598  C CG  . GLU A 1 100 ? -12.775 -3.607  6.939   1.00 41.24 ? 79  GLU A CG  1 
ATOM   599  C CD  . GLU A 1 100 ? -13.899 -3.084  7.842   1.00 44.62 ? 79  GLU A CD  1 
ATOM   600  O OE1 . GLU A 1 100 ? -14.791 -2.336  7.368   1.00 46.77 ? 79  GLU A OE1 1 
ATOM   601  O OE2 . GLU A 1 100 ? -13.856 -3.395  9.042   1.00 47.20 ? 79  GLU A OE2 1 
ATOM   602  N N   . ASN A 1 101 ? -9.050  -0.917  6.733   1.00 26.03 ? 80  ASN A N   1 
ATOM   603  C CA  . ASN A 1 101 ? -7.852  -0.271  7.213   1.00 27.06 ? 80  ASN A CA  1 
ATOM   604  C C   . ASN A 1 101 ? -7.956  1.239   7.023   1.00 24.90 ? 80  ASN A C   1 
ATOM   605  O O   . ASN A 1 101 ? -7.530  1.964   7.916   1.00 29.05 ? 80  ASN A O   1 
ATOM   606  C CB  . ASN A 1 101 ? -6.555  -0.849  6.558   1.00 25.39 ? 80  ASN A CB  1 
ATOM   607  C CG  . ASN A 1 101 ? -6.079  -2.139  7.247   1.00 28.89 ? 80  ASN A CG  1 
ATOM   608  O OD1 . ASN A 1 101 ? -6.856  -2.813  7.923   1.00 24.79 ? 80  ASN A OD1 1 
ATOM   609  N ND2 . ASN A 1 101 ? -4.801  -2.466  7.107   1.00 26.65 ? 80  ASN A ND2 1 
ATOM   610  N N   . LEU A 1 102 ? -8.481  1.715   5.887   1.00 26.80 ? 81  LEU A N   1 
ATOM   611  C CA  . LEU A 1 102 ? -8.544  3.159   5.667   1.00 26.94 ? 81  LEU A CA  1 
ATOM   612  C C   . LEU A 1 102 ? -9.403  3.821   6.757   1.00 29.76 ? 81  LEU A C   1 
ATOM   613  O O   . LEU A 1 102 ? -9.034  4.859   7.304   1.00 29.11 ? 81  LEU A O   1 
ATOM   614  C CB  . LEU A 1 102 ? -9.056  3.504   4.268   1.00 27.96 ? 81  LEU A CB  1 
ATOM   615  C CG  . LEU A 1 102 ? -8.215  3.053   3.089   1.00 28.57 ? 81  LEU A CG  1 
ATOM   616  C CD1 . LEU A 1 102 ? -8.859  3.496   1.779   1.00 31.05 ? 81  LEU A CD1 1 
ATOM   617  C CD2 . LEU A 1 102 ? -6.797  3.585   3.203   1.00 30.87 ? 81  LEU A CD2 1 
ATOM   618  N N   . ARG A 1 103 ? -10.502 3.160   7.137   1.00 31.58 ? 82  ARG A N   1 
ATOM   619  C CA  . ARG A 1 103 ? -11.401 3.725   8.171   1.00 31.23 ? 82  ARG A CA  1 
ATOM   620  C C   . ARG A 1 103 ? -10.758 3.772   9.551   1.00 30.77 ? 82  ARG A C   1 
ATOM   621  O O   . ARG A 1 103 ? -11.086 4.642   10.363  1.00 31.16 ? 82  ARG A O   1 
ATOM   622  C CB  . ARG A 1 103 ? -12.725 2.959   8.217   1.00 32.17 ? 82  ARG A CB  1 
ATOM   623  C CG  . ARG A 1 103 ? -13.566 3.119   6.975   1.00 33.89 ? 82  ARG A CG  1 
ATOM   624  C CD  . ARG A 1 103 ? -14.934 2.440   7.170   1.00 33.99 ? 82  ARG A CD  1 
ATOM   625  N NE  . ARG A 1 103 ? -15.613 2.353   5.889   1.00 34.19 ? 82  ARG A NE  1 
ATOM   626  C CZ  . ARG A 1 103 ? -16.184 3.370   5.261   1.00 36.59 ? 82  ARG A CZ  1 
ATOM   627  N NH1 . ARG A 1 103 ? -16.188 4.588   5.808   1.00 43.97 ? 82  ARG A NH1 1 
ATOM   628  N NH2 . ARG A 1 103 ? -16.757 3.180   4.080   1.00 38.29 ? 82  ARG A NH2 1 
ATOM   629  N N   . THR A 1 104 ? -9.833  2.851   9.826   1.00 31.74 ? 83  THR A N   1 
ATOM   630  C CA  . THR A 1 104 ? -9.112  2.829   11.073  1.00 32.63 ? 83  THR A CA  1 
ATOM   631  C C   . THR A 1 104 ? -8.002  3.866   11.070  1.00 34.28 ? 83  THR A C   1 
ATOM   632  O O   . THR A 1 104 ? -7.915  4.664   11.985  1.00 33.39 ? 83  THR A O   1 
ATOM   633  C CB  . THR A 1 104 ? -8.512  1.427   11.351  1.00 37.10 ? 83  THR A CB  1 
ATOM   634  O OG1 . THR A 1 104 ? -9.567  0.464   11.365  1.00 43.31 ? 83  THR A OG1 1 
ATOM   635  C CG2 . THR A 1 104 ? -7.777  1.393   12.689  1.00 39.30 ? 83  THR A CG2 1 
ATOM   636  N N   . VAL A 1 105 ? -7.167  3.875   10.037  1.00 31.39 ? 84  VAL A N   1 
ATOM   637  C CA  . VAL A 1 105 ? -5.991  4.781   10.075  1.00 34.20 ? 84  VAL A CA  1 
ATOM   638  C C   . VAL A 1 105 ? -6.334  6.199   9.602   1.00 34.43 ? 84  VAL A C   1 
ATOM   639  O O   . VAL A 1 105 ? -5.718  7.139   10.073  1.00 34.37 ? 84  VAL A O   1 
ATOM   640  C CB  . VAL A 1 105 ? -4.661  4.166   9.525   1.00 38.10 ? 84  VAL A CB  1 
ATOM   641  C CG1 . VAL A 1 105 ? -4.781  2.746   8.989   1.00 37.29 ? 84  VAL A CG1 1 
ATOM   642  C CG2 . VAL A 1 105 ? -3.810  5.102   8.622   1.00 34.25 ? 84  VAL A CG2 1 
ATOM   643  N N   . ARG A 1 106 ? -7.360  6.335   8.747   1.00 33.27 ? 85  ARG A N   1 
ATOM   644  C CA  . ARG A 1 106 ? -7.867  7.609   8.227   1.00 33.22 ? 85  ARG A CA  1 
ATOM   645  C C   . ARG A 1 106 ? -6.746  8.447   7.625   1.00 31.62 ? 85  ARG A C   1 
ATOM   646  O O   . ARG A 1 106 ? -6.598  9.617   7.954   1.00 30.43 ? 85  ARG A O   1 
ATOM   647  C CB  . ARG A 1 106 ? -8.594  8.371   9.309   1.00 36.36 ? 85  ARG A CB  1 
ATOM   648  C CG  . ARG A 1 106 ? -9.800  7.592   9.784   1.00 42.33 ? 85  ARG A CG  1 
ATOM   649  C CD  . ARG A 1 106 ? -10.606 8.298   10.841  1.00 48.15 ? 85  ARG A CD  1 
ATOM   650  N NE  . ARG A 1 106 ? -11.987 8.375   10.366  1.00 56.04 ? 85  ARG A NE  1 
ATOM   651  C CZ  . ARG A 1 106 ? -12.540 9.423   9.763   1.00 52.31 ? 85  ARG A CZ  1 
ATOM   652  N NH1 . ARG A 1 106 ? -11.862 10.555  9.553   1.00 62.88 ? 85  ARG A NH1 1 
ATOM   653  N NH2 . ARG A 1 106 ? -13.795 9.337   9.373   1.00 57.88 ? 85  ARG A NH2 1 
ATOM   654  N N   . PRO A 1 107 ? -5.946  7.838   6.751   1.00 29.05 ? 86  PRO A N   1 
ATOM   655  C CA  . PRO A 1 107 ? -4.859  8.608   6.145   1.00 28.28 ? 86  PRO A CA  1 
ATOM   656  C C   . PRO A 1 107 ? -5.282  9.798   5.306   1.00 30.05 ? 86  PRO A C   1 
ATOM   657  O O   . PRO A 1 107 ? -6.360  9.807   4.679   1.00 29.61 ? 86  PRO A O   1 
ATOM   658  C CB  . PRO A 1 107 ? -4.209  7.594   5.233   1.00 28.12 ? 86  PRO A CB  1 
ATOM   659  C CG  . PRO A 1 107 ? -5.349  6.745   4.792   1.00 27.64 ? 86  PRO A CG  1 
ATOM   660  C CD  . PRO A 1 107 ? -6.127  6.546   6.052   1.00 28.61 ? 86  PRO A CD  1 
ATOM   661  N N   . ASP A 1 108 ? -4.396  10.778  5.230   1.00 29.44 ? 87  ASP A N   1 
ATOM   662  C CA  . ASP A 1 108 ? -4.602  11.906  4.317   1.00 29.00 ? 87  ASP A CA  1 
ATOM   663  C C   . ASP A 1 108 ? -4.382  11.519  2.893   1.00 28.38 ? 87  ASP A C   1 
ATOM   664  O O   . ASP A 1 108 ? -4.993  12.079  1.990   1.00 28.76 ? 87  ASP A O   1 
ATOM   665  C CB  . ASP A 1 108 ? -3.638  13.030  4.703   1.00 31.01 ? 87  ASP A CB  1 
ATOM   666  C CG  . ASP A 1 108 ? -3.821  13.431  6.129   1.00 33.66 ? 87  ASP A CG  1 
ATOM   667  O OD1 . ASP A 1 108 ? -4.746  14.194  6.343   1.00 35.99 ? 87  ASP A OD1 1 
ATOM   668  O OD2 . ASP A 1 108 ? -3.097  12.935  7.031   1.00 35.02 ? 87  ASP A OD2 1 
ATOM   669  N N   . PHE A 1 109 ? -3.459  10.579  2.674   1.00 25.15 ? 88  PHE A N   1 
ATOM   670  C CA  . PHE A 1 109 ? -3.095  10.141  1.366   1.00 24.23 ? 88  PHE A CA  1 
ATOM   671  C C   . PHE A 1 109 ? -3.010  8.602   1.294   1.00 24.69 ? 88  PHE A C   1 
ATOM   672  O O   . PHE A 1 109 ? -2.648  7.953   2.246   1.00 24.35 ? 88  PHE A O   1 
ATOM   673  C CB  . PHE A 1 109 ? -1.727  10.730  0.985   1.00 26.55 ? 88  PHE A CB  1 
ATOM   674  C CG  . PHE A 1 109 ? -1.761  12.235  0.790   1.00 26.35 ? 88  PHE A CG  1 
ATOM   675  C CD1 . PHE A 1 109 ? -2.312  12.770  -0.352  1.00 27.99 ? 88  PHE A CD1 1 
ATOM   676  C CD2 . PHE A 1 109 ? -1.301  13.087  1.784   1.00 27.41 ? 88  PHE A CD2 1 
ATOM   677  C CE1 . PHE A 1 109 ? -2.395  14.146  -0.508  1.00 31.15 ? 88  PHE A CE1 1 
ATOM   678  C CE2 . PHE A 1 109 ? -1.327  14.459  1.610   1.00 27.55 ? 88  PHE A CE2 1 
ATOM   679  C CZ  . PHE A 1 109 ? -1.881  14.987  0.466   1.00 26.69 ? 88  PHE A CZ  1 
ATOM   680  N N   . VAL A 1 110 ? -3.329  8.065   0.135   1.00 25.69 ? 89  VAL A N   1 
ATOM   681  C CA  . VAL A 1 110 ? -2.920  6.739   -0.240  1.00 25.65 ? 89  VAL A CA  1 
ATOM   682  C C   . VAL A 1 110 ? -2.063  6.871   -1.489  1.00 25.83 ? 89  VAL A C   1 
ATOM   683  O O   . VAL A 1 110 ? -2.384  7.670   -2.363  1.00 27.14 ? 89  VAL A O   1 
ATOM   684  C CB  . VAL A 1 110 ? -4.155  5.845   -0.516  1.00 25.44 ? 89  VAL A CB  1 
ATOM   685  C CG1 . VAL A 1 110 ? -3.738  4.517   -1.101  1.00 25.60 ? 89  VAL A CG1 1 
ATOM   686  C CG2 . VAL A 1 110 ? -4.926  5.633   0.785   1.00 27.32 ? 89  VAL A CG2 1 
ATOM   687  N N   . VAL A 1 111 ? -0.987  6.076   -1.576  1.00 23.52 ? 90  VAL A N   1 
ATOM   688  C CA  . VAL A 1 111 ? -0.123  6.043   -2.744  1.00 23.31 ? 90  VAL A CA  1 
ATOM   689  C C   . VAL A 1 111 ? -0.076  4.653   -3.364  1.00 25.47 ? 90  VAL A C   1 
ATOM   690  O O   . VAL A 1 111 ? 0.047   3.643   -2.656  1.00 23.65 ? 90  VAL A O   1 
ATOM   691  C CB  . VAL A 1 111 ? 1.307   6.488   -2.372  1.00 24.26 ? 90  VAL A CB  1 
ATOM   692  C CG1 . VAL A 1 111 ? 2.211   6.414   -3.607  1.00 24.41 ? 90  VAL A CG1 1 
ATOM   693  C CG2 . VAL A 1 111 ? 1.247   7.891   -1.814  1.00 24.46 ? 90  VAL A CG2 1 
ATOM   694  N N   . HIS A 1 112 ? -0.201  4.588   -4.680  1.00 24.03 ? 91  HIS A N   1 
ATOM   695  C CA  . HIS A 1 112 ? -0.081  3.335   -5.382  1.00 24.59 ? 91  HIS A CA  1 
ATOM   696  C C   . HIS A 1 112 ? 0.428   3.578   -6.779  1.00 25.35 ? 91  HIS A C   1 
ATOM   697  O O   . HIS A 1 112 ? 0.200   4.664   -7.338  1.00 25.41 ? 91  HIS A O   1 
ATOM   698  C CB  . HIS A 1 112 ? -1.455  2.631   -5.440  1.00 25.31 ? 91  HIS A CB  1 
ATOM   699  C CG  . HIS A 1 112 ? -1.368  1.169   -5.747  1.00 24.58 ? 91  HIS A CG  1 
ATOM   700  N ND1 . HIS A 1 112 ? -1.215  0.675   -7.031  1.00 24.78 ? 91  HIS A ND1 1 
ATOM   701  C CD2 . HIS A 1 112 ? -1.424  0.091   -4.935  1.00 25.07 ? 91  HIS A CD2 1 
ATOM   702  C CE1 . HIS A 1 112 ? -1.146  -0.643  -6.989  1.00 25.54 ? 91  HIS A CE1 1 
ATOM   703  N NE2 . HIS A 1 112 ? -1.263  -1.022  -5.724  1.00 25.82 ? 91  HIS A NE2 1 
ATOM   704  N N   . GLY A 1 113 ? 1.067   2.577   -7.366  1.00 23.23 ? 92  GLY A N   1 
ATOM   705  C CA  . GLY A 1 113 ? 1.394   2.619   -8.778  1.00 26.60 ? 92  GLY A CA  1 
ATOM   706  C C   . GLY A 1 113 ? 0.125   2.572   -9.644  1.00 29.53 ? 92  GLY A C   1 
ATOM   707  O O   . GLY A 1 113 ? -0.932  2.123   -9.203  1.00 26.79 ? 92  GLY A O   1 
ATOM   708  N N   . ASP A 1 114 ? 0.236   3.041   -10.879 1.00 28.56 ? 93  ASP A N   1 
ATOM   709  C CA  . ASP A 1 114 ? -0.893  3.093   -11.803 1.00 29.83 ? 93  ASP A CA  1 
ATOM   710  C C   . ASP A 1 114 ? -1.258  1.769   -12.458 1.00 29.84 ? 93  ASP A C   1 
ATOM   711  O O   . ASP A 1 114 ? -2.203  1.736   -13.239 1.00 33.24 ? 93  ASP A O   1 
ATOM   712  C CB  . ASP A 1 114 ? -0.699  4.177   -12.882 1.00 33.16 ? 93  ASP A CB  1 
ATOM   713  C CG  . ASP A 1 114 ? 0.503   3.945   -13.760 1.00 32.83 ? 93  ASP A CG  1 
ATOM   714  O OD1 . ASP A 1 114 ? 1.265   2.974   -13.585 1.00 32.41 ? 93  ASP A OD1 1 
ATOM   715  O OD2 . ASP A 1 114 ? 0.721   4.775   -14.646 1.00 36.73 ? 93  ASP A OD2 1 
ATOM   716  N N   . ASP A 1 115 ? -0.533  0.693   -12.172 1.00 30.21 ? 94  ASP A N   1 
ATOM   717  C CA  . ASP A 1 115 ? -0.911  -0.647  -12.641 1.00 31.34 ? 94  ASP A CA  1 
ATOM   718  C C   . ASP A 1 115 ? -2.358  -1.019  -12.325 1.00 33.79 ? 94  ASP A C   1 
ATOM   719  O O   . ASP A 1 115 ? -3.013  -1.684  -13.132 1.00 33.32 ? 94  ASP A O   1 
ATOM   720  C CB  . ASP A 1 115 ? 0.013   -1.735  -12.102 1.00 33.47 ? 94  ASP A CB  1 
ATOM   721  C CG  . ASP A 1 115 ? 0.018   -1.807  -10.587 1.00 33.07 ? 94  ASP A CG  1 
ATOM   722  O OD1 . ASP A 1 115 ? 0.295   -0.777  -9.948  1.00 32.31 ? 94  ASP A OD1 1 
ATOM   723  O OD2 . ASP A 1 115 ? -0.259  -2.894  -10.060 1.00 33.62 ? 94  ASP A OD2 1 
ATOM   724  N N   . TRP A 1 116 ? -2.859  -0.574  -11.179 1.00 29.48 ? 95  TRP A N   1 
ATOM   725  C CA  . TRP A 1 116 ? -4.196  -0.985  -10.738 1.00 30.67 ? 95  TRP A CA  1 
ATOM   726  C C   . TRP A 1 116 ? -5.350  -0.207  -11.351 1.00 31.08 ? 95  TRP A C   1 
ATOM   727  O O   . TRP A 1 116 ? -6.494  -0.436  -11.008 1.00 32.87 ? 95  TRP A O   1 
ATOM   728  C CB  . TRP A 1 116 ? -4.259  -1.002  -9.217  1.00 30.79 ? 95  TRP A CB  1 
ATOM   729  C CG  . TRP A 1 116 ? -4.284  0.292   -8.490  1.00 28.39 ? 95  TRP A CG  1 
ATOM   730  C CD1 . TRP A 1 116 ? -3.991  1.544   -8.959  1.00 27.37 ? 95  TRP A CD1 1 
ATOM   731  C CD2 . TRP A 1 116 ? -4.578  0.440   -7.110  1.00 26.72 ? 95  TRP A CD2 1 
ATOM   732  N NE1 . TRP A 1 116 ? -4.160  2.462   -7.966  1.00 28.69 ? 95  TRP A NE1 1 
ATOM   733  C CE2 . TRP A 1 116 ? -4.499  1.811   -6.808  1.00 26.05 ? 95  TRP A CE2 1 
ATOM   734  C CE3 . TRP A 1 116 ? -4.917  -0.465  -6.092  1.00 25.67 ? 95  TRP A CE3 1 
ATOM   735  C CZ2 . TRP A 1 116 ? -4.727  2.315   -5.526  1.00 25.50 ? 95  TRP A CZ2 1 
ATOM   736  C CZ3 . TRP A 1 116 ? -5.146  0.023   -4.817  1.00 25.05 ? 95  TRP A CZ3 1 
ATOM   737  C CH2 . TRP A 1 116 ? -5.077  1.426   -4.548  1.00 26.30 ? 95  TRP A CH2 1 
ATOM   738  N N   . GLN A 1 117 ? -5.040  0.740   -12.238 1.00 32.75 ? 96  GLN A N   1 
ATOM   739  C CA  . GLN A 1 117 ? -6.042  1.341   -13.112 1.00 33.17 ? 96  GLN A CA  1 
ATOM   740  C C   . GLN A 1 117 ? -6.710  0.327   -14.051 1.00 34.02 ? 96  GLN A C   1 
ATOM   741  O O   . GLN A 1 117 ? -7.820  0.570   -14.485 1.00 36.19 ? 96  GLN A O   1 
ATOM   742  C CB  . GLN A 1 117 ? -5.421  2.494   -13.916 1.00 34.28 ? 96  GLN A CB  1 
ATOM   743  C CG  . GLN A 1 117 ? -5.123  3.708   -13.028 1.00 36.53 ? 96  GLN A CG  1 
ATOM   744  C CD  . GLN A 1 117 ? -4.337  4.783   -13.754 1.00 38.78 ? 96  GLN A CD  1 
ATOM   745  O OE1 . GLN A 1 117 ? -4.036  4.651   -14.936 1.00 36.74 ? 96  GLN A OE1 1 
ATOM   746  N NE2 . GLN A 1 117 ? -4.013  5.849   -13.052 1.00 42.24 ? 96  GLN A NE2 1 
ATOM   747  N N   . THR A 1 118 ? -6.037  -0.788  -14.343 1.00 34.58 ? 97  THR A N   1 
ATOM   748  C CA  . THR A 1 118 ? -6.536  -1.854  -15.181 1.00 40.36 ? 97  THR A CA  1 
ATOM   749  C C   . THR A 1 118 ? -6.367  -3.197  -14.482 1.00 40.56 ? 97  THR A C   1 
ATOM   750  O O   . THR A 1 118 ? -5.417  -3.388  -13.740 1.00 37.85 ? 97  THR A O   1 
ATOM   751  C CB  . THR A 1 118 ? -5.691  -1.885  -16.484 1.00 39.65 ? 97  THR A CB  1 
ATOM   752  O OG1 . THR A 1 118 ? -4.294  -1.965  -16.138 1.00 37.26 ? 97  THR A OG1 1 
ATOM   753  C CG2 . THR A 1 118 ? -5.937  -0.626  -17.282 1.00 41.34 ? 97  THR A CG2 1 
ATOM   754  N N   . GLY A 1 119 ? -7.271  -4.145  -14.722 1.00 38.34 ? 98  GLY A N   1 
ATOM   755  C CA  . GLY A 1 119 ? -7.027  -5.530  -14.311 1.00 39.21 ? 98  GLY A CA  1 
ATOM   756  C C   . GLY A 1 119 ? -7.582  -5.817  -12.926 1.00 37.93 ? 98  GLY A C   1 
ATOM   757  O O   . GLY A 1 119 ? -8.538  -5.177  -12.502 1.00 37.49 ? 98  GLY A O   1 
ATOM   758  N N   . VAL A 1 120 ? -6.981  -6.772  -12.229 1.00 41.17 ? 99  VAL A N   1 
ATOM   759  C CA  . VAL A 1 120 ? -7.662  -7.396  -11.062 1.00 39.91 ? 99  VAL A CA  1 
ATOM   760  C C   . VAL A 1 120 ? -7.899  -6.458  -9.873  1.00 37.79 ? 99  VAL A C   1 
ATOM   761  O O   . VAL A 1 120 ? -8.829  -6.677  -9.110  1.00 35.47 ? 99  VAL A O   1 
ATOM   762  C CB  . VAL A 1 120 ? -6.975  -8.695  -10.559 1.00 43.03 ? 99  VAL A CB  1 
ATOM   763  C CG1 . VAL A 1 120 ? -7.020  -9.776  -11.634 1.00 50.65 ? 99  VAL A CG1 1 
ATOM   764  C CG2 . VAL A 1 120 ? -5.541  -8.461  -10.106 1.00 40.64 ? 99  VAL A CG2 1 
ATOM   765  N N   . GLN A 1 121 ? -7.063  -5.431  -9.695  1.00 31.81 ? 100 GLN A N   1 
ATOM   766  C CA  . GLN A 1 121 ? -7.233  -4.512  -8.542  1.00 31.00 ? 100 GLN A CA  1 
ATOM   767  C C   . GLN A 1 121 ? -8.063  -3.270  -8.827  1.00 30.92 ? 100 GLN A C   1 
ATOM   768  O O   . GLN A 1 121 ? -8.163  -2.401  -7.961  1.00 29.28 ? 100 GLN A O   1 
ATOM   769  C CB  . GLN A 1 121 ? -5.870  -4.049  -8.005  1.00 30.25 ? 100 GLN A CB  1 
ATOM   770  C CG  . GLN A 1 121 ? -4.996  -5.137  -7.463  1.00 30.02 ? 100 GLN A CG  1 
ATOM   771  C CD  . GLN A 1 121 ? -3.855  -4.576  -6.654  1.00 29.48 ? 100 GLN A CD  1 
ATOM   772  O OE1 . GLN A 1 121 ? -4.067  -3.767  -5.759  1.00 30.54 ? 100 GLN A OE1 1 
ATOM   773  N NE2 . GLN A 1 121 ? -2.625  -5.041  -6.943  1.00 31.32 ? 100 GLN A NE2 1 
ATOM   774  N N   . ARG A 1 122 ? -8.654  -3.159  -10.017 1.00 30.33 ? 101 ARG A N   1 
ATOM   775  C CA  . ARG A 1 122 ? -9.334  -1.902  -10.391 1.00 33.76 ? 101 ARG A CA  1 
ATOM   776  C C   . ARG A 1 122 ? -10.537 -1.549  -9.531  1.00 31.01 ? 101 ARG A C   1 
ATOM   777  O O   . ARG A 1 122 ? -10.795 -0.375  -9.265  1.00 28.80 ? 101 ARG A O   1 
ATOM   778  C CB  . ARG A 1 122 ? -9.720  -1.897  -11.861 1.00 38.80 ? 101 ARG A CB  1 
ATOM   779  C CG  . ARG A 1 122 ? -10.846 -2.838  -12.274 1.00 47.31 ? 101 ARG A CG  1 
ATOM   780  C CD  . ARG A 1 122 ? -11.032 -2.771  -13.793 1.00 53.74 ? 101 ARG A CD  1 
ATOM   781  N NE  . ARG A 1 122 ? -12.061 -3.696  -14.286 1.00 57.52 ? 101 ARG A NE  1 
ATOM   782  C CZ  . ARG A 1 122 ? -11.894 -4.997  -14.539 1.00 60.49 ? 101 ARG A CZ  1 
ATOM   783  N NH1 . ARG A 1 122 ? -10.727 -5.603  -14.328 1.00 55.54 ? 101 ARG A NH1 1 
ATOM   784  N NH2 . ARG A 1 122 ? -12.928 -5.714  -15.001 1.00 62.28 ? 101 ARG A NH2 1 
ATOM   785  N N   . HIS A 1 123 ? -11.253 -2.568  -9.071  1.00 31.90 ? 102 HIS A N   1 
ATOM   786  C CA  . HIS A 1 123 ? -12.435 -2.341  -8.258  1.00 32.60 ? 102 HIS A CA  1 
ATOM   787  C C   . HIS A 1 123 ? -12.002 -1.894  -6.857  1.00 30.33 ? 102 HIS A C   1 
ATOM   788  O O   . HIS A 1 123 ? -12.634 -1.017  -6.240  1.00 28.64 ? 102 HIS A O   1 
ATOM   789  C CB  . HIS A 1 123 ? -13.269 -3.620  -8.211  1.00 36.77 ? 102 HIS A CB  1 
ATOM   790  C CG  . HIS A 1 123 ? -13.517 -4.195  -9.560  1.00 40.96 ? 102 HIS A CG  1 
ATOM   791  N ND1 . HIS A 1 123 ? -13.201 -5.499  -9.889  1.00 50.79 ? 102 HIS A ND1 1 
ATOM   792  C CD2 . HIS A 1 123 ? -13.979 -3.622  -10.692 1.00 42.78 ? 102 HIS A CD2 1 
ATOM   793  C CE1 . HIS A 1 123 ? -13.505 -5.715  -11.157 1.00 45.51 ? 102 HIS A CE1 1 
ATOM   794  N NE2 . HIS A 1 123 ? -13.954 -4.584  -11.671 1.00 48.43 ? 102 HIS A NE2 1 
ATOM   795  N N   . THR A 1 124 ? -10.909 -2.481  -6.366  1.00 28.68 ? 103 THR A N   1 
ATOM   796  C CA  . THR A 1 124 ? -10.333 -2.085  -5.065  1.00 29.93 ? 103 THR A CA  1 
ATOM   797  C C   . THR A 1 124 ? -9.866  -0.609  -5.137  1.00 28.86 ? 103 THR A C   1 
ATOM   798  O O   . THR A 1 124 ? -10.082 0.153   -4.201  1.00 26.48 ? 103 THR A O   1 
ATOM   799  C CB  . THR A 1 124 ? -9.181  -3.047  -4.652  1.00 31.26 ? 103 THR A CB  1 
ATOM   800  O OG1 . THR A 1 124 ? -9.743  -4.255  -4.117  1.00 31.79 ? 103 THR A OG1 1 
ATOM   801  C CG2 . THR A 1 124 ? -8.258  -2.466  -3.584  1.00 28.88 ? 103 THR A CG2 1 
ATOM   802  N N   . ARG A 1 125 ? -9.226  -0.253  -6.252  1.00 28.92 ? 104 ARG A N   1 
ATOM   803  C CA  . ARG A 1 125 ? -8.800  1.146   -6.495  1.00 28.11 ? 104 ARG A CA  1 
ATOM   804  C C   . ARG A 1 125 ? -9.977  2.108   -6.426  1.00 27.67 ? 104 ARG A C   1 
ATOM   805  O O   . ARG A 1 125 ? -9.941  3.085   -5.703  1.00 26.64 ? 104 ARG A O   1 
ATOM   806  C CB  . ARG A 1 125 ? -8.143  1.251   -7.872  1.00 29.00 ? 104 ARG A CB  1 
ATOM   807  C CG  . ARG A 1 125 ? -7.803  2.667   -8.280  1.00 31.07 ? 104 ARG A CG  1 
ATOM   808  C CD  . ARG A 1 125 ? -7.236  2.686   -9.686  1.00 32.11 ? 104 ARG A CD  1 
ATOM   809  N NE  . ARG A 1 125 ? -6.950  4.063   -10.058 1.00 31.31 ? 104 ARG A NE  1 
ATOM   810  C CZ  . ARG A 1 125 ? -7.858  4.919   -10.507 1.00 33.74 ? 104 ARG A CZ  1 
ATOM   811  N NH1 . ARG A 1 125 ? -9.127  4.554   -10.718 1.00 35.32 ? 104 ARG A NH1 1 
ATOM   812  N NH2 . ARG A 1 125 ? -7.487  6.165   -10.764 1.00 35.67 ? 104 ARG A NH2 1 
ATOM   813  N N   . GLU A 1 126 ? -11.056 1.784   -7.140  1.00 30.12 ? 105 GLU A N   1 
ATOM   814  C CA  . GLU A 1 126 ? -12.223 2.658   -7.136  1.00 32.98 ? 105 GLU A CA  1 
ATOM   815  C C   . GLU A 1 126 ? -12.765 2.856   -5.725  1.00 28.62 ? 105 GLU A C   1 
ATOM   816  O O   . GLU A 1 126 ? -13.124 3.969   -5.352  1.00 28.37 ? 105 GLU A O   1 
ATOM   817  C CB  . GLU A 1 126 ? -13.292 2.187   -8.147  1.00 39.40 ? 105 GLU A CB  1 
ATOM   818  C CG  . GLU A 1 126 ? -14.301 3.273   -8.526  1.00 47.21 ? 105 GLU A CG  1 
ATOM   819  C CD  . GLU A 1 126 ? -13.682 4.402   -9.377  1.00 54.57 ? 105 GLU A CD  1 
ATOM   820  O OE1 . GLU A 1 126 ? -13.872 5.594   -9.037  1.00 67.66 ? 105 GLU A OE1 1 
ATOM   821  O OE2 . GLU A 1 126 ? -12.986 4.110   -10.373 1.00 56.91 ? 105 GLU A OE2 1 
ATOM   822  N N   . ARG A 1 127 ? -12.817 1.789   -4.932  1.00 28.76 ? 106 ARG A N   1 
ATOM   823  C CA  . ARG A 1 127 ? -13.257 1.872   -3.543  1.00 28.11 ? 106 ARG A CA  1 
ATOM   824  C C   . ARG A 1 127 ? -12.331 2.664   -2.640  1.00 29.35 ? 106 ARG A C   1 
ATOM   825  O O   . ARG A 1 127 ? -12.795 3.308   -1.700  1.00 29.61 ? 106 ARG A O   1 
ATOM   826  C CB  . ARG A 1 127 ? -13.561 0.509   -2.960  1.00 30.25 ? 106 ARG A CB  1 
ATOM   827  C CG  . ARG A 1 127 ? -14.852 -0.047  -3.592  1.00 29.95 ? 106 ARG A CG  1 
ATOM   828  C CD  . ARG A 1 127 ? -15.186 -1.473  -3.170  1.00 28.20 ? 106 ARG A CD  1 
ATOM   829  N NE  . ARG A 1 127 ? -14.947 -1.669  -1.755  1.00 25.93 ? 106 ARG A NE  1 
ATOM   830  C CZ  . ARG A 1 127 ? -15.659 -1.160  -0.747  1.00 28.90 ? 106 ARG A CZ  1 
ATOM   831  N NH1 . ARG A 1 127 ? -16.787 -0.461  -0.927  1.00 30.67 ? 106 ARG A NH1 1 
ATOM   832  N NH2 . ARG A 1 127 ? -15.258 -1.386  0.479   1.00 28.15 ? 106 ARG A NH2 1 
ATOM   833  N N   . VAL A 1 128 ? -11.026 2.644   -2.925  1.00 28.43 ? 107 VAL A N   1 
ATOM   834  C CA  . VAL A 1 128 ? -10.094 3.520   -2.174  1.00 28.56 ? 107 VAL A CA  1 
ATOM   835  C C   . VAL A 1 128 ? -10.472 5.002   -2.366  1.00 28.69 ? 107 VAL A C   1 
ATOM   836  O O   . VAL A 1 128 ? -10.566 5.740   -1.415  1.00 27.06 ? 107 VAL A O   1 
ATOM   837  C CB  . VAL A 1 128 ? -8.640  3.290   -2.637  1.00 30.24 ? 107 VAL A CB  1 
ATOM   838  C CG1 . VAL A 1 128 ? -7.723  4.378   -2.097  1.00 30.38 ? 107 VAL A CG1 1 
ATOM   839  C CG2 . VAL A 1 128 ? -8.175  1.898   -2.185  1.00 30.30 ? 107 VAL A CG2 1 
ATOM   840  N N   . ILE A 1 129 ? -10.704 5.391   -3.612  1.00 28.25 ? 108 ILE A N   1 
ATOM   841  C CA  . ILE A 1 129 ? -11.062 6.774   -3.939  1.00 30.39 ? 108 ILE A CA  1 
ATOM   842  C C   . ILE A 1 129 ? -12.356 7.127   -3.204  1.00 34.96 ? 108 ILE A C   1 
ATOM   843  O O   . ILE A 1 129 ? -12.411 8.141   -2.505  1.00 31.27 ? 108 ILE A O   1 
ATOM   844  C CB  . ILE A 1 129 ? -11.199 6.957   -5.468  1.00 29.45 ? 108 ILE A CB  1 
ATOM   845  C CG1 . ILE A 1 129 ? -9.812  6.781   -6.093  1.00 29.75 ? 108 ILE A CG1 1 
ATOM   846  C CG2 . ILE A 1 129 ? -11.712 8.357   -5.833  1.00 31.48 ? 108 ILE A CG2 1 
ATOM   847  C CD1 . ILE A 1 129 ? -9.777  6.513   -7.568  1.00 29.91 ? 108 ILE A CD1 1 
ATOM   848  N N   . GLU A 1 130 ? -13.383 6.279   -3.336  1.00 36.50 ? 109 GLU A N   1 
ATOM   849  C CA  . GLU A 1 130 ? -14.677 6.618   -2.713  1.00 36.89 ? 109 GLU A CA  1 
ATOM   850  C C   . GLU A 1 130 ? -14.621 6.633   -1.207  1.00 34.41 ? 109 GLU A C   1 
ATOM   851  O O   . GLU A 1 130 ? -15.155 7.538   -0.584  1.00 32.82 ? 109 GLU A O   1 
ATOM   852  C CB  . GLU A 1 130 ? -15.866 5.805   -3.253  1.00 42.36 ? 109 GLU A CB  1 
ATOM   853  C CG  . GLU A 1 130 ? -15.773 4.316   -3.088  1.00 52.28 ? 109 GLU A CG  1 
ATOM   854  C CD  . GLU A 1 130 ? -16.883 3.551   -3.822  1.00 57.55 ? 109 GLU A CD  1 
ATOM   855  O OE1 . GLU A 1 130 ? -17.068 3.743   -5.053  1.00 57.05 ? 109 GLU A OE1 1 
ATOM   856  O OE2 . GLU A 1 130 ? -17.558 2.742   -3.146  1.00 48.62 ? 109 GLU A OE2 1 
ATOM   857  N N   . VAL A 1 131 ? -13.898 5.702   -0.591  1.00 30.21 ? 110 VAL A N   1 
ATOM   858  C CA  . VAL A 1 131 ? -13.817 5.689   0.877   1.00 28.67 ? 110 VAL A CA  1 
ATOM   859  C C   . VAL A 1 131 ? -13.018 6.868   1.424   1.00 28.60 ? 110 VAL A C   1 
ATOM   860  O O   . VAL A 1 131 ? -13.411 7.492   2.417   1.00 29.35 ? 110 VAL A O   1 
ATOM   861  C CB  . VAL A 1 131 ? -13.305 4.328   1.416   1.00 27.45 ? 110 VAL A CB  1 
ATOM   862  C CG1 . VAL A 1 131 ? -13.174 4.339   2.916   1.00 31.09 ? 110 VAL A CG1 1 
ATOM   863  C CG2 . VAL A 1 131 ? -14.279 3.221   1.013   1.00 30.11 ? 110 VAL A CG2 1 
ATOM   864  N N   . LEU A 1 132 ? -11.892 7.177   0.783   1.00 29.17 ? 111 LEU A N   1 
ATOM   865  C CA  . LEU A 1 132 ? -11.071 8.291   1.205   1.00 29.15 ? 111 LEU A CA  1 
ATOM   866  C C   . LEU A 1 132 ? -11.857 9.635   1.207   1.00 32.36 ? 111 LEU A C   1 
ATOM   867  O O   . LEU A 1 132 ? -11.685 10.445  2.139   1.00 29.66 ? 111 LEU A O   1 
ATOM   868  C CB  . LEU A 1 132 ? -9.890  8.421   0.251   1.00 30.53 ? 111 LEU A CB  1 
ATOM   869  C CG  . LEU A 1 132 ? -8.716  7.473   0.469   1.00 26.71 ? 111 LEU A CG  1 
ATOM   870  C CD1 . LEU A 1 132 ? -7.700  7.694   -0.643  1.00 29.05 ? 111 LEU A CD1 1 
ATOM   871  C CD2 . LEU A 1 132 ? -8.104  7.699   1.824   1.00 27.29 ? 111 LEU A CD2 1 
ATOM   872  N N   . SER A 1 133 ? -12.719 9.814   0.194   1.00 33.61 ? 112 SER A N   1 
ATOM   873  C CA  . SER A 1 133 ? -13.626 10.998  0.083   1.00 34.55 ? 112 SER A CA  1 
ATOM   874  C C   . SER A 1 133 ? -14.434 11.263  1.355   1.00 38.66 ? 112 SER A C   1 
ATOM   875  O O   . SER A 1 133 ? -14.767 12.424  1.673   1.00 39.74 ? 112 SER A O   1 
ATOM   876  C CB  . SER A 1 133 ? -14.539 10.916  -1.153  1.00 36.92 ? 112 SER A CB  1 
ATOM   877  O OG  . SER A 1 133 ? -15.668 10.051  -0.975  1.00 36.27 ? 112 SER A OG  1 
ATOM   878  N N   . GLU A 1 134 ? -14.682 10.225  2.146   1.00 38.31 ? 113 GLU A N   1 
ATOM   879  C CA  . GLU A 1 134 ? -15.434 10.402  3.385   1.00 38.25 ? 113 GLU A CA  1 
ATOM   880  C C   . GLU A 1 134 ? -14.775 11.383  4.368   1.00 38.42 ? 113 GLU A C   1 
ATOM   881  O O   . GLU A 1 134 ? -15.471 12.050  5.115   1.00 35.41 ? 113 GLU A O   1 
ATOM   882  C CB  . GLU A 1 134 ? -15.758 9.041   4.016   1.00 39.24 ? 113 GLU A CB  1 
ATOM   883  C CG  . GLU A 1 134 ? -16.660 8.201   3.096   1.00 40.26 ? 113 GLU A CG  1 
ATOM   884  C CD  . GLU A 1 134 ? -17.026 6.862   3.668   1.00 43.96 ? 113 GLU A CD  1 
ATOM   885  O OE1 . GLU A 1 134 ? -17.228 5.899   2.886   1.00 44.90 ? 113 GLU A OE1 1 
ATOM   886  O OE2 . GLU A 1 134 ? -17.089 6.759   4.909   1.00 46.79 ? 113 GLU A OE2 1 
ATOM   887  N N   . TRP A 1 135 ? -13.437 11.496  4.354   1.00 35.81 ? 114 TRP A N   1 
ATOM   888  C CA  . TRP A 1 135 ? -12.730 12.461  5.218   1.00 34.07 ? 114 TRP A CA  1 
ATOM   889  C C   . TRP A 1 135 ? -11.777 13.376  4.435   1.00 32.80 ? 114 TRP A C   1 
ATOM   890  O O   . TRP A 1 135 ? -10.893 13.967  5.001   1.00 38.72 ? 114 TRP A O   1 
ATOM   891  C CB  . TRP A 1 135 ? -11.972 11.734  6.338   1.00 37.04 ? 114 TRP A CB  1 
ATOM   892  C CG  . TRP A 1 135 ? -11.018 10.654  5.864   1.00 35.31 ? 114 TRP A CG  1 
ATOM   893  C CD1 . TRP A 1 135 ? -9.702  10.791  5.472   1.00 38.91 ? 114 TRP A CD1 1 
ATOM   894  C CD2 . TRP A 1 135 ? -11.325 9.274   5.754   1.00 34.50 ? 114 TRP A CD2 1 
ATOM   895  N NE1 . TRP A 1 135 ? -9.176  9.559   5.130   1.00 35.61 ? 114 TRP A NE1 1 
ATOM   896  C CE2 . TRP A 1 135 ? -10.157 8.614   5.287   1.00 35.50 ? 114 TRP A CE2 1 
ATOM   897  C CE3 . TRP A 1 135 ? -12.477 8.520   5.999   1.00 34.25 ? 114 TRP A CE3 1 
ATOM   898  C CZ2 . TRP A 1 135 ? -10.124 7.247   5.059   1.00 33.33 ? 114 TRP A CZ2 1 
ATOM   899  C CZ3 . TRP A 1 135 ? -12.437 7.142   5.795   1.00 34.15 ? 114 TRP A CZ3 1 
ATOM   900  C CH2 . TRP A 1 135 ? -11.259 6.521   5.325   1.00 34.80 ? 114 TRP A CH2 1 
ATOM   901  N N   . GLY A 1 136 ? -11.978 13.450  3.139   1.00 31.64 ? 115 GLY A N   1 
ATOM   902  C CA  . GLY A 1 136 ? -11.196 14.251  2.232   1.00 36.45 ? 115 GLY A CA  1 
ATOM   903  C C   . GLY A 1 136 ? -9.784  13.764  2.004   1.00 35.19 ? 115 GLY A C   1 
ATOM   904  O O   . GLY A 1 136 ? -8.897  14.587  1.747   1.00 32.05 ? 115 GLY A O   1 
ATOM   905  N N   . GLY A 1 137 ? -9.559  12.440  2.081   1.00 34.58 ? 116 GLY A N   1 
ATOM   906  C CA  . GLY A 1 137 ? -8.219  11.873  1.757   1.00 30.06 ? 116 GLY A CA  1 
ATOM   907  C C   . GLY A 1 137 ? -8.068  11.783  0.261   1.00 29.75 ? 116 GLY A C   1 
ATOM   908  O O   . GLY A 1 137 ? -9.063  11.776  -0.465  1.00 28.18 ? 116 GLY A O   1 
ATOM   909  N N   . LYS A 1 138 ? -6.834  11.677  -0.233  1.00 26.31 ? 117 LYS A N   1 
ATOM   910  C CA  . LYS A 1 138 ? -6.598  11.615  -1.666  1.00 30.92 ? 117 LYS A CA  1 
ATOM   911  C C   . LYS A 1 138 ? -5.699  10.473  -2.039  1.00 29.47 ? 117 LYS A C   1 
ATOM   912  O O   . LYS A 1 138 ? -4.738  10.176  -1.332  1.00 30.06 ? 117 LYS A O   1 
ATOM   913  C CB  . LYS A 1 138 ? -5.946  12.902  -2.158  1.00 35.62 ? 117 LYS A CB  1 
ATOM   914  C CG  . LYS A 1 138 ? -6.954  14.036  -2.406  1.00 41.33 ? 117 LYS A CG  1 
ATOM   915  C CD  . LYS A 1 138 ? -6.950  14.973  -1.241  1.00 46.89 ? 117 LYS A CD  1 
ATOM   916  C CE  . LYS A 1 138 ? -8.001  16.076  -1.392  1.00 49.24 ? 117 LYS A CE  1 
ATOM   917  N NZ  . LYS A 1 138 ? -7.942  16.903  -0.145  1.00 47.97 ? 117 LYS A NZ  1 
ATOM   918  N N   . LEU A 1 139 ? -6.026  9.870   -3.164  1.00 27.10 ? 118 LEU A N   1 
ATOM   919  C CA  . LEU A 1 139 ? -5.171  8.889   -3.823  1.00 27.36 ? 118 LEU A CA  1 
ATOM   920  C C   . LEU A 1 139 ? -4.150  9.620   -4.678  1.00 30.42 ? 118 LEU A C   1 
ATOM   921  O O   . LEU A 1 139 ? -4.525  10.438  -5.511  1.00 28.99 ? 118 LEU A O   1 
ATOM   922  C CB  . LEU A 1 139 ? -5.982  7.973   -4.703  1.00 26.86 ? 118 LEU A CB  1 
ATOM   923  C CG  . LEU A 1 139 ? -5.242  7.006   -5.617  1.00 27.01 ? 118 LEU A CG  1 
ATOM   924  C CD1 . LEU A 1 139 ? -4.371  6.097   -4.765  1.00 28.57 ? 118 LEU A CD1 1 
ATOM   925  C CD2 . LEU A 1 139 ? -6.163  6.166   -6.464  1.00 28.77 ? 118 LEU A CD2 1 
ATOM   926  N N   . VAL A 1 140 ? -2.873  9.320   -4.485  1.00 26.61 ? 119 VAL A N   1 
ATOM   927  C CA  . VAL A 1 140 ? -1.824  9.771   -5.403  1.00 28.10 ? 119 VAL A CA  1 
ATOM   928  C C   . VAL A 1 140 ? -1.186  8.585   -6.121  1.00 27.60 ? 119 VAL A C   1 
ATOM   929  O O   . VAL A 1 140 ? -0.672  7.664   -5.489  1.00 26.50 ? 119 VAL A O   1 
ATOM   930  C CB  . VAL A 1 140 ? -0.778  10.591  -4.651  1.00 27.70 ? 119 VAL A CB  1 
ATOM   931  C CG1 . VAL A 1 140 ? 0.387   10.932  -5.570  1.00 28.41 ? 119 VAL A CG1 1 
ATOM   932  C CG2 . VAL A 1 140 ? -1.419  11.827  -4.061  1.00 29.66 ? 119 VAL A CG2 1 
ATOM   933  N N   . GLU A 1 141 ? -1.238  8.591   -7.448  1.00 26.95 ? 120 GLU A N   1 
ATOM   934  C CA  . GLU A 1 141 ? -0.761  7.486   -8.263  1.00 30.43 ? 120 GLU A CA  1 
ATOM   935  C C   . GLU A 1 141 ? 0.528   7.854   -8.985  1.00 32.87 ? 120 GLU A C   1 
ATOM   936  O O   . GLU A 1 141 ? 0.711   8.983   -9.403  1.00 32.75 ? 120 GLU A O   1 
ATOM   937  C CB  . GLU A 1 141 ? -1.815  7.045   -9.290  1.00 31.09 ? 120 GLU A CB  1 
ATOM   938  C CG  . GLU A 1 141 ? -2.989  6.383   -8.614  1.00 34.91 ? 120 GLU A CG  1 
ATOM   939  C CD  . GLU A 1 141 ? -4.038  5.872   -9.568  1.00 36.25 ? 120 GLU A CD  1 
ATOM   940  O OE1 . GLU A 1 141 ? -4.625  6.664   -10.338 1.00 33.51 ? 120 GLU A OE1 1 
ATOM   941  O OE2 . GLU A 1 141 ? -4.306  4.660   -9.531  1.00 32.93 ? 120 GLU A OE2 1 
ATOM   942  N N   . ILE A 1 142 ? 1.386   6.859   -9.131  1.00 32.93 ? 121 ILE A N   1 
ATOM   943  C CA  . ILE A 1 142 ? 2.752   7.007   -9.603  1.00 35.24 ? 121 ILE A CA  1 
ATOM   944  C C   . ILE A 1 142 ? 2.879   6.087   -10.776 1.00 32.30 ? 121 ILE A C   1 
ATOM   945  O O   . ILE A 1 142 ? 2.404   4.957   -10.682 1.00 32.54 ? 121 ILE A O   1 
ATOM   946  C CB  . ILE A 1 142 ? 3.741   6.461   -8.527  1.00 37.74 ? 121 ILE A CB  1 
ATOM   947  C CG1 . ILE A 1 142 ? 3.416   7.053   -7.136  1.00 40.61 ? 121 ILE A CG1 1 
ATOM   948  C CG2 . ILE A 1 142 ? 5.191   6.705   -8.928  1.00 40.58 ? 121 ILE A CG2 1 
ATOM   949  C CD1 . ILE A 1 142 ? 3.448   8.565   -7.074  1.00 39.64 ? 121 ILE A CD1 1 
ATOM   950  N N   . PRO A 1 143 ? 3.595   6.499   -11.844 1.00 34.25 ? 122 PRO A N   1 
ATOM   951  C CA  . PRO A 1 143 ? 3.905   5.535   -12.902 1.00 32.89 ? 122 PRO A CA  1 
ATOM   952  C C   . PRO A 1 143 ? 4.593   4.270   -12.376 1.00 32.59 ? 122 PRO A C   1 
ATOM   953  O O   . PRO A 1 143 ? 5.599   4.340   -11.670 1.00 30.26 ? 122 PRO A O   1 
ATOM   954  C CB  . PRO A 1 143 ? 4.864   6.321   -13.832 1.00 34.24 ? 122 PRO A CB  1 
ATOM   955  C CG  . PRO A 1 143 ? 4.498   7.746   -13.607 1.00 35.20 ? 122 PRO A CG  1 
ATOM   956  C CD  . PRO A 1 143 ? 4.129   7.849   -12.158 1.00 36.28 ? 122 PRO A CD  1 
ATOM   957  N N   . TYR A 1 144 ? 4.035   3.114   -12.709 1.00 33.33 ? 123 TYR A N   1 
ATOM   958  C CA  . TYR A 1 144 ? 4.622   1.822   -12.358 1.00 33.06 ? 123 TYR A CA  1 
ATOM   959  C C   . TYR A 1 144 ? 6.015   1.740   -12.963 1.00 34.38 ? 123 TYR A C   1 
ATOM   960  O O   . TYR A 1 144 ? 6.262   2.270   -14.069 1.00 33.28 ? 123 TYR A O   1 
ATOM   961  C CB  . TYR A 1 144 ? 3.746   0.730   -12.937 1.00 33.60 ? 123 TYR A CB  1 
ATOM   962  C CG  . TYR A 1 144 ? 3.998   -0.675  -12.489 1.00 34.32 ? 123 TYR A CG  1 
ATOM   963  C CD1 . TYR A 1 144 ? 3.425   -1.162  -11.313 1.00 35.09 ? 123 TYR A CD1 1 
ATOM   964  C CD2 . TYR A 1 144 ? 4.730   -1.551  -13.274 1.00 35.77 ? 123 TYR A CD2 1 
ATOM   965  C CE1 . TYR A 1 144 ? 3.603   -2.475  -10.925 1.00 36.85 ? 123 TYR A CE1 1 
ATOM   966  C CE2 . TYR A 1 144 ? 4.910   -2.868  -12.889 1.00 37.71 ? 123 TYR A CE2 1 
ATOM   967  C CZ  . TYR A 1 144 ? 4.335   -3.314  -11.720 1.00 37.30 ? 123 TYR A CZ  1 
ATOM   968  O OH  . TYR A 1 144 ? 4.515   -4.599  -11.324 1.00 40.70 ? 123 TYR A OH  1 
ATOM   969  N N   . THR A 1 145 ? 6.939   1.115   -12.249 1.00 34.91 ? 124 THR A N   1 
ATOM   970  C CA  . THR A 1 145 ? 8.307   1.042   -12.717 1.00 36.74 ? 124 THR A CA  1 
ATOM   971  C C   . THR A 1 145 ? 8.394   -0.155  -13.661 1.00 39.31 ? 124 THR A C   1 
ATOM   972  O O   . THR A 1 145 ? 8.245   -1.293  -13.235 1.00 38.23 ? 124 THR A O   1 
ATOM   973  C CB  . THR A 1 145 ? 9.323   0.984   -11.562 1.00 32.53 ? 124 THR A CB  1 
ATOM   974  O OG1 . THR A 1 145 ? 9.164   2.149   -10.772 1.00 31.62 ? 124 THR A OG1 1 
ATOM   975  C CG2 . THR A 1 145 ? 10.768  0.956   -12.103 1.00 36.81 ? 124 THR A CG2 1 
ATOM   976  N N   . PRO A 1 146 ? 8.600   0.104   -14.968 1.00 48.26 ? 125 PRO A N   1 
ATOM   977  C CA  . PRO A 1 146 ? 8.615   -1.010  -15.904 1.00 50.94 ? 125 PRO A CA  1 
ATOM   978  C C   . PRO A 1 146 ? 9.946   -1.773  -15.863 1.00 56.99 ? 125 PRO A C   1 
ATOM   979  O O   . PRO A 1 146 ? 10.970  -1.224  -15.420 1.00 52.38 ? 125 PRO A O   1 
ATOM   980  C CB  . PRO A 1 146 ? 8.414   -0.325  -17.264 1.00 54.50 ? 125 PRO A CB  1 
ATOM   981  C CG  . PRO A 1 146 ? 8.978   1.045   -17.098 1.00 54.64 ? 125 PRO A CG  1 
ATOM   982  C CD  . PRO A 1 146 ? 8.991   1.373   -15.622 1.00 52.94 ? 125 PRO A CD  1 
ATOM   983  N N   . GLY A 1 147 ? 9.897   -3.030  -16.307 1.00 59.58 ? 126 GLY A N   1 
ATOM   984  C CA  . GLY A 1 147 ? 11.080  -3.866  -16.508 1.00 63.98 ? 126 GLY A CA  1 
ATOM   985  C C   . GLY A 1 147 ? 11.566  -4.631  -15.288 1.00 63.36 ? 126 GLY A C   1 
ATOM   986  O O   . GLY A 1 147 ? 12.710  -5.075  -15.276 1.00 62.07 ? 126 GLY A O   1 
ATOM   987  N N   . ILE A 1 148 ? 10.707  -4.804  -14.279 1.00 66.64 ? 127 ILE A N   1 
ATOM   988  C CA  . ILE A 1 148 ? 11.115  -5.360  -12.980 1.00 67.83 ? 127 ILE A CA  1 
ATOM   989  C C   . ILE A 1 148 ? 9.891   -5.859  -12.179 1.00 70.68 ? 127 ILE A C   1 
ATOM   990  O O   . ILE A 1 148 ? 8.926   -5.118  -11.923 1.00 63.61 ? 127 ILE A O   1 
ATOM   991  C CB  . ILE A 1 148 ? 11.993  -4.323  -12.188 1.00 69.38 ? 127 ILE A CB  1 
ATOM   992  C CG1 . ILE A 1 148 ? 12.941  -5.005  -11.186 1.00 70.48 ? 127 ILE A CG1 1 
ATOM   993  C CG2 . ILE A 1 148 ? 11.169  -3.215  -11.522 1.00 69.91 ? 127 ILE A CG2 1 
ATOM   994  C CD1 . ILE A 1 148 ? 12.300  -5.953  -10.195 1.00 72.88 ? 127 ILE A CD1 1 
HETATM 995  O O1  . 7XL B 2 .   ? 5.340   1.010   -8.925  1.00 25.70 ? 201 7XL A O1  1 
HETATM 996  C C1  . 7XL B 2 .   ? 5.631   -0.196  -8.907  1.00 30.39 ? 201 7XL A C1  1 
HETATM 997  N N1  . 7XL B 2 .   ? 6.464   -0.675  -9.850  1.00 30.88 ? 201 7XL A N1  1 
HETATM 998  C C2  . 7XL B 2 .   ? 6.794   -1.983  -9.918  1.00 35.06 ? 201 7XL A C2  1 
HETATM 999  N N2  . 7XL B 2 .   ? 7.627   -2.392  -10.881 1.00 35.60 ? 201 7XL A N2  1 
HETATM 1000 C C3  . 7XL B 2 .   ? 6.276   -2.907  -8.985  1.00 33.40 ? 201 7XL A C3  1 
HETATM 1001 C C4  . 7XL B 2 .   ? 5.430   -2.429  -7.986  1.00 30.85 ? 201 7XL A C4  1 
HETATM 1002 N N3  . 7XL B 2 .   ? 5.098   -1.048  -7.974  1.00 28.99 ? 201 7XL A N3  1 
HETATM 1003 C C5  . 7XL B 2 .   ? 4.192   -0.487  -6.949  1.00 26.03 ? 201 7XL A C5  1 
HETATM 1004 O O2  . 7XL B 2 .   ? 4.670   -0.907  -5.682  1.00 26.35 ? 201 7XL A O2  1 
HETATM 1005 C C6  . 7XL B 2 .   ? 2.810   -1.023  -7.002  1.00 25.46 ? 201 7XL A C6  1 
HETATM 1006 O O3  . 7XL B 2 .   ? 2.034   -0.285  -7.968  1.00 26.90 ? 201 7XL A O3  1 
HETATM 1007 C C7  . 7XL B 2 .   ? 2.321   -0.773  -5.584  1.00 25.01 ? 201 7XL A C7  1 
HETATM 1008 O O4  . 7XL B 2 .   ? 1.800   0.555   -5.415  1.00 25.26 ? 201 7XL A O4  1 
HETATM 1009 C C8  . 7XL B 2 .   ? 3.592   -0.904  -4.725  1.00 26.11 ? 201 7XL A C8  1 
HETATM 1010 C C9  . 7XL B 2 .   ? 3.669   -2.224  -3.973  1.00 26.39 ? 201 7XL A C9  1 
HETATM 1011 O O5  . 7XL B 2 .   ? 3.455   -3.261  -4.916  1.00 28.80 ? 201 7XL A O5  1 
HETATM 1012 P P1  . 7XL B 2 .   ? 2.918   -4.741  -4.375  1.00 30.49 ? 201 7XL A P1  1 
HETATM 1013 O O6  . 7XL B 2 .   ? 3.875   -5.071  -3.179  1.00 29.00 ? 201 7XL A O6  1 
HETATM 1014 O O7  . 7XL B 2 .   ? 2.851   -5.610  -5.542  1.00 30.14 ? 201 7XL A O7  1 
HETATM 1015 O O8  . 7XL B 2 .   ? 1.501   -4.352  -3.721  1.00 29.26 ? 201 7XL A O8  1 
HETATM 1016 P P2  . 7XL B 2 .   ? -0.018  -4.543  -4.300  1.00 29.58 ? 201 7XL A P2  1 
HETATM 1017 O O9  . 7XL B 2 .   ? -0.222  -6.092  -4.694  1.00 32.47 ? 201 7XL A O9  1 
HETATM 1018 O O10 . 7XL B 2 .   ? -0.360  -3.643  -5.430  1.00 29.56 ? 201 7XL A O10 1 
HETATM 1019 C C10 . 7XL B 2 .   ? -0.880  -4.115  -2.752  1.00 26.17 ? 201 7XL A C10 1 
HETATM 1020 C C11 . 7XL B 2 .   ? -2.368  -4.048  -2.889  1.00 26.86 ? 201 7XL A C11 1 
HETATM 1021 O O11 . 7XL B 2 .   ? -2.734  -2.868  -3.644  1.00 25.72 ? 201 7XL A O11 1 
HETATM 1022 O O   . HOH C 3 .   ? -3.173  -3.417  -14.636 1.00 28.95 ? 301 HOH A O   1 
HETATM 1023 O O   . HOH C 3 .   ? -7.335  15.646  3.169   1.00 35.93 ? 302 HOH A O   1 
HETATM 1024 O O   . HOH C 3 .   ? 3.147   -13.994 3.750   1.00 44.25 ? 303 HOH A O   1 
HETATM 1025 O O   . HOH C 3 .   ? 2.573   4.785   -16.305 1.00 37.34 ? 304 HOH A O   1 
HETATM 1026 O O   . HOH C 3 .   ? 0.455   -7.071  -7.228  1.00 50.27 ? 305 HOH A O   1 
HETATM 1027 O O   . HOH C 3 .   ? 4.805   3.001   -16.042 1.00 41.72 ? 306 HOH A O   1 
HETATM 1028 O O   . HOH C 3 .   ? -11.078 10.312  -2.946  1.00 38.69 ? 307 HOH A O   1 
HETATM 1029 O O   . HOH C 3 .   ? 9.843   -7.345  12.896  1.00 44.08 ? 308 HOH A O   1 
HETATM 1030 O O   . HOH C 3 .   ? 8.607   12.225  4.919   1.00 36.85 ? 309 HOH A O   1 
HETATM 1031 O O   . HOH C 3 .   ? 2.530   -5.330  -8.118  1.00 44.43 ? 310 HOH A O   1 
HETATM 1032 O O   . HOH C 3 .   ? 2.126   6.956   9.219   1.00 28.87 ? 311 HOH A O   1 
HETATM 1033 O O   . HOH C 3 .   ? 8.736   -9.436  11.806  1.00 34.49 ? 312 HOH A O   1 
HETATM 1034 O O   . HOH C 3 .   ? -10.604 -0.864  -1.544  1.00 26.20 ? 313 HOH A O   1 
HETATM 1035 O O   . HOH C 3 .   ? 0.856   -3.738  -7.808  1.00 33.77 ? 314 HOH A O   1 
HETATM 1036 O O   . HOH C 3 .   ? 1.153   0.852   -2.860  1.00 26.84 ? 315 HOH A O   1 
HETATM 1037 O O   . HOH C 3 .   ? 15.655  -6.955  -2.463  1.00 39.30 ? 316 HOH A O   1 
HETATM 1038 O O   . HOH C 3 .   ? 6.907   3.105   -9.614  1.00 30.30 ? 317 HOH A O   1 
HETATM 1039 O O   . HOH C 3 .   ? 9.034   15.482  -6.207  1.00 30.67 ? 318 HOH A O   1 
HETATM 1040 O O   . HOH C 3 .   ? -11.850 -4.985  9.944   1.00 51.18 ? 319 HOH A O   1 
HETATM 1041 O O   . HOH C 3 .   ? -12.362 -0.456  10.133  1.00 44.36 ? 320 HOH A O   1 
HETATM 1042 O O   . HOH C 3 .   ? -2.892  0.359   -15.806 1.00 47.27 ? 321 HOH A O   1 
HETATM 1043 O O   . HOH C 3 .   ? 1.551   16.401  2.605   1.00 28.33 ? 322 HOH A O   1 
HETATM 1044 O O   . HOH C 3 .   ? -1.614  1.777   -1.525  1.00 25.31 ? 323 HOH A O   1 
HETATM 1045 O O   . HOH C 3 .   ? -2.283  -4.675  -10.646 1.00 34.86 ? 324 HOH A O   1 
HETATM 1046 O O   . HOH C 3 .   ? 1.034   1.104   -15.607 1.00 45.22 ? 325 HOH A O   1 
HETATM 1047 O O   . HOH C 3 .   ? -12.425 -3.313  3.545   1.00 28.16 ? 326 HOH A O   1 
HETATM 1048 O O   . HOH C 3 .   ? -1.722  13.649  11.118  1.00 52.38 ? 327 HOH A O   1 
HETATM 1049 O O   . HOH C 3 .   ? 8.469   -16.444 9.691   1.00 45.77 ? 328 HOH A O   1 
HETATM 1050 O O   . HOH C 3 .   ? -4.929  -4.388  -11.130 1.00 36.51 ? 329 HOH A O   1 
HETATM 1051 O O   . HOH C 3 .   ? -10.492 1.984   -10.708 1.00 40.20 ? 330 HOH A O   1 
HETATM 1052 O O   . HOH C 3 .   ? -5.471  14.833  2.072   1.00 28.69 ? 331 HOH A O   1 
HETATM 1053 O O   . HOH C 3 .   ? -8.982  -10.446 0.128   1.00 26.82 ? 332 HOH A O   1 
HETATM 1054 O O   . HOH C 3 .   ? -12.944 -4.490  -3.461  1.00 41.95 ? 333 HOH A O   1 
HETATM 1055 O O   . HOH C 3 .   ? -6.948  -5.616  8.037   1.00 38.08 ? 334 HOH A O   1 
HETATM 1056 O O   . HOH C 3 .   ? 2.436   -15.333 6.914   1.00 41.94 ? 335 HOH A O   1 
HETATM 1057 O O   . HOH C 3 .   ? 12.970  6.737   8.123   1.00 40.44 ? 336 HOH A O   1 
HETATM 1058 O O   . HOH C 3 .   ? -18.613 0.137   -3.259  1.00 32.59 ? 337 HOH A O   1 
HETATM 1059 O O   . HOH C 3 .   ? 14.033  3.181   -6.921  1.00 41.39 ? 338 HOH A O   1 
HETATM 1060 O O   . HOH C 3 .   ? -15.272 -0.628  -7.212  1.00 42.19 ? 339 HOH A O   1 
HETATM 1061 O O   . HOH C 3 .   ? -8.429  -3.194  4.776   1.00 24.35 ? 340 HOH A O   1 
HETATM 1062 O O   . HOH C 3 .   ? 14.269  -5.222  -17.680 1.00 61.52 ? 341 HOH A O   1 
HETATM 1063 O O   . HOH C 3 .   ? 1.856   -6.375  12.217  1.00 42.13 ? 342 HOH A O   1 
HETATM 1064 O O   . HOH C 3 .   ? 10.946  6.643   1.536   1.00 34.43 ? 343 HOH A O   1 
HETATM 1065 O O   . HOH C 3 .   ? 13.947  9.204   -1.403  1.00 42.38 ? 344 HOH A O   1 
HETATM 1066 O O   . HOH C 3 .   ? 4.178   11.973  -4.190  1.00 40.41 ? 345 HOH A O   1 
HETATM 1067 O O   . HOH C 3 .   ? -8.940  -5.602  6.043   1.00 35.84 ? 346 HOH A O   1 
HETATM 1068 O O   . HOH C 3 .   ? -0.998  4.883   11.371  1.00 45.26 ? 347 HOH A O   1 
HETATM 1069 O O   . HOH C 3 .   ? -5.590  -12.625 7.163   1.00 20.99 ? 348 HOH A O   1 
HETATM 1070 O O   . HOH C 3 .   ? 1.422   -5.140  -11.179 1.00 46.70 ? 349 HOH A O   1 
HETATM 1071 O O   . HOH C 3 .   ? -3.372  -14.766 6.187   1.00 31.98 ? 350 HOH A O   1 
HETATM 1072 O O   . HOH C 3 .   ? -2.489  10.943  -8.908  1.00 33.48 ? 351 HOH A O   1 
HETATM 1073 O O   . HOH C 3 .   ? 4.883   -0.673  13.248  1.00 39.57 ? 352 HOH A O   1 
HETATM 1074 O O   . HOH C 3 .   ? 6.219   -6.347  -7.566  1.00 40.09 ? 353 HOH A O   1 
HETATM 1075 O O   . HOH C 3 .   ? -11.410 1.378   0.276   1.00 32.74 ? 354 HOH A O   1 
HETATM 1076 O O   . HOH C 3 .   ? -8.629  10.704  -4.612  1.00 27.75 ? 355 HOH A O   1 
HETATM 1077 O O   . HOH C 3 .   ? -7.795  13.939  4.900   1.00 36.69 ? 356 HOH A O   1 
HETATM 1078 O O   . HOH C 3 .   ? -17.009 0.436   2.611   1.00 25.93 ? 357 HOH A O   1 
HETATM 1079 O O   . HOH C 3 .   ? 7.536   8.836   -10.043 1.00 30.79 ? 358 HOH A O   1 
HETATM 1080 O O   . HOH C 3 .   ? -4.372  -7.766  -13.658 1.00 34.26 ? 359 HOH A O   1 
HETATM 1081 O O   . HOH C 3 .   ? 0.141   -19.375 -5.373  1.00 46.10 ? 360 HOH A O   1 
HETATM 1082 O O   . HOH C 3 .   ? 4.211   -14.828 9.808   1.00 36.35 ? 361 HOH A O   1 
HETATM 1083 O O   . HOH C 3 .   ? -2.183  8.416   -13.549 1.00 45.24 ? 362 HOH A O   1 
HETATM 1084 O O   . HOH C 3 .   ? -9.344  -3.163  -16.960 1.00 37.78 ? 363 HOH A O   1 
HETATM 1085 O O   . HOH C 3 .   ? -2.142  -7.416  -9.096  1.00 24.42 ? 364 HOH A O   1 
HETATM 1086 O O   . HOH C 3 .   ? -0.244  -13.846 6.890   1.00 29.21 ? 365 HOH A O   1 
HETATM 1087 O O   . HOH C 3 .   ? -9.144  -8.557  -14.321 1.00 54.37 ? 366 HOH A O   1 
HETATM 1088 O O   . HOH C 3 .   ? 13.782  -15.408 8.693   1.00 28.22 ? 367 HOH A O   1 
HETATM 1089 O O   . HOH C 3 .   ? 0.465   7.803   -12.963 1.00 45.94 ? 368 HOH A O   1 
HETATM 1090 O O   . HOH C 3 .   ? -2.407  -5.181  -13.426 1.00 43.00 ? 369 HOH A O   1 
HETATM 1091 O O   . HOH C 3 .   ? -8.862  17.431  4.311   1.00 50.48 ? 370 HOH A O   1 
HETATM 1092 O O   . HOH C 3 .   ? 11.678  -12.779 10.117  1.00 40.05 ? 371 HOH A O   1 
HETATM 1093 O O   . HOH C 3 .   ? -9.618  -6.292  8.789   1.00 30.04 ? 372 HOH A O   1 
HETATM 1094 O O   . HOH C 3 .   ? -0.543  -10.492 10.504  1.00 52.17 ? 373 HOH A O   1 
# 
